data_4F8D
# 
_entry.id   4F8D 
# 
_audit_conform.dict_name       mmcif_pdbx.dic 
_audit_conform.dict_version    5.387 
_audit_conform.dict_location   http://mmcif.pdb.org/dictionaries/ascii/mmcif_pdbx.dic 
# 
loop_
_database_2.database_id 
_database_2.database_code 
_database_2.pdbx_database_accession 
_database_2.pdbx_DOI 
PDB   4F8D         pdb_00004f8d 10.2210/pdb4f8d/pdb 
RCSB  RCSB072583   ?            ?                   
WWPDB D_1000072583 ?            ?                   
# 
loop_
_pdbx_audit_revision_history.ordinal 
_pdbx_audit_revision_history.data_content_type 
_pdbx_audit_revision_history.major_revision 
_pdbx_audit_revision_history.minor_revision 
_pdbx_audit_revision_history.revision_date 
1 'Structure model' 1 0 2013-04-10 
2 'Structure model' 1 1 2014-06-18 
3 'Structure model' 1 2 2024-02-28 
# 
_pdbx_audit_revision_details.ordinal             1 
_pdbx_audit_revision_details.revision_ordinal    1 
_pdbx_audit_revision_details.data_content_type   'Structure model' 
_pdbx_audit_revision_details.provider            repository 
_pdbx_audit_revision_details.type                'Initial release' 
_pdbx_audit_revision_details.description         ? 
_pdbx_audit_revision_details.details             ? 
# 
loop_
_pdbx_audit_revision_group.ordinal 
_pdbx_audit_revision_group.revision_ordinal 
_pdbx_audit_revision_group.data_content_type 
_pdbx_audit_revision_group.group 
1 2 'Structure model' 'Database references'  
2 3 'Structure model' 'Data collection'      
3 3 'Structure model' 'Database references'  
4 3 'Structure model' 'Derived calculations' 
# 
loop_
_pdbx_audit_revision_category.ordinal 
_pdbx_audit_revision_category.revision_ordinal 
_pdbx_audit_revision_category.data_content_type 
_pdbx_audit_revision_category.category 
1 3 'Structure model' chem_comp_atom         
2 3 'Structure model' chem_comp_bond         
3 3 'Structure model' database_2             
4 3 'Structure model' pdbx_struct_conn_angle 
5 3 'Structure model' struct_conn            
6 3 'Structure model' struct_ref_seq_dif     
7 3 'Structure model' struct_site            
# 
loop_
_pdbx_audit_revision_item.ordinal 
_pdbx_audit_revision_item.revision_ordinal 
_pdbx_audit_revision_item.data_content_type 
_pdbx_audit_revision_item.item 
1  3 'Structure model' '_database_2.pdbx_DOI'                        
2  3 'Structure model' '_database_2.pdbx_database_accession'         
3  3 'Structure model' '_pdbx_struct_conn_angle.ptnr1_auth_asym_id'  
4  3 'Structure model' '_pdbx_struct_conn_angle.ptnr1_auth_comp_id'  
5  3 'Structure model' '_pdbx_struct_conn_angle.ptnr1_auth_seq_id'   
6  3 'Structure model' '_pdbx_struct_conn_angle.ptnr1_label_alt_id'  
7  3 'Structure model' '_pdbx_struct_conn_angle.ptnr1_label_asym_id' 
8  3 'Structure model' '_pdbx_struct_conn_angle.ptnr1_label_atom_id' 
9  3 'Structure model' '_pdbx_struct_conn_angle.ptnr1_label_comp_id' 
10 3 'Structure model' '_pdbx_struct_conn_angle.ptnr1_label_seq_id'  
11 3 'Structure model' '_pdbx_struct_conn_angle.ptnr2_auth_asym_id'  
12 3 'Structure model' '_pdbx_struct_conn_angle.ptnr2_auth_seq_id'   
13 3 'Structure model' '_pdbx_struct_conn_angle.ptnr2_label_asym_id' 
14 3 'Structure model' '_pdbx_struct_conn_angle.ptnr3_auth_asym_id'  
15 3 'Structure model' '_pdbx_struct_conn_angle.ptnr3_auth_comp_id'  
16 3 'Structure model' '_pdbx_struct_conn_angle.ptnr3_auth_seq_id'   
17 3 'Structure model' '_pdbx_struct_conn_angle.ptnr3_label_alt_id'  
18 3 'Structure model' '_pdbx_struct_conn_angle.ptnr3_label_asym_id' 
19 3 'Structure model' '_pdbx_struct_conn_angle.ptnr3_label_atom_id' 
20 3 'Structure model' '_pdbx_struct_conn_angle.ptnr3_label_comp_id' 
21 3 'Structure model' '_pdbx_struct_conn_angle.ptnr3_label_seq_id'  
22 3 'Structure model' '_pdbx_struct_conn_angle.value'               
23 3 'Structure model' '_struct_conn.pdbx_dist_value'                
24 3 'Structure model' '_struct_conn.pdbx_ptnr1_label_alt_id'        
25 3 'Structure model' '_struct_conn.pdbx_ptnr2_label_alt_id'        
26 3 'Structure model' '_struct_conn.ptnr1_auth_asym_id'             
27 3 'Structure model' '_struct_conn.ptnr1_auth_comp_id'             
28 3 'Structure model' '_struct_conn.ptnr1_auth_seq_id'              
29 3 'Structure model' '_struct_conn.ptnr1_label_asym_id'            
30 3 'Structure model' '_struct_conn.ptnr1_label_atom_id'            
31 3 'Structure model' '_struct_conn.ptnr1_label_comp_id'            
32 3 'Structure model' '_struct_conn.ptnr1_label_seq_id'             
33 3 'Structure model' '_struct_conn.ptnr2_auth_asym_id'             
34 3 'Structure model' '_struct_conn.ptnr2_auth_comp_id'             
35 3 'Structure model' '_struct_conn.ptnr2_auth_seq_id'              
36 3 'Structure model' '_struct_conn.ptnr2_label_asym_id'            
37 3 'Structure model' '_struct_conn.ptnr2_label_atom_id'            
38 3 'Structure model' '_struct_conn.ptnr2_label_comp_id'            
39 3 'Structure model' '_struct_conn.ptnr2_label_seq_id'             
40 3 'Structure model' '_struct_ref_seq_dif.details'                 
41 3 'Structure model' '_struct_site.pdbx_auth_asym_id'              
42 3 'Structure model' '_struct_site.pdbx_auth_comp_id'              
43 3 'Structure model' '_struct_site.pdbx_auth_seq_id'               
# 
_pdbx_database_status.entry_id                        4F8D 
_pdbx_database_status.status_code                     REL 
_pdbx_database_status.deposit_site                    RCSB 
_pdbx_database_status.process_site                    RCSB 
_pdbx_database_status.recvd_initial_deposition_date   2012-05-17 
_pdbx_database_status.status_code_sf                  REL 
_pdbx_database_status.status_code_mr                  ? 
_pdbx_database_status.SG_entry                        ? 
_pdbx_database_status.status_code_cs                  ? 
_pdbx_database_status.methods_development_category    ? 
_pdbx_database_status.pdb_format_compatible           Y 
_pdbx_database_status.status_code_nmr_data            ? 
# 
loop_
_pdbx_database_related.db_name 
_pdbx_database_related.db_id 
_pdbx_database_related.details 
_pdbx_database_related.content_type 
PDB 3CLC 'C.Esp1396I DNA bound tetramer' unspecified 
PDB 3S8Q 'C.Esp1396I DNA bound dimer'    unspecified 
PDB 3FYA 'R35A mutant of C.Esp1396I'     unspecified 
PDB 3G5G 'Native C.Esp1396I'             unspecified 
# 
loop_
_audit_author.name 
_audit_author.pdbx_ordinal 
'Martin, R.N.A.' 1 
'McGeehan, J.E.' 2 
'Kneale, G.G.'   3 
# 
loop_
_citation.id 
_citation.title 
_citation.journal_abbrev 
_citation.journal_volume 
_citation.page_first 
_citation.page_last 
_citation.year 
_citation.journal_id_ASTM 
_citation.country 
_citation.journal_id_ISSN 
_citation.journal_id_CSD 
_citation.book_publisher 
_citation.pdbx_database_id_PubMed 
_citation.pdbx_database_id_DOI 
primary 'Structural and Mutagenic Analysis of the RM Controller Protein C.Esp1396I.' 'Plos One'                 9  e98365 e98365 
2014 ?      US 1932-6203 ?    ? 24887147 10.1371/journal.pone.0098365 
1       'Structural analysis of the genetic switch that regulates the expression of restriction-modification genes.' 
'Nucleic Acids Res.'       36 4778   4787   2008 NARHAD UK 0305-1048 0389 ? 18644840 10.1093/nar/gkn448           
2       'Structure of the restriction-modification controller protein C.Esp1396I.' 'Acta Crystallogr.,Sect.D' 65 900    905    
2009 ABCRE6 DK 0907-4449 0766 ? 19690367 10.1107/S0907444909020514    
3       
'Recognition of dual symmetry by the controller protein C.Esp1396I based on the structure of the transcriptional activation complex.' 
'Nucleic Acids Res.'       40 4158   4167   2012 NARHAD UK 0305-1048 0389 ? 22210861 10.1093/nar/gkr1250          
# 
loop_
_citation_author.citation_id 
_citation_author.name 
_citation_author.ordinal 
_citation_author.identifier_ORCID 
primary 'Martin, R.N.'   1  ? 
primary 'McGeehan, J.E.' 2  ? 
primary 'Kneale, G.'     3  ? 
1       'McGeehan, J.E.' 4  ? 
1       'Streeter, S.D.' 5  ? 
1       'Thresh, S.J.'   6  ? 
1       'Ball, N.'       7  ? 
1       'Ravelli, R.B.'  8  ? 
1       'Kneale, G.G.'   9  ? 
2       'Ball, N.'       10 ? 
2       'Streeter, S.D.' 11 ? 
2       'Kneale, G.G.'   12 ? 
2       'McGeehan, J.E.' 13 ? 
3       'McGeehan, J.E.' 14 ? 
3       'Ball, N.J.'     15 ? 
3       'Streeter, S.D.' 16 ? 
3       'Thresh, S.J.'   17 ? 
3       'Kneale, G.G.'   18 ? 
# 
loop_
_entity.id 
_entity.type 
_entity.src_method 
_entity.pdbx_description 
_entity.formula_weight 
_entity.pdbx_number_of_molecules 
_entity.pdbx_ec 
_entity.pdbx_mutation 
_entity.pdbx_fragment 
_entity.details 
1 polymer     man 'Regulatory protein' 9435.059 2   ? R46A ? ? 
2 non-polymer syn 'SULFATE ION'        96.063   4   ? ?    ? ? 
3 non-polymer syn 'SODIUM ION'         22.990   2   ? ?    ? ? 
4 water       nat water                18.015   125 ? ?    ? ? 
# 
_entity_poly.entity_id                      1 
_entity_poly.type                           'polypeptide(L)' 
_entity_poly.nstd_linkage                   no 
_entity_poly.nstd_monomer                   no 
_entity_poly.pdbx_seq_one_letter_code       
;GSHMESFLLSKVSFVIKKIRLEKGMTQEDLAYKSNLDRTYISGIERNSANLTIKSLELIMKGLEVSDVVFFEMLIKEILK
HD
;
_entity_poly.pdbx_seq_one_letter_code_can   
;GSHMESFLLSKVSFVIKKIRLEKGMTQEDLAYKSNLDRTYISGIERNSANLTIKSLELIMKGLEVSDVVFFEMLIKEILK
HD
;
_entity_poly.pdbx_strand_id                 A,B 
_entity_poly.pdbx_target_identifier         ? 
# 
loop_
_pdbx_entity_nonpoly.entity_id 
_pdbx_entity_nonpoly.name 
_pdbx_entity_nonpoly.comp_id 
2 'SULFATE ION' SO4 
3 'SODIUM ION'  NA  
4 water         HOH 
# 
loop_
_entity_poly_seq.entity_id 
_entity_poly_seq.num 
_entity_poly_seq.mon_id 
_entity_poly_seq.hetero 
1 1  GLY n 
1 2  SER n 
1 3  HIS n 
1 4  MET n 
1 5  GLU n 
1 6  SER n 
1 7  PHE n 
1 8  LEU n 
1 9  LEU n 
1 10 SER n 
1 11 LYS n 
1 12 VAL n 
1 13 SER n 
1 14 PHE n 
1 15 VAL n 
1 16 ILE n 
1 17 LYS n 
1 18 LYS n 
1 19 ILE n 
1 20 ARG n 
1 21 LEU n 
1 22 GLU n 
1 23 LYS n 
1 24 GLY n 
1 25 MET n 
1 26 THR n 
1 27 GLN n 
1 28 GLU n 
1 29 ASP n 
1 30 LEU n 
1 31 ALA n 
1 32 TYR n 
1 33 LYS n 
1 34 SER n 
1 35 ASN n 
1 36 LEU n 
1 37 ASP n 
1 38 ARG n 
1 39 THR n 
1 40 TYR n 
1 41 ILE n 
1 42 SER n 
1 43 GLY n 
1 44 ILE n 
1 45 GLU n 
1 46 ARG n 
1 47 ASN n 
1 48 SER n 
1 49 ALA n 
1 50 ASN n 
1 51 LEU n 
1 52 THR n 
1 53 ILE n 
1 54 LYS n 
1 55 SER n 
1 56 LEU n 
1 57 GLU n 
1 58 LEU n 
1 59 ILE n 
1 60 MET n 
1 61 LYS n 
1 62 GLY n 
1 63 LEU n 
1 64 GLU n 
1 65 VAL n 
1 66 SER n 
1 67 ASP n 
1 68 VAL n 
1 69 VAL n 
1 70 PHE n 
1 71 PHE n 
1 72 GLU n 
1 73 MET n 
1 74 LEU n 
1 75 ILE n 
1 76 LYS n 
1 77 GLU n 
1 78 ILE n 
1 79 LEU n 
1 80 LYS n 
1 81 HIS n 
1 82 ASP n 
# 
_entity_src_gen.entity_id                          1 
_entity_src_gen.pdbx_src_id                        1 
_entity_src_gen.pdbx_alt_source_flag               sample 
_entity_src_gen.pdbx_seq_type                      ? 
_entity_src_gen.pdbx_beg_seq_num                   ? 
_entity_src_gen.pdbx_end_seq_num                   ? 
_entity_src_gen.gene_src_common_name               ? 
_entity_src_gen.gene_src_genus                     ? 
_entity_src_gen.pdbx_gene_src_gene                 esp1396IC 
_entity_src_gen.gene_src_species                   ? 
_entity_src_gen.gene_src_strain                    RFL1396 
_entity_src_gen.gene_src_tissue                    ? 
_entity_src_gen.gene_src_tissue_fraction           ? 
_entity_src_gen.gene_src_details                   ? 
_entity_src_gen.pdbx_gene_src_fragment             ? 
_entity_src_gen.pdbx_gene_src_scientific_name      'Enterobacter sp.' 
_entity_src_gen.pdbx_gene_src_ncbi_taxonomy_id     211595 
_entity_src_gen.pdbx_gene_src_variant              ? 
_entity_src_gen.pdbx_gene_src_cell_line            ? 
_entity_src_gen.pdbx_gene_src_atcc                 ? 
_entity_src_gen.pdbx_gene_src_organ                ? 
_entity_src_gen.pdbx_gene_src_organelle            ? 
_entity_src_gen.pdbx_gene_src_cell                 ? 
_entity_src_gen.pdbx_gene_src_cellular_location    ? 
_entity_src_gen.host_org_common_name               ? 
_entity_src_gen.pdbx_host_org_scientific_name      'Escherichia coli' 
_entity_src_gen.pdbx_host_org_ncbi_taxonomy_id     469008 
_entity_src_gen.host_org_genus                     ? 
_entity_src_gen.pdbx_host_org_gene                 ? 
_entity_src_gen.pdbx_host_org_organ                ? 
_entity_src_gen.host_org_species                   ? 
_entity_src_gen.pdbx_host_org_tissue               ? 
_entity_src_gen.pdbx_host_org_tissue_fraction      ? 
_entity_src_gen.pdbx_host_org_strain               'BL21(DE3)pLysS' 
_entity_src_gen.pdbx_host_org_variant              ? 
_entity_src_gen.pdbx_host_org_cell_line            ? 
_entity_src_gen.pdbx_host_org_atcc                 ? 
_entity_src_gen.pdbx_host_org_culture_collection   ? 
_entity_src_gen.pdbx_host_org_cell                 ? 
_entity_src_gen.pdbx_host_org_organelle            ? 
_entity_src_gen.pdbx_host_org_cellular_location    ? 
_entity_src_gen.pdbx_host_org_vector_type          Plasmid 
_entity_src_gen.pdbx_host_org_vector               ? 
_entity_src_gen.host_org_details                   ? 
_entity_src_gen.expression_system_id               ? 
_entity_src_gen.plasmid_name                       pET28 
_entity_src_gen.plasmid_details                    ? 
_entity_src_gen.pdbx_description                   ? 
# 
loop_
_chem_comp.id 
_chem_comp.type 
_chem_comp.mon_nstd_flag 
_chem_comp.name 
_chem_comp.pdbx_synonyms 
_chem_comp.formula 
_chem_comp.formula_weight 
ALA 'L-peptide linking' y ALANINE         ? 'C3 H7 N O2'     89.093  
ARG 'L-peptide linking' y ARGININE        ? 'C6 H15 N4 O2 1' 175.209 
ASN 'L-peptide linking' y ASPARAGINE      ? 'C4 H8 N2 O3'    132.118 
ASP 'L-peptide linking' y 'ASPARTIC ACID' ? 'C4 H7 N O4'     133.103 
GLN 'L-peptide linking' y GLUTAMINE       ? 'C5 H10 N2 O3'   146.144 
GLU 'L-peptide linking' y 'GLUTAMIC ACID' ? 'C5 H9 N O4'     147.129 
GLY 'peptide linking'   y GLYCINE         ? 'C2 H5 N O2'     75.067  
HIS 'L-peptide linking' y HISTIDINE       ? 'C6 H10 N3 O2 1' 156.162 
HOH non-polymer         . WATER           ? 'H2 O'           18.015  
ILE 'L-peptide linking' y ISOLEUCINE      ? 'C6 H13 N O2'    131.173 
LEU 'L-peptide linking' y LEUCINE         ? 'C6 H13 N O2'    131.173 
LYS 'L-peptide linking' y LYSINE          ? 'C6 H15 N2 O2 1' 147.195 
MET 'L-peptide linking' y METHIONINE      ? 'C5 H11 N O2 S'  149.211 
NA  non-polymer         . 'SODIUM ION'    ? 'Na 1'           22.990  
PHE 'L-peptide linking' y PHENYLALANINE   ? 'C9 H11 N O2'    165.189 
SER 'L-peptide linking' y SERINE          ? 'C3 H7 N O3'     105.093 
SO4 non-polymer         . 'SULFATE ION'   ? 'O4 S -2'        96.063  
THR 'L-peptide linking' y THREONINE       ? 'C4 H9 N O3'     119.119 
TYR 'L-peptide linking' y TYROSINE        ? 'C9 H11 N O3'    181.189 
VAL 'L-peptide linking' y VALINE          ? 'C5 H11 N O2'    117.146 
# 
loop_
_pdbx_poly_seq_scheme.asym_id 
_pdbx_poly_seq_scheme.entity_id 
_pdbx_poly_seq_scheme.seq_id 
_pdbx_poly_seq_scheme.mon_id 
_pdbx_poly_seq_scheme.ndb_seq_num 
_pdbx_poly_seq_scheme.pdb_seq_num 
_pdbx_poly_seq_scheme.auth_seq_num 
_pdbx_poly_seq_scheme.pdb_mon_id 
_pdbx_poly_seq_scheme.auth_mon_id 
_pdbx_poly_seq_scheme.pdb_strand_id 
_pdbx_poly_seq_scheme.pdb_ins_code 
_pdbx_poly_seq_scheme.hetero 
A 1 1  GLY 1  -2 ?  ?   ?   A . n 
A 1 2  SER 2  -1 ?  ?   ?   A . n 
A 1 3  HIS 3  0  ?  ?   ?   A . n 
A 1 4  MET 4  1  ?  ?   ?   A . n 
A 1 5  GLU 5  2  2  GLU GLU A . n 
A 1 6  SER 6  3  3  SER SER A . n 
A 1 7  PHE 7  4  4  PHE PHE A . n 
A 1 8  LEU 8  5  5  LEU LEU A . n 
A 1 9  LEU 9  6  6  LEU LEU A . n 
A 1 10 SER 10 7  7  SER SER A . n 
A 1 11 LYS 11 8  8  LYS LYS A . n 
A 1 12 VAL 12 9  9  VAL VAL A . n 
A 1 13 SER 13 10 10 SER SER A . n 
A 1 14 PHE 14 11 11 PHE PHE A . n 
A 1 15 VAL 15 12 12 VAL VAL A . n 
A 1 16 ILE 16 13 13 ILE ILE A . n 
A 1 17 LYS 17 14 14 LYS LYS A . n 
A 1 18 LYS 18 15 15 LYS LYS A . n 
A 1 19 ILE 19 16 16 ILE ILE A . n 
A 1 20 ARG 20 17 17 ARG ARG A . n 
A 1 21 LEU 21 18 18 LEU LEU A . n 
A 1 22 GLU 22 19 19 GLU GLU A . n 
A 1 23 LYS 23 20 20 LYS LYS A . n 
A 1 24 GLY 24 21 21 GLY GLY A . n 
A 1 25 MET 25 22 22 MET MET A . n 
A 1 26 THR 26 23 23 THR THR A . n 
A 1 27 GLN 27 24 24 GLN GLN A . n 
A 1 28 GLU 28 25 25 GLU GLU A . n 
A 1 29 ASP 29 26 26 ASP ASP A . n 
A 1 30 LEU 30 27 27 LEU LEU A . n 
A 1 31 ALA 31 28 28 ALA ALA A . n 
A 1 32 TYR 32 29 29 TYR TYR A . n 
A 1 33 LYS 33 30 30 LYS LYS A . n 
A 1 34 SER 34 31 31 SER SER A . n 
A 1 35 ASN 35 32 32 ASN ASN A . n 
A 1 36 LEU 36 33 33 LEU LEU A . n 
A 1 37 ASP 37 34 34 ASP ASP A . n 
A 1 38 ARG 38 35 35 ARG ARG A . n 
A 1 39 THR 39 36 36 THR THR A . n 
A 1 40 TYR 40 37 37 TYR TYR A . n 
A 1 41 ILE 41 38 38 ILE ILE A . n 
A 1 42 SER 42 39 39 SER SER A . n 
A 1 43 GLY 43 40 40 GLY GLY A . n 
A 1 44 ILE 44 41 41 ILE ILE A . n 
A 1 45 GLU 45 42 42 GLU GLU A . n 
A 1 46 ARG 46 43 43 ARG ARG A . n 
A 1 47 ASN 47 44 44 ASN ASN A . n 
A 1 48 SER 48 45 45 SER SER A . n 
A 1 49 ALA 49 46 46 ALA ALA A . n 
A 1 50 ASN 50 47 47 ASN ASN A . n 
A 1 51 LEU 51 48 48 LEU LEU A . n 
A 1 52 THR 52 49 49 THR THR A . n 
A 1 53 ILE 53 50 50 ILE ILE A . n 
A 1 54 LYS 54 51 51 LYS LYS A . n 
A 1 55 SER 55 52 52 SER SER A . n 
A 1 56 LEU 56 53 53 LEU LEU A . n 
A 1 57 GLU 57 54 54 GLU GLU A . n 
A 1 58 LEU 58 55 55 LEU LEU A . n 
A 1 59 ILE 59 56 56 ILE ILE A . n 
A 1 60 MET 60 57 57 MET MET A . n 
A 1 61 LYS 61 58 58 LYS LYS A . n 
A 1 62 GLY 62 59 59 GLY GLY A . n 
A 1 63 LEU 63 60 60 LEU LEU A . n 
A 1 64 GLU 64 61 61 GLU GLU A . n 
A 1 65 VAL 65 62 62 VAL VAL A . n 
A 1 66 SER 66 63 63 SER SER A . n 
A 1 67 ASP 67 64 64 ASP ASP A . n 
A 1 68 VAL 68 65 65 VAL VAL A . n 
A 1 69 VAL 69 66 66 VAL VAL A . n 
A 1 70 PHE 70 67 67 PHE PHE A . n 
A 1 71 PHE 71 68 68 PHE PHE A . n 
A 1 72 GLU 72 69 69 GLU GLU A . n 
A 1 73 MET 73 70 70 MET MET A . n 
A 1 74 LEU 74 71 71 LEU LEU A . n 
A 1 75 ILE 75 72 72 ILE ILE A . n 
A 1 76 LYS 76 73 73 LYS LYS A . n 
A 1 77 GLU 77 74 74 GLU GLU A . n 
A 1 78 ILE 78 75 75 ILE ILE A . n 
A 1 79 LEU 79 76 76 LEU LEU A . n 
A 1 80 LYS 80 77 77 LYS LYS A . n 
A 1 81 HIS 81 78 78 HIS HIS A . n 
A 1 82 ASP 82 79 79 ASP ASP A . n 
B 1 1  GLY 1  -2 ?  ?   ?   B . n 
B 1 2  SER 2  -1 ?  ?   ?   B . n 
B 1 3  HIS 3  0  ?  ?   ?   B . n 
B 1 4  MET 4  1  ?  ?   ?   B . n 
B 1 5  GLU 5  2  2  GLU GLU B . n 
B 1 6  SER 6  3  3  SER SER B . n 
B 1 7  PHE 7  4  4  PHE PHE B . n 
B 1 8  LEU 8  5  5  LEU LEU B . n 
B 1 9  LEU 9  6  6  LEU LEU B . n 
B 1 10 SER 10 7  7  SER SER B . n 
B 1 11 LYS 11 8  8  LYS LYS B . n 
B 1 12 VAL 12 9  9  VAL VAL B . n 
B 1 13 SER 13 10 10 SER SER B . n 
B 1 14 PHE 14 11 11 PHE PHE B . n 
B 1 15 VAL 15 12 12 VAL VAL B . n 
B 1 16 ILE 16 13 13 ILE ILE B . n 
B 1 17 LYS 17 14 14 LYS LYS B . n 
B 1 18 LYS 18 15 15 LYS LYS B . n 
B 1 19 ILE 19 16 16 ILE ILE B . n 
B 1 20 ARG 20 17 17 ARG ARG B . n 
B 1 21 LEU 21 18 18 LEU LEU B . n 
B 1 22 GLU 22 19 19 GLU GLU B . n 
B 1 23 LYS 23 20 20 LYS LYS B . n 
B 1 24 GLY 24 21 21 GLY GLY B . n 
B 1 25 MET 25 22 22 MET MET B . n 
B 1 26 THR 26 23 23 THR THR B . n 
B 1 27 GLN 27 24 24 GLN GLN B . n 
B 1 28 GLU 28 25 25 GLU GLU B . n 
B 1 29 ASP 29 26 26 ASP ASP B . n 
B 1 30 LEU 30 27 27 LEU LEU B . n 
B 1 31 ALA 31 28 28 ALA ALA B . n 
B 1 32 TYR 32 29 29 TYR TYR B . n 
B 1 33 LYS 33 30 30 LYS LYS B . n 
B 1 34 SER 34 31 31 SER SER B . n 
B 1 35 ASN 35 32 32 ASN ASN B . n 
B 1 36 LEU 36 33 33 LEU LEU B . n 
B 1 37 ASP 37 34 34 ASP ASP B . n 
B 1 38 ARG 38 35 35 ARG ARG B . n 
B 1 39 THR 39 36 36 THR THR B . n 
B 1 40 TYR 40 37 37 TYR TYR B . n 
B 1 41 ILE 41 38 38 ILE ILE B . n 
B 1 42 SER 42 39 39 SER SER B . n 
B 1 43 GLY 43 40 40 GLY GLY B . n 
B 1 44 ILE 44 41 41 ILE ILE B . n 
B 1 45 GLU 45 42 42 GLU GLU B . n 
B 1 46 ARG 46 43 43 ARG ARG B . n 
B 1 47 ASN 47 44 44 ASN ASN B . n 
B 1 48 SER 48 45 45 SER SER B . n 
B 1 49 ALA 49 46 46 ALA ALA B . n 
B 1 50 ASN 50 47 47 ASN ASN B . n 
B 1 51 LEU 51 48 48 LEU LEU B . n 
B 1 52 THR 52 49 49 THR THR B . n 
B 1 53 ILE 53 50 50 ILE ILE B . n 
B 1 54 LYS 54 51 51 LYS LYS B . n 
B 1 55 SER 55 52 52 SER SER B . n 
B 1 56 LEU 56 53 53 LEU LEU B . n 
B 1 57 GLU 57 54 54 GLU GLU B . n 
B 1 58 LEU 58 55 55 LEU LEU B . n 
B 1 59 ILE 59 56 56 ILE ILE B . n 
B 1 60 MET 60 57 57 MET MET B . n 
B 1 61 LYS 61 58 58 LYS LYS B . n 
B 1 62 GLY 62 59 59 GLY GLY B . n 
B 1 63 LEU 63 60 60 LEU LEU B . n 
B 1 64 GLU 64 61 61 GLU GLU B . n 
B 1 65 VAL 65 62 62 VAL VAL B . n 
B 1 66 SER 66 63 63 SER SER B . n 
B 1 67 ASP 67 64 64 ASP ASP B . n 
B 1 68 VAL 68 65 65 VAL VAL B . n 
B 1 69 VAL 69 66 66 VAL VAL B . n 
B 1 70 PHE 70 67 67 PHE PHE B . n 
B 1 71 PHE 71 68 68 PHE PHE B . n 
B 1 72 GLU 72 69 69 GLU GLU B . n 
B 1 73 MET 73 70 70 MET MET B . n 
B 1 74 LEU 74 71 71 LEU LEU B . n 
B 1 75 ILE 75 72 72 ILE ILE B . n 
B 1 76 LYS 76 73 73 LYS LYS B . n 
B 1 77 GLU 77 74 74 GLU GLU B . n 
B 1 78 ILE 78 75 75 ILE ILE B . n 
B 1 79 LEU 79 76 76 LEU LEU B . n 
B 1 80 LYS 80 77 77 LYS LYS B . n 
B 1 81 HIS 81 78 78 HIS HIS B . n 
B 1 82 ASP 82 79 79 ASP ASP B . n 
# 
loop_
_pdbx_nonpoly_scheme.asym_id 
_pdbx_nonpoly_scheme.entity_id 
_pdbx_nonpoly_scheme.mon_id 
_pdbx_nonpoly_scheme.ndb_seq_num 
_pdbx_nonpoly_scheme.pdb_seq_num 
_pdbx_nonpoly_scheme.auth_seq_num 
_pdbx_nonpoly_scheme.pdb_mon_id 
_pdbx_nonpoly_scheme.auth_mon_id 
_pdbx_nonpoly_scheme.pdb_strand_id 
_pdbx_nonpoly_scheme.pdb_ins_code 
C 2 SO4 1  101 4   SO4 SO4 A . 
D 3 NA  1  102 2   NA  NA  A . 
E 2 SO4 1  101 2   SO4 SO4 B . 
F 2 SO4 1  102 3   SO4 SO4 B . 
G 2 SO4 1  103 5   SO4 SO4 B . 
H 3 NA  1  104 1   NA  NA  B . 
I 4 HOH 1  201 3   HOH HOH A . 
I 4 HOH 2  202 4   HOH HOH A . 
I 4 HOH 3  203 5   HOH HOH A . 
I 4 HOH 4  204 13  HOH HOH A . 
I 4 HOH 5  205 16  HOH HOH A . 
I 4 HOH 6  206 17  HOH HOH A . 
I 4 HOH 7  207 19  HOH HOH A . 
I 4 HOH 8  208 20  HOH HOH A . 
I 4 HOH 9  209 22  HOH HOH A . 
I 4 HOH 10 210 23  HOH HOH A . 
I 4 HOH 11 211 24  HOH HOH A . 
I 4 HOH 12 212 25  HOH HOH A . 
I 4 HOH 13 213 26  HOH HOH A . 
I 4 HOH 14 214 27  HOH HOH A . 
I 4 HOH 15 215 28  HOH HOH A . 
I 4 HOH 16 216 31  HOH HOH A . 
I 4 HOH 17 217 34  HOH HOH A . 
I 4 HOH 18 218 37  HOH HOH A . 
I 4 HOH 19 219 38  HOH HOH A . 
I 4 HOH 20 220 43  HOH HOH A . 
I 4 HOH 21 221 46  HOH HOH A . 
I 4 HOH 22 222 47  HOH HOH A . 
I 4 HOH 23 223 49  HOH HOH A . 
I 4 HOH 24 224 52  HOH HOH A . 
I 4 HOH 25 225 53  HOH HOH A . 
I 4 HOH 26 226 54  HOH HOH A . 
I 4 HOH 27 227 55  HOH HOH A . 
I 4 HOH 28 228 56  HOH HOH A . 
I 4 HOH 29 229 61  HOH HOH A . 
I 4 HOH 30 230 62  HOH HOH A . 
I 4 HOH 31 231 63  HOH HOH A . 
I 4 HOH 32 232 65  HOH HOH A . 
I 4 HOH 33 233 66  HOH HOH A . 
I 4 HOH 34 234 69  HOH HOH A . 
I 4 HOH 35 235 70  HOH HOH A . 
I 4 HOH 36 236 73  HOH HOH A . 
I 4 HOH 37 237 75  HOH HOH A . 
I 4 HOH 38 238 76  HOH HOH A . 
I 4 HOH 39 239 77  HOH HOH A . 
I 4 HOH 40 240 79  HOH HOH A . 
I 4 HOH 41 241 82  HOH HOH A . 
I 4 HOH 42 242 83  HOH HOH A . 
I 4 HOH 43 243 84  HOH HOH A . 
I 4 HOH 44 244 89  HOH HOH A . 
I 4 HOH 45 245 92  HOH HOH A . 
I 4 HOH 46 246 95  HOH HOH A . 
I 4 HOH 47 247 96  HOH HOH A . 
I 4 HOH 48 248 97  HOH HOH A . 
I 4 HOH 49 249 98  HOH HOH A . 
I 4 HOH 50 250 103 HOH HOH A . 
I 4 HOH 51 251 104 HOH HOH A . 
I 4 HOH 52 252 112 HOH HOH A . 
I 4 HOH 53 253 116 HOH HOH A . 
I 4 HOH 54 254 117 HOH HOH A . 
I 4 HOH 55 255 119 HOH HOH A . 
I 4 HOH 56 256 122 HOH HOH A . 
I 4 HOH 57 257 123 HOH HOH A . 
I 4 HOH 58 258 125 HOH HOH A . 
I 4 HOH 59 259 126 HOH HOH A . 
J 4 HOH 1  201 1   HOH HOH B . 
J 4 HOH 2  202 2   HOH HOH B . 
J 4 HOH 3  203 6   HOH HOH B . 
J 4 HOH 4  204 7   HOH HOH B . 
J 4 HOH 5  205 8   HOH HOH B . 
J 4 HOH 6  206 9   HOH HOH B . 
J 4 HOH 7  207 10  HOH HOH B . 
J 4 HOH 8  208 11  HOH HOH B . 
J 4 HOH 9  209 12  HOH HOH B . 
J 4 HOH 10 210 14  HOH HOH B . 
J 4 HOH 11 211 15  HOH HOH B . 
J 4 HOH 12 212 18  HOH HOH B . 
J 4 HOH 13 213 21  HOH HOH B . 
J 4 HOH 14 214 29  HOH HOH B . 
J 4 HOH 15 215 30  HOH HOH B . 
J 4 HOH 16 216 32  HOH HOH B . 
J 4 HOH 17 217 33  HOH HOH B . 
J 4 HOH 18 218 35  HOH HOH B . 
J 4 HOH 19 219 36  HOH HOH B . 
J 4 HOH 20 220 39  HOH HOH B . 
J 4 HOH 21 221 40  HOH HOH B . 
J 4 HOH 22 222 41  HOH HOH B . 
J 4 HOH 23 223 42  HOH HOH B . 
J 4 HOH 24 224 44  HOH HOH B . 
J 4 HOH 25 225 45  HOH HOH B . 
J 4 HOH 26 226 48  HOH HOH B . 
J 4 HOH 27 227 50  HOH HOH B . 
J 4 HOH 28 228 51  HOH HOH B . 
J 4 HOH 29 229 57  HOH HOH B . 
J 4 HOH 30 230 58  HOH HOH B . 
J 4 HOH 31 231 59  HOH HOH B . 
J 4 HOH 32 232 60  HOH HOH B . 
J 4 HOH 33 233 64  HOH HOH B . 
J 4 HOH 34 234 67  HOH HOH B . 
J 4 HOH 35 235 68  HOH HOH B . 
J 4 HOH 36 236 71  HOH HOH B . 
J 4 HOH 37 237 72  HOH HOH B . 
J 4 HOH 38 238 74  HOH HOH B . 
J 4 HOH 39 239 78  HOH HOH B . 
J 4 HOH 40 240 80  HOH HOH B . 
J 4 HOH 41 241 81  HOH HOH B . 
J 4 HOH 42 242 85  HOH HOH B . 
J 4 HOH 43 243 86  HOH HOH B . 
J 4 HOH 44 244 87  HOH HOH B . 
J 4 HOH 45 245 88  HOH HOH B . 
J 4 HOH 46 246 90  HOH HOH B . 
J 4 HOH 47 247 91  HOH HOH B . 
J 4 HOH 48 248 93  HOH HOH B . 
J 4 HOH 49 249 94  HOH HOH B . 
J 4 HOH 50 250 102 HOH HOH B . 
J 4 HOH 51 251 105 HOH HOH B . 
J 4 HOH 52 252 106 HOH HOH B . 
J 4 HOH 53 253 108 HOH HOH B . 
J 4 HOH 54 254 109 HOH HOH B . 
J 4 HOH 55 255 110 HOH HOH B . 
J 4 HOH 56 256 111 HOH HOH B . 
J 4 HOH 57 257 114 HOH HOH B . 
J 4 HOH 58 258 115 HOH HOH B . 
J 4 HOH 59 259 118 HOH HOH B . 
J 4 HOH 60 260 120 HOH HOH B . 
J 4 HOH 61 261 121 HOH HOH B . 
J 4 HOH 62 262 124 HOH HOH B . 
J 4 HOH 63 263 127 HOH HOH B . 
J 4 HOH 64 264 129 HOH HOH B . 
J 4 HOH 65 265 130 HOH HOH B . 
J 4 HOH 66 266 131 HOH HOH B . 
# 
loop_
_software.pdbx_ordinal 
_software.name 
_software.version 
_software.date 
_software.type 
_software.contact_author 
_software.contact_author_email 
_software.classification 
_software.location 
_software.language 
_software.citation_id 
1 XSCALE      .    ?                package 'Wolfgang Kabsch'    ?                           'data scaling'    
http://www.mpimf-heidelberg.mpg.de/~kabsch/xds/html_doc/xscale_program.html ?          ? 
2 PHASER      .    ?                program 'Randy J. Read'      cimr-phaser@lists.cam.ac.uk phasing           
http://www-structmed.cimr.cam.ac.uk/phaser/                                 ?          ? 
3 REFMAC      .    ?                program 'Garib N. Murshudov' garib@ysbl.york.ac.uk       refinement        
http://www.ccp4.ac.uk/dist/html/refmac5.html                                Fortran_77 ? 
4 PDB_EXTRACT 3.11 'April 22, 2011' package PDB                  deposit@deposit.rcsb.org    'data extraction' 
http://sw-tools.pdb.org/apps/PDB_EXTRACT/                                   C++        ? 
5 GDA         .    ?                ?       ?                    ?                           'data collection' ? ?          ? 
# 
_cell.length_a           46.400 
_cell.length_b           51.000 
_cell.length_c           74.600 
_cell.angle_alpha        90.000 
_cell.angle_beta         96.600 
_cell.angle_gamma        90 
_cell.entry_id           4F8D 
_cell.pdbx_unique_axis   ? 
_cell.Z_PDB              8 
_cell.length_a_esd       ? 
_cell.length_b_esd       ? 
_cell.length_c_esd       ? 
_cell.angle_alpha_esd    ? 
_cell.angle_beta_esd     ? 
_cell.angle_gamma_esd    ? 
# 
_symmetry.space_group_name_H-M             'C 1 2 1' 
_symmetry.entry_id                         4F8D 
_symmetry.Int_Tables_number                5 
_symmetry.pdbx_full_space_group_name_H-M   ? 
_symmetry.cell_setting                     ? 
_symmetry.space_group_name_Hall            ? 
# 
_exptl.crystals_number   1 
_exptl.entry_id          4F8D 
_exptl.method            'X-RAY DIFFRACTION' 
# 
_exptl_crystal.id                    1 
_exptl_crystal.density_Matthews      2.32 
_exptl_crystal.density_meas          ? 
_exptl_crystal.density_percent_sol   47.06 
_exptl_crystal.description           ? 
_exptl_crystal.F_000                 ? 
_exptl_crystal.preparation           ? 
# 
_exptl_crystal_grow.crystal_id      1 
_exptl_crystal_grow.method          'VAPOR DIFFUSION, SITTING DROP' 
_exptl_crystal_grow.pH              7.8 
_exptl_crystal_grow.temp            277 
_exptl_crystal_grow.pdbx_details    '200mM Sodium Sulphate, 20% PEG 3350, pH 7.8, VAPOR DIFFUSION, SITTING DROP, temperature 277K' 
_exptl_crystal_grow.temp_details    ? 
_exptl_crystal_grow.pdbx_pH_range   ? 
# 
_diffrn.id                     1 
_diffrn.ambient_temp           100 
_diffrn.ambient_temp_details   ? 
_diffrn.crystal_id             1 
# 
_diffrn_detector.diffrn_id              1 
_diffrn_detector.detector               CCD 
_diffrn_detector.type                   'ADSC QUANTUM 315r' 
_diffrn_detector.pdbx_collection_date   2011-07-02 
_diffrn_detector.details                ? 
# 
_diffrn_radiation.diffrn_id                        1 
_diffrn_radiation.pdbx_diffrn_protocol             'SINGLE WAVELENGTH' 
_diffrn_radiation.monochromator                    'Si(111) double crystal monochromator' 
_diffrn_radiation.wavelength_id                    1 
_diffrn_radiation.pdbx_monochromatic_or_laue_m_l   M 
_diffrn_radiation.pdbx_scattering_type             x-ray 
# 
_diffrn_radiation_wavelength.id           1 
_diffrn_radiation_wavelength.wavelength   0.979494 
_diffrn_radiation_wavelength.wt           1.0 
# 
_diffrn_source.diffrn_id                   1 
_diffrn_source.source                      SYNCHROTRON 
_diffrn_source.type                        'DIAMOND BEAMLINE I02' 
_diffrn_source.pdbx_wavelength_list        0.979494 
_diffrn_source.pdbx_wavelength             ? 
_diffrn_source.pdbx_synchrotron_site       Diamond 
_diffrn_source.pdbx_synchrotron_beamline   I02 
# 
_reflns.entry_id                     4F8D 
_reflns.d_resolution_high            1.500 
_reflns.number_obs                   27204 
_reflns.pdbx_Rmerge_I_obs            0.040 
_reflns.pdbx_netI_over_sigmaI        15.310 
_reflns.percent_possible_obs         97.800 
_reflns.B_iso_Wilson_estimate        23.014 
_reflns.observed_criterion_sigma_I   -3.000 
_reflns.observed_criterion_sigma_F   ? 
_reflns.d_resolution_low             24.7 
_reflns.number_all                   90345 
_reflns.pdbx_Rsym_value              ? 
_reflns.pdbx_redundancy              ? 
_reflns.R_free_details               ? 
_reflns.limit_h_max                  ? 
_reflns.limit_h_min                  ? 
_reflns.limit_k_max                  ? 
_reflns.limit_k_min                  ? 
_reflns.limit_l_max                  ? 
_reflns.limit_l_min                  ? 
_reflns.observed_criterion_F_max     ? 
_reflns.observed_criterion_F_min     ? 
_reflns.pdbx_chi_squared             ? 
_reflns.pdbx_scaling_rejects         ? 
_reflns.pdbx_ordinal                 1 
_reflns.pdbx_diffrn_id               1 
# 
loop_
_reflns_shell.d_res_high 
_reflns_shell.d_res_low 
_reflns_shell.number_measured_obs 
_reflns_shell.number_measured_all 
_reflns_shell.number_unique_obs 
_reflns_shell.Rmerge_I_obs 
_reflns_shell.meanI_over_sigI_obs 
_reflns_shell.pdbx_Rsym_value 
_reflns_shell.pdbx_chi_squared 
_reflns_shell.pdbx_redundancy 
_reflns_shell.percent_possible_obs 
_reflns_shell.number_unique_all 
_reflns_shell.percent_possible_all 
_reflns_shell.pdbx_ordinal 
_reflns_shell.pdbx_diffrn_id 
1.500  1.600  12431 ? 4603 0.404 3.020  ? ? ? ? ? 94.900 1  1 
1.600  1.800  19092 ? 6625 0.248 4.970  ? ? ? ? ? 97.600 2  1 
1.800  2.000  12885 ? 4285 0.118 9.740  ? ? ? ? ? 98.700 3  1 
2.000  3.000  26248 ? 8219 0.039 23.300 ? ? ? ? ? 99.300 4  1 
3.000  4.000  6455  ? 2025 0.022 36.190 ? ? ? ? ? 99.300 5  1 
4.000  5.000  2420  ? 727  0.018 44.810 ? ? ? ? ? 98.100 6  1 
5.000  6.000  1035  ? 315  0.017 42.860 ? ? ? ? ? 99.700 7  1 
6.000  8.000  850   ? 259  0.017 42.090 ? ? ? ? ? 97.400 8  1 
8.000  10.000 237   ? 77   0.013 44.490 ? ? ? ? ? 81.900 9  1 
10.000 20.000 180   ? 63   0.015 39.330 ? ? ? ? ? 68.500 10 1 
20.000 30.000 17    ? 6    0.016 38.970 ? ? ? ? ? 54.500 11 1 
.      ?      ?     ? ?    ?     ?      ? ? ? ? ? ?      12 1 
# 
_refine.entry_id                                 4F8D 
_refine.ls_d_res_high                            1.5000 
_refine.ls_d_res_low                             24.7000 
_refine.pdbx_ls_sigma_F                          0.000 
_refine.pdbx_data_cutoff_high_absF               ? 
_refine.pdbx_data_cutoff_low_absF                ? 
_refine.ls_percent_reflns_obs                    97.7800 
_refine.ls_number_reflns_obs                     27185 
_refine.ls_number_reflns_all                     ? 
_refine.pdbx_ls_cross_valid_method               THROUGHOUT 
_refine.pdbx_R_Free_selection_details            RANDOM 
_refine.details                                  
'HYDROGENS HAVE BEEN USED IF PRESENT IN THE INPUT U VALUES      : REFINED INDIVIDUALLY' 
_refine.ls_R_factor_all                          ? 
_refine.ls_R_factor_obs                          0.1783 
_refine.ls_R_factor_R_work                       0.1771 
_refine.ls_wR_factor_R_work                      0.1693 
_refine.ls_R_factor_R_free                       0.2002 
_refine.ls_wR_factor_R_free                      0.1929 
_refine.ls_percent_reflns_R_free                 5.1000 
_refine.ls_number_reflns_R_free                  1377 
_refine.ls_R_factor_R_free_error                 ? 
_refine.B_iso_mean                               18.5660 
_refine.solvent_model_param_bsol                 ? 
_refine.solvent_model_param_ksol                 ? 
_refine.pdbx_isotropic_thermal_model             ? 
_refine.aniso_B[1][1]                            0.0000 
_refine.aniso_B[2][2]                            -0.0000 
_refine.aniso_B[3][3]                            -0.0000 
_refine.aniso_B[1][2]                            0.0000 
_refine.aniso_B[1][3]                            0.0000 
_refine.aniso_B[2][3]                            0.0000 
_refine.correlation_coeff_Fo_to_Fc               0.9710 
_refine.correlation_coeff_Fo_to_Fc_free          0.9610 
_refine.overall_SU_R_Cruickshank_DPI             0.0760 
_refine.overall_SU_R_free                        0.0750 
_refine.pdbx_overall_ESU_R                       0.0760 
_refine.pdbx_overall_ESU_R_Free                  0.0750 
_refine.overall_SU_ML                            0.0480 
_refine.overall_SU_B                             1.2960 
_refine.solvent_model_details                    MASK 
_refine.pdbx_solvent_vdw_probe_radii             1.2000 
_refine.pdbx_solvent_ion_probe_radii             0.8000 
_refine.pdbx_solvent_shrinkage_radii             0.8000 
_refine.ls_number_parameters                     ? 
_refine.ls_number_restraints                     ? 
_refine.pdbx_starting_model                      ? 
_refine.pdbx_method_to_determine_struct          'MOLECULAR REPLACEMENT' 
_refine.pdbx_stereochemistry_target_values       'MAXIMUM LIKELIHOOD' 
_refine.pdbx_stereochem_target_val_spec_case     ? 
_refine.overall_FOM_work_R_set                   0.8197 
_refine.B_iso_max                                61.550 
_refine.B_iso_min                                6.010 
_refine.pdbx_overall_phase_error                 ? 
_refine.occupancy_max                            1.000 
_refine.occupancy_min                            0.020 
_refine.pdbx_ls_sigma_I                          ? 
_refine.ls_redundancy_reflns_obs                 ? 
_refine.ls_R_factor_R_free_error_details         ? 
_refine.pdbx_data_cutoff_high_rms_absF           ? 
_refine.overall_FOM_free_R_set                   ? 
_refine.pdbx_diffrn_id                           1 
_refine.pdbx_refine_id                           'X-RAY DIFFRACTION' 
_refine.pdbx_TLS_residual_ADP_flag               ? 
_refine.pdbx_overall_SU_R_free_Cruickshank_DPI   ? 
_refine.pdbx_overall_SU_R_Blow_DPI               ? 
_refine.pdbx_overall_SU_R_free_Blow_DPI          ? 
# 
_refine_hist.pdbx_refine_id                   'X-RAY DIFFRACTION' 
_refine_hist.cycle_id                         LAST 
_refine_hist.pdbx_number_atoms_protein        1264 
_refine_hist.pdbx_number_atoms_nucleic_acid   0 
_refine_hist.pdbx_number_atoms_ligand         22 
_refine_hist.number_atoms_solvent             125 
_refine_hist.number_atoms_total               1411 
_refine_hist.d_res_high                       1.5000 
_refine_hist.d_res_low                        24.7000 
# 
loop_
_refine_ls_restr.type 
_refine_ls_restr.number 
_refine_ls_restr.dev_ideal 
_refine_ls_restr.dev_ideal_target 
_refine_ls_restr.weight 
_refine_ls_restr.pdbx_restraint_function 
_refine_ls_restr.pdbx_refine_id 
r_bond_refined_d       1433 0.033  0.020  ? ? 'X-RAY DIFFRACTION' 
r_angle_refined_deg    1947 2.633  2.018  ? ? 'X-RAY DIFFRACTION' 
r_dihedral_angle_1_deg 194  4.962  5.000  ? ? 'X-RAY DIFFRACTION' 
r_dihedral_angle_2_deg 57   25.472 24.737 ? ? 'X-RAY DIFFRACTION' 
r_dihedral_angle_3_deg 325  13.894 15.000 ? ? 'X-RAY DIFFRACTION' 
r_dihedral_angle_4_deg 8    12.214 15.000 ? ? 'X-RAY DIFFRACTION' 
r_chiral_restr         234  0.187  0.200  ? ? 'X-RAY DIFFRACTION' 
r_gen_planes_refined   1008 0.016  0.020  ? ? 'X-RAY DIFFRACTION' 
# 
_refine_ls_shell.d_res_high                       1.5000 
_refine_ls_shell.d_res_low                        1.5390 
_refine_ls_shell.pdbx_total_number_of_bins_used   20 
_refine_ls_shell.percent_reflns_obs               91.7100 
_refine_ls_shell.number_reflns_R_work             1717 
_refine_ls_shell.R_factor_all                     ? 
_refine_ls_shell.R_factor_R_work                  0.2790 
_refine_ls_shell.R_factor_R_free                  0.2620 
_refine_ls_shell.percent_reflns_R_free            ? 
_refine_ls_shell.number_reflns_R_free             87 
_refine_ls_shell.R_factor_R_free_error            ? 
_refine_ls_shell.number_reflns_all                1804 
_refine_ls_shell.number_reflns_obs                ? 
_refine_ls_shell.redundancy_reflns_obs            ? 
_refine_ls_shell.pdbx_refine_id                   'X-RAY DIFFRACTION' 
# 
_struct.entry_id                  4F8D 
_struct.title                     
'Crystal Structure of an R46A mutant of the Restriction-Modification Controller Protein C.Esp1396I (Monoclinic Form)' 
_struct.pdbx_model_details        ? 
_struct.pdbx_CASP_flag            ? 
_struct.pdbx_model_type_details   ? 
# 
_struct_keywords.entry_id        4F8D 
_struct_keywords.text            'Restriction-modification, Helix-Turn-Helix, Transcriptional Regulator, DNA, TRANSCRIPTION' 
_struct_keywords.pdbx_keywords   TRANSCRIPTION 
# 
loop_
_struct_asym.id 
_struct_asym.pdbx_blank_PDB_chainid_flag 
_struct_asym.pdbx_modified 
_struct_asym.entity_id 
_struct_asym.details 
A N N 1 ? 
B N N 1 ? 
C N N 2 ? 
D N N 3 ? 
E N N 2 ? 
F N N 2 ? 
G N N 2 ? 
H N N 3 ? 
I N N 4 ? 
J N N 4 ? 
# 
_struct_ref.id                         1 
_struct_ref.db_name                    UNP 
_struct_ref.db_code                    Q8GGH0_9ENTR 
_struct_ref.pdbx_db_accession          Q8GGH0 
_struct_ref.entity_id                  1 
_struct_ref.pdbx_seq_one_letter_code   MESFLLSKVSFVIKKIRLEKGMTQEDLAYKSNLDRTYISGIERNSRNLTIKSLELIMKGLEVSDVVFFEMLIKEILKHD 
_struct_ref.pdbx_align_begin           1 
_struct_ref.pdbx_db_isoform            ? 
# 
loop_
_struct_ref_seq.align_id 
_struct_ref_seq.ref_id 
_struct_ref_seq.pdbx_PDB_id_code 
_struct_ref_seq.pdbx_strand_id 
_struct_ref_seq.seq_align_beg 
_struct_ref_seq.pdbx_seq_align_beg_ins_code 
_struct_ref_seq.seq_align_end 
_struct_ref_seq.pdbx_seq_align_end_ins_code 
_struct_ref_seq.pdbx_db_accession 
_struct_ref_seq.db_align_beg 
_struct_ref_seq.pdbx_db_align_beg_ins_code 
_struct_ref_seq.db_align_end 
_struct_ref_seq.pdbx_db_align_end_ins_code 
_struct_ref_seq.pdbx_auth_seq_align_beg 
_struct_ref_seq.pdbx_auth_seq_align_end 
1 1 4F8D A 4 ? 82 ? Q8GGH0 1 ? 79 ? 1 79 
2 1 4F8D B 4 ? 82 ? Q8GGH0 1 ? 79 ? 1 79 
# 
loop_
_struct_ref_seq_dif.align_id 
_struct_ref_seq_dif.pdbx_pdb_id_code 
_struct_ref_seq_dif.mon_id 
_struct_ref_seq_dif.pdbx_pdb_strand_id 
_struct_ref_seq_dif.seq_num 
_struct_ref_seq_dif.pdbx_pdb_ins_code 
_struct_ref_seq_dif.pdbx_seq_db_name 
_struct_ref_seq_dif.pdbx_seq_db_accession_code 
_struct_ref_seq_dif.db_mon_id 
_struct_ref_seq_dif.pdbx_seq_db_seq_num 
_struct_ref_seq_dif.details 
_struct_ref_seq_dif.pdbx_auth_seq_num 
_struct_ref_seq_dif.pdbx_ordinal 
1 4F8D GLY A 1  ? UNP Q8GGH0 ?   ?  'expression tag'      -2 1 
1 4F8D SER A 2  ? UNP Q8GGH0 ?   ?  'expression tag'      -1 2 
1 4F8D HIS A 3  ? UNP Q8GGH0 ?   ?  'expression tag'      0  3 
1 4F8D ALA A 49 ? UNP Q8GGH0 ARG 46 'engineered mutation' 46 4 
2 4F8D GLY B 1  ? UNP Q8GGH0 ?   ?  'expression tag'      -2 5 
2 4F8D SER B 2  ? UNP Q8GGH0 ?   ?  'expression tag'      -1 6 
2 4F8D HIS B 3  ? UNP Q8GGH0 ?   ?  'expression tag'      0  7 
2 4F8D ALA B 49 ? UNP Q8GGH0 ARG 46 'engineered mutation' 46 8 
# 
loop_
_pdbx_struct_assembly.id 
_pdbx_struct_assembly.details 
_pdbx_struct_assembly.method_details 
_pdbx_struct_assembly.oligomeric_details 
_pdbx_struct_assembly.oligomeric_count 
1 author_and_software_defined_assembly PISA dimeric 2 
2 software_defined_assembly            PISA dimeric 2 
# 
loop_
_pdbx_struct_assembly_prop.biol_id 
_pdbx_struct_assembly_prop.type 
_pdbx_struct_assembly_prop.value 
_pdbx_struct_assembly_prop.details 
1 'ABSA (A^2)' 1710 ? 
1 MORE         -82  ? 
1 'SSA (A^2)'  9230 ? 
2 'ABSA (A^2)' 1200 ? 
2 MORE         -80  ? 
2 'SSA (A^2)'  9740 ? 
# 
loop_
_pdbx_struct_assembly_gen.assembly_id 
_pdbx_struct_assembly_gen.oper_expression 
_pdbx_struct_assembly_gen.asym_id_list 
1 1 A,B,C,D,E,F,G,H,I,J 
2 1 B,E,F,G,H,J         
2 2 A,C,D,I             
# 
loop_
_pdbx_struct_oper_list.id 
_pdbx_struct_oper_list.type 
_pdbx_struct_oper_list.name 
_pdbx_struct_oper_list.symmetry_operation 
_pdbx_struct_oper_list.matrix[1][1] 
_pdbx_struct_oper_list.matrix[1][2] 
_pdbx_struct_oper_list.matrix[1][3] 
_pdbx_struct_oper_list.vector[1] 
_pdbx_struct_oper_list.matrix[2][1] 
_pdbx_struct_oper_list.matrix[2][2] 
_pdbx_struct_oper_list.matrix[2][3] 
_pdbx_struct_oper_list.vector[2] 
_pdbx_struct_oper_list.matrix[3][1] 
_pdbx_struct_oper_list.matrix[3][2] 
_pdbx_struct_oper_list.matrix[3][3] 
_pdbx_struct_oper_list.vector[3] 
1 'identity operation'         1_555 x,y,z         1.0000000000 0.0000000000 0.0000000000 0.0000000000   0.0000000000 1.0000000000 0.0000000000 0.0000000000  0.0000000000 0.0000000000 1.0000000000 0.0000000000  
2 'crystal symmetry operation' 3_455 x-1/2,y+1/2,z 1.0000000000 0.0000000000 0.0000000000 -11.0034795308 0.0000000000 1.0000000000 0.0000000000 29.1066775159 0.0000000000 0.0000000000 1.0000000000 14.8396348405 
# 
_struct_biol.id        1 
_struct_biol.details   ? 
# 
loop_
_struct_conf.conf_type_id 
_struct_conf.id 
_struct_conf.pdbx_PDB_helix_id 
_struct_conf.beg_label_comp_id 
_struct_conf.beg_label_asym_id 
_struct_conf.beg_label_seq_id 
_struct_conf.pdbx_beg_PDB_ins_code 
_struct_conf.end_label_comp_id 
_struct_conf.end_label_asym_id 
_struct_conf.end_label_seq_id 
_struct_conf.pdbx_end_PDB_ins_code 
_struct_conf.beg_auth_comp_id 
_struct_conf.beg_auth_asym_id 
_struct_conf.beg_auth_seq_id 
_struct_conf.end_auth_comp_id 
_struct_conf.end_auth_asym_id 
_struct_conf.end_auth_seq_id 
_struct_conf.pdbx_PDB_helix_class 
_struct_conf.details 
_struct_conf.pdbx_PDB_helix_length 
HELX_P HELX_P1  1  SER A 6  ? LYS A 23 ? SER A 3  LYS A 20 1 ? 18 
HELX_P HELX_P2  2  THR A 26 ? ASN A 35 ? THR A 23 ASN A 32 1 ? 10 
HELX_P HELX_P3  3  ASP A 37 ? ASN A 47 ? ASP A 34 ASN A 44 1 ? 11 
HELX_P HELX_P4  4  THR A 52 ? GLU A 64 ? THR A 49 GLU A 61 1 ? 13 
HELX_P HELX_P5  5  SER A 66 ? ASP A 82 ? SER A 63 ASP A 79 1 ? 17 
HELX_P HELX_P6  6  SER B 6  ? LYS B 23 ? SER B 3  LYS B 20 1 ? 18 
HELX_P HELX_P7  7  THR B 26 ? ASN B 35 ? THR B 23 ASN B 32 1 ? 10 
HELX_P HELX_P8  8  ASP B 37 ? ASN B 47 ? ASP B 34 ASN B 44 1 ? 11 
HELX_P HELX_P9  9  THR B 52 ? LEU B 63 ? THR B 49 LEU B 60 1 ? 12 
HELX_P HELX_P10 10 SER B 66 ? ASP B 82 ? SER B 63 ASP B 79 1 ? 17 
# 
_struct_conf_type.id          HELX_P 
_struct_conf_type.criteria    ? 
_struct_conf_type.reference   ? 
# 
loop_
_struct_conn.id 
_struct_conn.conn_type_id 
_struct_conn.pdbx_leaving_atom_flag 
_struct_conn.pdbx_PDB_id 
_struct_conn.ptnr1_label_asym_id 
_struct_conn.ptnr1_label_comp_id 
_struct_conn.ptnr1_label_seq_id 
_struct_conn.ptnr1_label_atom_id 
_struct_conn.pdbx_ptnr1_label_alt_id 
_struct_conn.pdbx_ptnr1_PDB_ins_code 
_struct_conn.pdbx_ptnr1_standard_comp_id 
_struct_conn.ptnr1_symmetry 
_struct_conn.ptnr2_label_asym_id 
_struct_conn.ptnr2_label_comp_id 
_struct_conn.ptnr2_label_seq_id 
_struct_conn.ptnr2_label_atom_id 
_struct_conn.pdbx_ptnr2_label_alt_id 
_struct_conn.pdbx_ptnr2_PDB_ins_code 
_struct_conn.ptnr1_auth_asym_id 
_struct_conn.ptnr1_auth_comp_id 
_struct_conn.ptnr1_auth_seq_id 
_struct_conn.ptnr2_auth_asym_id 
_struct_conn.ptnr2_auth_comp_id 
_struct_conn.ptnr2_auth_seq_id 
_struct_conn.ptnr2_symmetry 
_struct_conn.pdbx_ptnr3_label_atom_id 
_struct_conn.pdbx_ptnr3_label_seq_id 
_struct_conn.pdbx_ptnr3_label_comp_id 
_struct_conn.pdbx_ptnr3_label_asym_id 
_struct_conn.pdbx_ptnr3_label_alt_id 
_struct_conn.pdbx_ptnr3_PDB_ins_code 
_struct_conn.details 
_struct_conn.pdbx_dist_value 
_struct_conn.pdbx_value_order 
_struct_conn.pdbx_role 
metalc1 metalc ? ? A SER 42 OG  A ? ? 1_555 D NA  .  NA  ? ? A SER 39  A NA  102 1_555 ? ? ? ? ? ? ? 2.792 ? ? 
metalc2 metalc ? ? D NA  .  NA  ? ? ? 1_555 I HOH .  O   ? ? A NA  102 A HOH 217 1_555 ? ? ? ? ? ? ? 2.034 ? ? 
metalc3 metalc ? ? D NA  .  NA  ? ? ? 1_555 B GLU 28 OE1 B ? A NA  102 B GLU 25  1_555 ? ? ? ? ? ? ? 3.060 ? ? 
metalc4 metalc ? ? D NA  .  NA  ? ? ? 1_555 J HOH .  O   ? ? A NA  102 B HOH 219 1_555 ? ? ? ? ? ? ? 2.765 ? ? 
metalc5 metalc ? ? B TYR 40 OH  ? ? ? 1_555 H NA  .  NA  ? ? B TYR 37  B NA  104 1_555 ? ? ? ? ? ? ? 1.981 ? ? 
metalc6 metalc ? ? B THR 52 OG1 ? ? ? 1_555 H NA  .  NA  ? ? B THR 49  B NA  104 1_555 ? ? ? ? ? ? ? 3.062 ? ? 
metalc7 metalc ? ? B SER 55 OG  ? ? ? 1_555 H NA  .  NA  ? ? B SER 52  B NA  104 1_555 ? ? ? ? ? ? ? 2.834 ? ? 
metalc8 metalc ? ? H NA  .  NA  ? ? ? 1_555 J HOH .  O   ? ? B NA  104 B HOH 244 1_555 ? ? ? ? ? ? ? 2.928 ? ? 
metalc9 metalc ? ? H NA  .  NA  ? ? ? 1_555 J HOH .  O   ? ? B NA  104 B HOH 260 1_555 ? ? ? ? ? ? ? 1.938 ? ? 
# 
_struct_conn_type.id          metalc 
_struct_conn_type.criteria    ? 
_struct_conn_type.reference   ? 
# 
loop_
_pdbx_struct_conn_angle.id 
_pdbx_struct_conn_angle.ptnr1_label_atom_id 
_pdbx_struct_conn_angle.ptnr1_label_alt_id 
_pdbx_struct_conn_angle.ptnr1_label_asym_id 
_pdbx_struct_conn_angle.ptnr1_label_comp_id 
_pdbx_struct_conn_angle.ptnr1_label_seq_id 
_pdbx_struct_conn_angle.ptnr1_auth_atom_id 
_pdbx_struct_conn_angle.ptnr1_auth_asym_id 
_pdbx_struct_conn_angle.ptnr1_auth_comp_id 
_pdbx_struct_conn_angle.ptnr1_auth_seq_id 
_pdbx_struct_conn_angle.ptnr1_PDB_ins_code 
_pdbx_struct_conn_angle.ptnr1_symmetry 
_pdbx_struct_conn_angle.ptnr2_label_atom_id 
_pdbx_struct_conn_angle.ptnr2_label_alt_id 
_pdbx_struct_conn_angle.ptnr2_label_asym_id 
_pdbx_struct_conn_angle.ptnr2_label_comp_id 
_pdbx_struct_conn_angle.ptnr2_label_seq_id 
_pdbx_struct_conn_angle.ptnr2_auth_atom_id 
_pdbx_struct_conn_angle.ptnr2_auth_asym_id 
_pdbx_struct_conn_angle.ptnr2_auth_comp_id 
_pdbx_struct_conn_angle.ptnr2_auth_seq_id 
_pdbx_struct_conn_angle.ptnr2_PDB_ins_code 
_pdbx_struct_conn_angle.ptnr2_symmetry 
_pdbx_struct_conn_angle.ptnr3_label_atom_id 
_pdbx_struct_conn_angle.ptnr3_label_alt_id 
_pdbx_struct_conn_angle.ptnr3_label_asym_id 
_pdbx_struct_conn_angle.ptnr3_label_comp_id 
_pdbx_struct_conn_angle.ptnr3_label_seq_id 
_pdbx_struct_conn_angle.ptnr3_auth_atom_id 
_pdbx_struct_conn_angle.ptnr3_auth_asym_id 
_pdbx_struct_conn_angle.ptnr3_auth_comp_id 
_pdbx_struct_conn_angle.ptnr3_auth_seq_id 
_pdbx_struct_conn_angle.ptnr3_PDB_ins_code 
_pdbx_struct_conn_angle.ptnr3_symmetry 
_pdbx_struct_conn_angle.value 
_pdbx_struct_conn_angle.value_esd 
1  OG  A A SER 42 ? A SER 39  ? 1_555 NA ? D NA . ? A NA 102 ? 1_555 O   ? I HOH .  ? A HOH 217 ? 1_555 70.9  ? 
2  OG  A A SER 42 ? A SER 39  ? 1_555 NA ? D NA . ? A NA 102 ? 1_555 OE1 B B GLU 28 ? B GLU 25  ? 1_555 137.9 ? 
3  O   ? I HOH .  ? A HOH 217 ? 1_555 NA ? D NA . ? A NA 102 ? 1_555 OE1 B B GLU 28 ? B GLU 25  ? 1_555 150.1 ? 
4  OG  A A SER 42 ? A SER 39  ? 1_555 NA ? D NA . ? A NA 102 ? 1_555 O   ? J HOH .  ? B HOH 219 ? 1_555 64.2  ? 
5  O   ? I HOH .  ? A HOH 217 ? 1_555 NA ? D NA . ? A NA 102 ? 1_555 O   ? J HOH .  ? B HOH 219 ? 1_555 134.1 ? 
6  OE1 B B GLU 28 ? B GLU 25  ? 1_555 NA ? D NA . ? A NA 102 ? 1_555 O   ? J HOH .  ? B HOH 219 ? 1_555 73.7  ? 
7  OH  ? B TYR 40 ? B TYR 37  ? 1_555 NA ? H NA . ? B NA 104 ? 1_555 OG1 ? B THR 52 ? B THR 49  ? 1_555 141.3 ? 
8  OH  ? B TYR 40 ? B TYR 37  ? 1_555 NA ? H NA . ? B NA 104 ? 1_555 OG  ? B SER 55 ? B SER 52  ? 1_555 89.9  ? 
9  OG1 ? B THR 52 ? B THR 49  ? 1_555 NA ? H NA . ? B NA 104 ? 1_555 OG  ? B SER 55 ? B SER 52  ? 1_555 65.3  ? 
10 OH  ? B TYR 40 ? B TYR 37  ? 1_555 NA ? H NA . ? B NA 104 ? 1_555 O   ? J HOH .  ? B HOH 244 ? 1_555 120.9 ? 
11 OG1 ? B THR 52 ? B THR 49  ? 1_555 NA ? H NA . ? B NA 104 ? 1_555 O   ? J HOH .  ? B HOH 244 ? 1_555 97.6  ? 
12 OG  ? B SER 55 ? B SER 52  ? 1_555 NA ? H NA . ? B NA 104 ? 1_555 O   ? J HOH .  ? B HOH 244 ? 1_555 120.0 ? 
13 OH  ? B TYR 40 ? B TYR 37  ? 1_555 NA ? H NA . ? B NA 104 ? 1_555 O   ? J HOH .  ? B HOH 260 ? 1_555 81.8  ? 
14 OG1 ? B THR 52 ? B THR 49  ? 1_555 NA ? H NA . ? B NA 104 ? 1_555 O   ? J HOH .  ? B HOH 260 ? 1_555 132.3 ? 
15 OG  ? B SER 55 ? B SER 52  ? 1_555 NA ? H NA . ? B NA 104 ? 1_555 O   ? J HOH .  ? B HOH 260 ? 1_555 155.6 ? 
16 O   ? J HOH .  ? B HOH 244 ? 1_555 NA ? H NA . ? B NA 104 ? 1_555 O   ? J HOH .  ? B HOH 260 ? 1_555 49.3  ? 
# 
loop_
_struct_site.id 
_struct_site.pdbx_evidence_code 
_struct_site.pdbx_auth_asym_id 
_struct_site.pdbx_auth_comp_id 
_struct_site.pdbx_auth_seq_id 
_struct_site.pdbx_auth_ins_code 
_struct_site.pdbx_num_residues 
_struct_site.details 
AC1 Software A SO4 101 ? 8  'BINDING SITE FOR RESIDUE SO4 A 101' 
AC2 Software A NA  102 ? 7  'BINDING SITE FOR RESIDUE NA A 102'  
AC3 Software B SO4 101 ? 4  'BINDING SITE FOR RESIDUE SO4 B 101' 
AC4 Software B SO4 102 ? 10 'BINDING SITE FOR RESIDUE SO4 B 102' 
AC5 Software B SO4 103 ? 7  'BINDING SITE FOR RESIDUE SO4 B 103' 
AC6 Software B NA  104 ? 6  'BINDING SITE FOR RESIDUE NA B 104'  
# 
loop_
_struct_site_gen.id 
_struct_site_gen.site_id 
_struct_site_gen.pdbx_num_res 
_struct_site_gen.label_comp_id 
_struct_site_gen.label_asym_id 
_struct_site_gen.label_seq_id 
_struct_site_gen.pdbx_auth_ins_code 
_struct_site_gen.auth_comp_id 
_struct_site_gen.auth_asym_id 
_struct_site_gen.auth_seq_id 
_struct_site_gen.label_atom_id 
_struct_site_gen.label_alt_id 
_struct_site_gen.symmetry 
_struct_site_gen.details 
1  AC1 8  ARG A 38 ? ARG A 35  . ? 1_555 ? 
2  AC1 8  THR A 39 ? THR A 36  . ? 1_555 ? 
3  AC1 8  SER A 42 ? SER A 39  . ? 1_555 ? 
4  AC1 8  ARG A 46 ? ARG A 43  . ? 1_555 ? 
5  AC1 8  HOH I .  ? HOH A 219 . ? 1_555 ? 
6  AC1 8  HIS B 81 ? HIS B 78  . ? 3_545 ? 
7  AC1 8  HOH J .  ? HOH B 219 . ? 1_555 ? 
8  AC1 8  HOH J .  ? HOH B 226 . ? 3_545 ? 
9  AC2 7  GLN A 27 ? GLN A 24  . ? 1_555 ? 
10 AC2 7  SER A 42 ? SER A 39  . ? 1_555 ? 
11 AC2 7  ARG A 46 ? ARG A 43  . ? 1_555 ? 
12 AC2 7  HOH I .  ? HOH A 217 . ? 1_555 ? 
13 AC2 7  GLU B 28 ? GLU B 25  . ? 1_555 ? 
14 AC2 7  SO4 E .  ? SO4 B 101 . ? 3_545 ? 
15 AC2 7  HOH J .  ? HOH B 219 . ? 1_555 ? 
16 AC3 4  ARG A 46 ? ARG A 43  . ? 3_455 ? 
17 AC3 4  NA  D .  ? NA  A 102 . ? 3_455 ? 
18 AC3 4  GLU B 28 ? GLU B 25  . ? 3_455 ? 
19 AC3 4  HIS B 81 ? HIS B 78  . ? 1_555 ? 
20 AC4 10 ARG A 20 ? ARG A 17  . ? 1_555 ? 
21 AC4 10 THR A 26 ? THR A 23  . ? 1_555 ? 
22 AC4 10 GLN A 27 ? GLN A 24  . ? 1_555 ? 
23 AC4 10 THR B 26 ? THR B 23  . ? 1_555 ? 
24 AC4 10 GLN B 27 ? GLN B 24  . ? 1_555 ? 
25 AC4 10 GLU B 28 ? GLU B 25  . ? 1_555 ? 
26 AC4 10 ARG B 38 ? ARG B 35  . ? 1_555 ? 
27 AC4 10 HOH J .  ? HOH B 202 . ? 1_555 ? 
28 AC4 10 HOH J .  ? HOH B 203 . ? 1_555 ? 
29 AC4 10 HOH J .  ? HOH B 211 . ? 1_555 ? 
30 AC5 7  GLU A 28 ? GLU A 25  . ? 1_555 ? 
31 AC5 7  HIS A 81 ? HIS A 78  . ? 3_445 ? 
32 AC5 7  ARG B 38 ? ARG B 35  . ? 1_555 ? 
33 AC5 7  THR B 39 ? THR B 36  . ? 1_555 ? 
34 AC5 7  SER B 42 ? SER B 39  . ? 1_555 ? 
35 AC5 7  ARG B 46 ? ARG B 43  . ? 1_555 ? 
36 AC5 7  HOH J .  ? HOH B 224 . ? 1_555 ? 
37 AC6 6  TYR B 40 ? TYR B 37  . ? 1_555 ? 
38 AC6 6  ASN B 50 ? ASN B 47  . ? 1_555 ? 
39 AC6 6  THR B 52 ? THR B 49  . ? 1_555 ? 
40 AC6 6  SER B 55 ? SER B 52  . ? 1_555 ? 
41 AC6 6  HOH J .  ? HOH B 244 . ? 1_555 ? 
42 AC6 6  HOH J .  ? HOH B 260 . ? 1_555 ? 
# 
_pdbx_validate_close_contact.id               1 
_pdbx_validate_close_contact.PDB_model_num    1 
_pdbx_validate_close_contact.auth_atom_id_1   O 
_pdbx_validate_close_contact.auth_asym_id_1   A 
_pdbx_validate_close_contact.auth_comp_id_1   HOH 
_pdbx_validate_close_contact.auth_seq_id_1    257 
_pdbx_validate_close_contact.PDB_ins_code_1   ? 
_pdbx_validate_close_contact.label_alt_id_1   ? 
_pdbx_validate_close_contact.auth_atom_id_2   O 
_pdbx_validate_close_contact.auth_asym_id_2   B 
_pdbx_validate_close_contact.auth_comp_id_2   HOH 
_pdbx_validate_close_contact.auth_seq_id_2    248 
_pdbx_validate_close_contact.PDB_ins_code_2   ? 
_pdbx_validate_close_contact.label_alt_id_2   ? 
_pdbx_validate_close_contact.dist             2.19 
# 
loop_
_pdbx_validate_rmsd_bond.id 
_pdbx_validate_rmsd_bond.PDB_model_num 
_pdbx_validate_rmsd_bond.auth_atom_id_1 
_pdbx_validate_rmsd_bond.auth_asym_id_1 
_pdbx_validate_rmsd_bond.auth_comp_id_1 
_pdbx_validate_rmsd_bond.auth_seq_id_1 
_pdbx_validate_rmsd_bond.PDB_ins_code_1 
_pdbx_validate_rmsd_bond.label_alt_id_1 
_pdbx_validate_rmsd_bond.auth_atom_id_2 
_pdbx_validate_rmsd_bond.auth_asym_id_2 
_pdbx_validate_rmsd_bond.auth_comp_id_2 
_pdbx_validate_rmsd_bond.auth_seq_id_2 
_pdbx_validate_rmsd_bond.PDB_ins_code_2 
_pdbx_validate_rmsd_bond.label_alt_id_2 
_pdbx_validate_rmsd_bond.bond_value 
_pdbx_validate_rmsd_bond.bond_target_value 
_pdbx_validate_rmsd_bond.bond_deviation 
_pdbx_validate_rmsd_bond.bond_standard_deviation 
_pdbx_validate_rmsd_bond.linker_flag 
1 1 CE A LYS 58 ? ? NZ  A LYS 58 ? ? 1.679 1.486 0.193  0.025 N 
2 1 CD B GLU 2  ? ? OE2 B GLU 2  ? ? 1.353 1.252 0.101  0.011 N 
3 1 CB B ASP 34 ? ? CG  B ASP 34 ? ? 1.385 1.513 -0.128 0.021 N 
# 
loop_
_pdbx_validate_rmsd_angle.id 
_pdbx_validate_rmsd_angle.PDB_model_num 
_pdbx_validate_rmsd_angle.auth_atom_id_1 
_pdbx_validate_rmsd_angle.auth_asym_id_1 
_pdbx_validate_rmsd_angle.auth_comp_id_1 
_pdbx_validate_rmsd_angle.auth_seq_id_1 
_pdbx_validate_rmsd_angle.PDB_ins_code_1 
_pdbx_validate_rmsd_angle.label_alt_id_1 
_pdbx_validate_rmsd_angle.auth_atom_id_2 
_pdbx_validate_rmsd_angle.auth_asym_id_2 
_pdbx_validate_rmsd_angle.auth_comp_id_2 
_pdbx_validate_rmsd_angle.auth_seq_id_2 
_pdbx_validate_rmsd_angle.PDB_ins_code_2 
_pdbx_validate_rmsd_angle.label_alt_id_2 
_pdbx_validate_rmsd_angle.auth_atom_id_3 
_pdbx_validate_rmsd_angle.auth_asym_id_3 
_pdbx_validate_rmsd_angle.auth_comp_id_3 
_pdbx_validate_rmsd_angle.auth_seq_id_3 
_pdbx_validate_rmsd_angle.PDB_ins_code_3 
_pdbx_validate_rmsd_angle.label_alt_id_3 
_pdbx_validate_rmsd_angle.angle_value 
_pdbx_validate_rmsd_angle.angle_target_value 
_pdbx_validate_rmsd_angle.angle_deviation 
_pdbx_validate_rmsd_angle.angle_standard_deviation 
_pdbx_validate_rmsd_angle.linker_flag 
1 1 CB A ASP 34 ? ? CG A ASP 34 ? ? OD1 A ASP 34 ? ? 126.68 118.30 8.38  0.90 N 
2 1 NE A ARG 43 ? A CZ A ARG 43 ? A NH2 A ARG 43 ? A 116.65 120.30 -3.65 0.50 N 
3 1 CB A ASP 64 ? ? CG A ASP 64 ? ? OD1 A ASP 64 ? ? 125.20 118.30 6.90  0.90 N 
4 1 CB B ASP 34 ? ? CG B ASP 34 ? ? OD1 B ASP 34 ? ? 125.53 118.30 7.23  0.90 N 
5 1 CB B ASP 64 ? ? CG B ASP 64 ? ? OD1 B ASP 64 ? ? 124.56 118.30 6.26  0.90 N 
# 
_pdbx_validate_planes.id              1 
_pdbx_validate_planes.PDB_model_num   1 
_pdbx_validate_planes.auth_comp_id    ASN 
_pdbx_validate_planes.auth_asym_id    B 
_pdbx_validate_planes.auth_seq_id     32 
_pdbx_validate_planes.PDB_ins_code    ? 
_pdbx_validate_planes.label_alt_id    ? 
_pdbx_validate_planes.rmsd            0.072 
_pdbx_validate_planes.type            'SIDE CHAIN' 
# 
_pdbx_phasing_MR.entry_id                     4F8D 
_pdbx_phasing_MR.method_rotation              ? 
_pdbx_phasing_MR.method_translation           ? 
_pdbx_phasing_MR.model_details                'Phaser MODE: MR_AUTO' 
_pdbx_phasing_MR.R_factor                     ? 
_pdbx_phasing_MR.R_rigid_body                 ? 
_pdbx_phasing_MR.correlation_coeff_Fo_to_Fc   ? 
_pdbx_phasing_MR.correlation_coeff_Io_to_Ic   ? 
_pdbx_phasing_MR.d_res_high_rotation          ? 
_pdbx_phasing_MR.d_res_low_rotation           ? 
_pdbx_phasing_MR.d_res_high_translation       ? 
_pdbx_phasing_MR.d_res_low_translation        ? 
_pdbx_phasing_MR.packing                      ? 
_pdbx_phasing_MR.reflns_percent_rotation      ? 
_pdbx_phasing_MR.reflns_percent_translation   ? 
_pdbx_phasing_MR.sigma_F_rotation             ? 
_pdbx_phasing_MR.sigma_F_translation          ? 
_pdbx_phasing_MR.sigma_I_rotation             ? 
_pdbx_phasing_MR.sigma_I_translation          ? 
# 
_phasing.method   MR 
# 
loop_
_pdbx_unobs_or_zero_occ_residues.id 
_pdbx_unobs_or_zero_occ_residues.PDB_model_num 
_pdbx_unobs_or_zero_occ_residues.polymer_flag 
_pdbx_unobs_or_zero_occ_residues.occupancy_flag 
_pdbx_unobs_or_zero_occ_residues.auth_asym_id 
_pdbx_unobs_or_zero_occ_residues.auth_comp_id 
_pdbx_unobs_or_zero_occ_residues.auth_seq_id 
_pdbx_unobs_or_zero_occ_residues.PDB_ins_code 
_pdbx_unobs_or_zero_occ_residues.label_asym_id 
_pdbx_unobs_or_zero_occ_residues.label_comp_id 
_pdbx_unobs_or_zero_occ_residues.label_seq_id 
1 1 Y 1 A GLY -2 ? A GLY 1 
2 1 Y 1 A SER -1 ? A SER 2 
3 1 Y 1 A HIS 0  ? A HIS 3 
4 1 Y 1 A MET 1  ? A MET 4 
5 1 Y 1 B GLY -2 ? B GLY 1 
6 1 Y 1 B SER -1 ? B SER 2 
7 1 Y 1 B HIS 0  ? B HIS 3 
8 1 Y 1 B MET 1  ? B MET 4 
# 
loop_
_chem_comp_atom.comp_id 
_chem_comp_atom.atom_id 
_chem_comp_atom.type_symbol 
_chem_comp_atom.pdbx_aromatic_flag 
_chem_comp_atom.pdbx_stereo_config 
_chem_comp_atom.pdbx_ordinal 
ALA N    N  N N 1   
ALA CA   C  N S 2   
ALA C    C  N N 3   
ALA O    O  N N 4   
ALA CB   C  N N 5   
ALA OXT  O  N N 6   
ALA H    H  N N 7   
ALA H2   H  N N 8   
ALA HA   H  N N 9   
ALA HB1  H  N N 10  
ALA HB2  H  N N 11  
ALA HB3  H  N N 12  
ALA HXT  H  N N 13  
ARG N    N  N N 14  
ARG CA   C  N S 15  
ARG C    C  N N 16  
ARG O    O  N N 17  
ARG CB   C  N N 18  
ARG CG   C  N N 19  
ARG CD   C  N N 20  
ARG NE   N  N N 21  
ARG CZ   C  N N 22  
ARG NH1  N  N N 23  
ARG NH2  N  N N 24  
ARG OXT  O  N N 25  
ARG H    H  N N 26  
ARG H2   H  N N 27  
ARG HA   H  N N 28  
ARG HB2  H  N N 29  
ARG HB3  H  N N 30  
ARG HG2  H  N N 31  
ARG HG3  H  N N 32  
ARG HD2  H  N N 33  
ARG HD3  H  N N 34  
ARG HE   H  N N 35  
ARG HH11 H  N N 36  
ARG HH12 H  N N 37  
ARG HH21 H  N N 38  
ARG HH22 H  N N 39  
ARG HXT  H  N N 40  
ASN N    N  N N 41  
ASN CA   C  N S 42  
ASN C    C  N N 43  
ASN O    O  N N 44  
ASN CB   C  N N 45  
ASN CG   C  N N 46  
ASN OD1  O  N N 47  
ASN ND2  N  N N 48  
ASN OXT  O  N N 49  
ASN H    H  N N 50  
ASN H2   H  N N 51  
ASN HA   H  N N 52  
ASN HB2  H  N N 53  
ASN HB3  H  N N 54  
ASN HD21 H  N N 55  
ASN HD22 H  N N 56  
ASN HXT  H  N N 57  
ASP N    N  N N 58  
ASP CA   C  N S 59  
ASP C    C  N N 60  
ASP O    O  N N 61  
ASP CB   C  N N 62  
ASP CG   C  N N 63  
ASP OD1  O  N N 64  
ASP OD2  O  N N 65  
ASP OXT  O  N N 66  
ASP H    H  N N 67  
ASP H2   H  N N 68  
ASP HA   H  N N 69  
ASP HB2  H  N N 70  
ASP HB3  H  N N 71  
ASP HD2  H  N N 72  
ASP HXT  H  N N 73  
GLN N    N  N N 74  
GLN CA   C  N S 75  
GLN C    C  N N 76  
GLN O    O  N N 77  
GLN CB   C  N N 78  
GLN CG   C  N N 79  
GLN CD   C  N N 80  
GLN OE1  O  N N 81  
GLN NE2  N  N N 82  
GLN OXT  O  N N 83  
GLN H    H  N N 84  
GLN H2   H  N N 85  
GLN HA   H  N N 86  
GLN HB2  H  N N 87  
GLN HB3  H  N N 88  
GLN HG2  H  N N 89  
GLN HG3  H  N N 90  
GLN HE21 H  N N 91  
GLN HE22 H  N N 92  
GLN HXT  H  N N 93  
GLU N    N  N N 94  
GLU CA   C  N S 95  
GLU C    C  N N 96  
GLU O    O  N N 97  
GLU CB   C  N N 98  
GLU CG   C  N N 99  
GLU CD   C  N N 100 
GLU OE1  O  N N 101 
GLU OE2  O  N N 102 
GLU OXT  O  N N 103 
GLU H    H  N N 104 
GLU H2   H  N N 105 
GLU HA   H  N N 106 
GLU HB2  H  N N 107 
GLU HB3  H  N N 108 
GLU HG2  H  N N 109 
GLU HG3  H  N N 110 
GLU HE2  H  N N 111 
GLU HXT  H  N N 112 
GLY N    N  N N 113 
GLY CA   C  N N 114 
GLY C    C  N N 115 
GLY O    O  N N 116 
GLY OXT  O  N N 117 
GLY H    H  N N 118 
GLY H2   H  N N 119 
GLY HA2  H  N N 120 
GLY HA3  H  N N 121 
GLY HXT  H  N N 122 
HIS N    N  N N 123 
HIS CA   C  N S 124 
HIS C    C  N N 125 
HIS O    O  N N 126 
HIS CB   C  N N 127 
HIS CG   C  Y N 128 
HIS ND1  N  Y N 129 
HIS CD2  C  Y N 130 
HIS CE1  C  Y N 131 
HIS NE2  N  Y N 132 
HIS OXT  O  N N 133 
HIS H    H  N N 134 
HIS H2   H  N N 135 
HIS HA   H  N N 136 
HIS HB2  H  N N 137 
HIS HB3  H  N N 138 
HIS HD1  H  N N 139 
HIS HD2  H  N N 140 
HIS HE1  H  N N 141 
HIS HE2  H  N N 142 
HIS HXT  H  N N 143 
HOH O    O  N N 144 
HOH H1   H  N N 145 
HOH H2   H  N N 146 
ILE N    N  N N 147 
ILE CA   C  N S 148 
ILE C    C  N N 149 
ILE O    O  N N 150 
ILE CB   C  N S 151 
ILE CG1  C  N N 152 
ILE CG2  C  N N 153 
ILE CD1  C  N N 154 
ILE OXT  O  N N 155 
ILE H    H  N N 156 
ILE H2   H  N N 157 
ILE HA   H  N N 158 
ILE HB   H  N N 159 
ILE HG12 H  N N 160 
ILE HG13 H  N N 161 
ILE HG21 H  N N 162 
ILE HG22 H  N N 163 
ILE HG23 H  N N 164 
ILE HD11 H  N N 165 
ILE HD12 H  N N 166 
ILE HD13 H  N N 167 
ILE HXT  H  N N 168 
LEU N    N  N N 169 
LEU CA   C  N S 170 
LEU C    C  N N 171 
LEU O    O  N N 172 
LEU CB   C  N N 173 
LEU CG   C  N N 174 
LEU CD1  C  N N 175 
LEU CD2  C  N N 176 
LEU OXT  O  N N 177 
LEU H    H  N N 178 
LEU H2   H  N N 179 
LEU HA   H  N N 180 
LEU HB2  H  N N 181 
LEU HB3  H  N N 182 
LEU HG   H  N N 183 
LEU HD11 H  N N 184 
LEU HD12 H  N N 185 
LEU HD13 H  N N 186 
LEU HD21 H  N N 187 
LEU HD22 H  N N 188 
LEU HD23 H  N N 189 
LEU HXT  H  N N 190 
LYS N    N  N N 191 
LYS CA   C  N S 192 
LYS C    C  N N 193 
LYS O    O  N N 194 
LYS CB   C  N N 195 
LYS CG   C  N N 196 
LYS CD   C  N N 197 
LYS CE   C  N N 198 
LYS NZ   N  N N 199 
LYS OXT  O  N N 200 
LYS H    H  N N 201 
LYS H2   H  N N 202 
LYS HA   H  N N 203 
LYS HB2  H  N N 204 
LYS HB3  H  N N 205 
LYS HG2  H  N N 206 
LYS HG3  H  N N 207 
LYS HD2  H  N N 208 
LYS HD3  H  N N 209 
LYS HE2  H  N N 210 
LYS HE3  H  N N 211 
LYS HZ1  H  N N 212 
LYS HZ2  H  N N 213 
LYS HZ3  H  N N 214 
LYS HXT  H  N N 215 
MET N    N  N N 216 
MET CA   C  N S 217 
MET C    C  N N 218 
MET O    O  N N 219 
MET CB   C  N N 220 
MET CG   C  N N 221 
MET SD   S  N N 222 
MET CE   C  N N 223 
MET OXT  O  N N 224 
MET H    H  N N 225 
MET H2   H  N N 226 
MET HA   H  N N 227 
MET HB2  H  N N 228 
MET HB3  H  N N 229 
MET HG2  H  N N 230 
MET HG3  H  N N 231 
MET HE1  H  N N 232 
MET HE2  H  N N 233 
MET HE3  H  N N 234 
MET HXT  H  N N 235 
NA  NA   NA N N 236 
PHE N    N  N N 237 
PHE CA   C  N S 238 
PHE C    C  N N 239 
PHE O    O  N N 240 
PHE CB   C  N N 241 
PHE CG   C  Y N 242 
PHE CD1  C  Y N 243 
PHE CD2  C  Y N 244 
PHE CE1  C  Y N 245 
PHE CE2  C  Y N 246 
PHE CZ   C  Y N 247 
PHE OXT  O  N N 248 
PHE H    H  N N 249 
PHE H2   H  N N 250 
PHE HA   H  N N 251 
PHE HB2  H  N N 252 
PHE HB3  H  N N 253 
PHE HD1  H  N N 254 
PHE HD2  H  N N 255 
PHE HE1  H  N N 256 
PHE HE2  H  N N 257 
PHE HZ   H  N N 258 
PHE HXT  H  N N 259 
SER N    N  N N 260 
SER CA   C  N S 261 
SER C    C  N N 262 
SER O    O  N N 263 
SER CB   C  N N 264 
SER OG   O  N N 265 
SER OXT  O  N N 266 
SER H    H  N N 267 
SER H2   H  N N 268 
SER HA   H  N N 269 
SER HB2  H  N N 270 
SER HB3  H  N N 271 
SER HG   H  N N 272 
SER HXT  H  N N 273 
SO4 S    S  N N 274 
SO4 O1   O  N N 275 
SO4 O2   O  N N 276 
SO4 O3   O  N N 277 
SO4 O4   O  N N 278 
THR N    N  N N 279 
THR CA   C  N S 280 
THR C    C  N N 281 
THR O    O  N N 282 
THR CB   C  N R 283 
THR OG1  O  N N 284 
THR CG2  C  N N 285 
THR OXT  O  N N 286 
THR H    H  N N 287 
THR H2   H  N N 288 
THR HA   H  N N 289 
THR HB   H  N N 290 
THR HG1  H  N N 291 
THR HG21 H  N N 292 
THR HG22 H  N N 293 
THR HG23 H  N N 294 
THR HXT  H  N N 295 
TYR N    N  N N 296 
TYR CA   C  N S 297 
TYR C    C  N N 298 
TYR O    O  N N 299 
TYR CB   C  N N 300 
TYR CG   C  Y N 301 
TYR CD1  C  Y N 302 
TYR CD2  C  Y N 303 
TYR CE1  C  Y N 304 
TYR CE2  C  Y N 305 
TYR CZ   C  Y N 306 
TYR OH   O  N N 307 
TYR OXT  O  N N 308 
TYR H    H  N N 309 
TYR H2   H  N N 310 
TYR HA   H  N N 311 
TYR HB2  H  N N 312 
TYR HB3  H  N N 313 
TYR HD1  H  N N 314 
TYR HD2  H  N N 315 
TYR HE1  H  N N 316 
TYR HE2  H  N N 317 
TYR HH   H  N N 318 
TYR HXT  H  N N 319 
VAL N    N  N N 320 
VAL CA   C  N S 321 
VAL C    C  N N 322 
VAL O    O  N N 323 
VAL CB   C  N N 324 
VAL CG1  C  N N 325 
VAL CG2  C  N N 326 
VAL OXT  O  N N 327 
VAL H    H  N N 328 
VAL H2   H  N N 329 
VAL HA   H  N N 330 
VAL HB   H  N N 331 
VAL HG11 H  N N 332 
VAL HG12 H  N N 333 
VAL HG13 H  N N 334 
VAL HG21 H  N N 335 
VAL HG22 H  N N 336 
VAL HG23 H  N N 337 
VAL HXT  H  N N 338 
# 
loop_
_chem_comp_bond.comp_id 
_chem_comp_bond.atom_id_1 
_chem_comp_bond.atom_id_2 
_chem_comp_bond.value_order 
_chem_comp_bond.pdbx_aromatic_flag 
_chem_comp_bond.pdbx_stereo_config 
_chem_comp_bond.pdbx_ordinal 
ALA N   CA   sing N N 1   
ALA N   H    sing N N 2   
ALA N   H2   sing N N 3   
ALA CA  C    sing N N 4   
ALA CA  CB   sing N N 5   
ALA CA  HA   sing N N 6   
ALA C   O    doub N N 7   
ALA C   OXT  sing N N 8   
ALA CB  HB1  sing N N 9   
ALA CB  HB2  sing N N 10  
ALA CB  HB3  sing N N 11  
ALA OXT HXT  sing N N 12  
ARG N   CA   sing N N 13  
ARG N   H    sing N N 14  
ARG N   H2   sing N N 15  
ARG CA  C    sing N N 16  
ARG CA  CB   sing N N 17  
ARG CA  HA   sing N N 18  
ARG C   O    doub N N 19  
ARG C   OXT  sing N N 20  
ARG CB  CG   sing N N 21  
ARG CB  HB2  sing N N 22  
ARG CB  HB3  sing N N 23  
ARG CG  CD   sing N N 24  
ARG CG  HG2  sing N N 25  
ARG CG  HG3  sing N N 26  
ARG CD  NE   sing N N 27  
ARG CD  HD2  sing N N 28  
ARG CD  HD3  sing N N 29  
ARG NE  CZ   sing N N 30  
ARG NE  HE   sing N N 31  
ARG CZ  NH1  sing N N 32  
ARG CZ  NH2  doub N N 33  
ARG NH1 HH11 sing N N 34  
ARG NH1 HH12 sing N N 35  
ARG NH2 HH21 sing N N 36  
ARG NH2 HH22 sing N N 37  
ARG OXT HXT  sing N N 38  
ASN N   CA   sing N N 39  
ASN N   H    sing N N 40  
ASN N   H2   sing N N 41  
ASN CA  C    sing N N 42  
ASN CA  CB   sing N N 43  
ASN CA  HA   sing N N 44  
ASN C   O    doub N N 45  
ASN C   OXT  sing N N 46  
ASN CB  CG   sing N N 47  
ASN CB  HB2  sing N N 48  
ASN CB  HB3  sing N N 49  
ASN CG  OD1  doub N N 50  
ASN CG  ND2  sing N N 51  
ASN ND2 HD21 sing N N 52  
ASN ND2 HD22 sing N N 53  
ASN OXT HXT  sing N N 54  
ASP N   CA   sing N N 55  
ASP N   H    sing N N 56  
ASP N   H2   sing N N 57  
ASP CA  C    sing N N 58  
ASP CA  CB   sing N N 59  
ASP CA  HA   sing N N 60  
ASP C   O    doub N N 61  
ASP C   OXT  sing N N 62  
ASP CB  CG   sing N N 63  
ASP CB  HB2  sing N N 64  
ASP CB  HB3  sing N N 65  
ASP CG  OD1  doub N N 66  
ASP CG  OD2  sing N N 67  
ASP OD2 HD2  sing N N 68  
ASP OXT HXT  sing N N 69  
GLN N   CA   sing N N 70  
GLN N   H    sing N N 71  
GLN N   H2   sing N N 72  
GLN CA  C    sing N N 73  
GLN CA  CB   sing N N 74  
GLN CA  HA   sing N N 75  
GLN C   O    doub N N 76  
GLN C   OXT  sing N N 77  
GLN CB  CG   sing N N 78  
GLN CB  HB2  sing N N 79  
GLN CB  HB3  sing N N 80  
GLN CG  CD   sing N N 81  
GLN CG  HG2  sing N N 82  
GLN CG  HG3  sing N N 83  
GLN CD  OE1  doub N N 84  
GLN CD  NE2  sing N N 85  
GLN NE2 HE21 sing N N 86  
GLN NE2 HE22 sing N N 87  
GLN OXT HXT  sing N N 88  
GLU N   CA   sing N N 89  
GLU N   H    sing N N 90  
GLU N   H2   sing N N 91  
GLU CA  C    sing N N 92  
GLU CA  CB   sing N N 93  
GLU CA  HA   sing N N 94  
GLU C   O    doub N N 95  
GLU C   OXT  sing N N 96  
GLU CB  CG   sing N N 97  
GLU CB  HB2  sing N N 98  
GLU CB  HB3  sing N N 99  
GLU CG  CD   sing N N 100 
GLU CG  HG2  sing N N 101 
GLU CG  HG3  sing N N 102 
GLU CD  OE1  doub N N 103 
GLU CD  OE2  sing N N 104 
GLU OE2 HE2  sing N N 105 
GLU OXT HXT  sing N N 106 
GLY N   CA   sing N N 107 
GLY N   H    sing N N 108 
GLY N   H2   sing N N 109 
GLY CA  C    sing N N 110 
GLY CA  HA2  sing N N 111 
GLY CA  HA3  sing N N 112 
GLY C   O    doub N N 113 
GLY C   OXT  sing N N 114 
GLY OXT HXT  sing N N 115 
HIS N   CA   sing N N 116 
HIS N   H    sing N N 117 
HIS N   H2   sing N N 118 
HIS CA  C    sing N N 119 
HIS CA  CB   sing N N 120 
HIS CA  HA   sing N N 121 
HIS C   O    doub N N 122 
HIS C   OXT  sing N N 123 
HIS CB  CG   sing N N 124 
HIS CB  HB2  sing N N 125 
HIS CB  HB3  sing N N 126 
HIS CG  ND1  sing Y N 127 
HIS CG  CD2  doub Y N 128 
HIS ND1 CE1  doub Y N 129 
HIS ND1 HD1  sing N N 130 
HIS CD2 NE2  sing Y N 131 
HIS CD2 HD2  sing N N 132 
HIS CE1 NE2  sing Y N 133 
HIS CE1 HE1  sing N N 134 
HIS NE2 HE2  sing N N 135 
HIS OXT HXT  sing N N 136 
HOH O   H1   sing N N 137 
HOH O   H2   sing N N 138 
ILE N   CA   sing N N 139 
ILE N   H    sing N N 140 
ILE N   H2   sing N N 141 
ILE CA  C    sing N N 142 
ILE CA  CB   sing N N 143 
ILE CA  HA   sing N N 144 
ILE C   O    doub N N 145 
ILE C   OXT  sing N N 146 
ILE CB  CG1  sing N N 147 
ILE CB  CG2  sing N N 148 
ILE CB  HB   sing N N 149 
ILE CG1 CD1  sing N N 150 
ILE CG1 HG12 sing N N 151 
ILE CG1 HG13 sing N N 152 
ILE CG2 HG21 sing N N 153 
ILE CG2 HG22 sing N N 154 
ILE CG2 HG23 sing N N 155 
ILE CD1 HD11 sing N N 156 
ILE CD1 HD12 sing N N 157 
ILE CD1 HD13 sing N N 158 
ILE OXT HXT  sing N N 159 
LEU N   CA   sing N N 160 
LEU N   H    sing N N 161 
LEU N   H2   sing N N 162 
LEU CA  C    sing N N 163 
LEU CA  CB   sing N N 164 
LEU CA  HA   sing N N 165 
LEU C   O    doub N N 166 
LEU C   OXT  sing N N 167 
LEU CB  CG   sing N N 168 
LEU CB  HB2  sing N N 169 
LEU CB  HB3  sing N N 170 
LEU CG  CD1  sing N N 171 
LEU CG  CD2  sing N N 172 
LEU CG  HG   sing N N 173 
LEU CD1 HD11 sing N N 174 
LEU CD1 HD12 sing N N 175 
LEU CD1 HD13 sing N N 176 
LEU CD2 HD21 sing N N 177 
LEU CD2 HD22 sing N N 178 
LEU CD2 HD23 sing N N 179 
LEU OXT HXT  sing N N 180 
LYS N   CA   sing N N 181 
LYS N   H    sing N N 182 
LYS N   H2   sing N N 183 
LYS CA  C    sing N N 184 
LYS CA  CB   sing N N 185 
LYS CA  HA   sing N N 186 
LYS C   O    doub N N 187 
LYS C   OXT  sing N N 188 
LYS CB  CG   sing N N 189 
LYS CB  HB2  sing N N 190 
LYS CB  HB3  sing N N 191 
LYS CG  CD   sing N N 192 
LYS CG  HG2  sing N N 193 
LYS CG  HG3  sing N N 194 
LYS CD  CE   sing N N 195 
LYS CD  HD2  sing N N 196 
LYS CD  HD3  sing N N 197 
LYS CE  NZ   sing N N 198 
LYS CE  HE2  sing N N 199 
LYS CE  HE3  sing N N 200 
LYS NZ  HZ1  sing N N 201 
LYS NZ  HZ2  sing N N 202 
LYS NZ  HZ3  sing N N 203 
LYS OXT HXT  sing N N 204 
MET N   CA   sing N N 205 
MET N   H    sing N N 206 
MET N   H2   sing N N 207 
MET CA  C    sing N N 208 
MET CA  CB   sing N N 209 
MET CA  HA   sing N N 210 
MET C   O    doub N N 211 
MET C   OXT  sing N N 212 
MET CB  CG   sing N N 213 
MET CB  HB2  sing N N 214 
MET CB  HB3  sing N N 215 
MET CG  SD   sing N N 216 
MET CG  HG2  sing N N 217 
MET CG  HG3  sing N N 218 
MET SD  CE   sing N N 219 
MET CE  HE1  sing N N 220 
MET CE  HE2  sing N N 221 
MET CE  HE3  sing N N 222 
MET OXT HXT  sing N N 223 
PHE N   CA   sing N N 224 
PHE N   H    sing N N 225 
PHE N   H2   sing N N 226 
PHE CA  C    sing N N 227 
PHE CA  CB   sing N N 228 
PHE CA  HA   sing N N 229 
PHE C   O    doub N N 230 
PHE C   OXT  sing N N 231 
PHE CB  CG   sing N N 232 
PHE CB  HB2  sing N N 233 
PHE CB  HB3  sing N N 234 
PHE CG  CD1  doub Y N 235 
PHE CG  CD2  sing Y N 236 
PHE CD1 CE1  sing Y N 237 
PHE CD1 HD1  sing N N 238 
PHE CD2 CE2  doub Y N 239 
PHE CD2 HD2  sing N N 240 
PHE CE1 CZ   doub Y N 241 
PHE CE1 HE1  sing N N 242 
PHE CE2 CZ   sing Y N 243 
PHE CE2 HE2  sing N N 244 
PHE CZ  HZ   sing N N 245 
PHE OXT HXT  sing N N 246 
SER N   CA   sing N N 247 
SER N   H    sing N N 248 
SER N   H2   sing N N 249 
SER CA  C    sing N N 250 
SER CA  CB   sing N N 251 
SER CA  HA   sing N N 252 
SER C   O    doub N N 253 
SER C   OXT  sing N N 254 
SER CB  OG   sing N N 255 
SER CB  HB2  sing N N 256 
SER CB  HB3  sing N N 257 
SER OG  HG   sing N N 258 
SER OXT HXT  sing N N 259 
SO4 S   O1   doub N N 260 
SO4 S   O2   doub N N 261 
SO4 S   O3   sing N N 262 
SO4 S   O4   sing N N 263 
THR N   CA   sing N N 264 
THR N   H    sing N N 265 
THR N   H2   sing N N 266 
THR CA  C    sing N N 267 
THR CA  CB   sing N N 268 
THR CA  HA   sing N N 269 
THR C   O    doub N N 270 
THR C   OXT  sing N N 271 
THR CB  OG1  sing N N 272 
THR CB  CG2  sing N N 273 
THR CB  HB   sing N N 274 
THR OG1 HG1  sing N N 275 
THR CG2 HG21 sing N N 276 
THR CG2 HG22 sing N N 277 
THR CG2 HG23 sing N N 278 
THR OXT HXT  sing N N 279 
TYR N   CA   sing N N 280 
TYR N   H    sing N N 281 
TYR N   H2   sing N N 282 
TYR CA  C    sing N N 283 
TYR CA  CB   sing N N 284 
TYR CA  HA   sing N N 285 
TYR C   O    doub N N 286 
TYR C   OXT  sing N N 287 
TYR CB  CG   sing N N 288 
TYR CB  HB2  sing N N 289 
TYR CB  HB3  sing N N 290 
TYR CG  CD1  doub Y N 291 
TYR CG  CD2  sing Y N 292 
TYR CD1 CE1  sing Y N 293 
TYR CD1 HD1  sing N N 294 
TYR CD2 CE2  doub Y N 295 
TYR CD2 HD2  sing N N 296 
TYR CE1 CZ   doub Y N 297 
TYR CE1 HE1  sing N N 298 
TYR CE2 CZ   sing Y N 299 
TYR CE2 HE2  sing N N 300 
TYR CZ  OH   sing N N 301 
TYR OH  HH   sing N N 302 
TYR OXT HXT  sing N N 303 
VAL N   CA   sing N N 304 
VAL N   H    sing N N 305 
VAL N   H2   sing N N 306 
VAL CA  C    sing N N 307 
VAL CA  CB   sing N N 308 
VAL CA  HA   sing N N 309 
VAL C   O    doub N N 310 
VAL C   OXT  sing N N 311 
VAL CB  CG1  sing N N 312 
VAL CB  CG2  sing N N 313 
VAL CB  HB   sing N N 314 
VAL CG1 HG11 sing N N 315 
VAL CG1 HG12 sing N N 316 
VAL CG1 HG13 sing N N 317 
VAL CG2 HG21 sing N N 318 
VAL CG2 HG22 sing N N 319 
VAL CG2 HG23 sing N N 320 
VAL OXT HXT  sing N N 321 
# 
_atom_sites.entry_id                    4F8D 
_atom_sites.fract_transf_matrix[1][1]   -0.00266605 
_atom_sites.fract_transf_matrix[1][2]   -0.00803510 
_atom_sites.fract_transf_matrix[1][3]   -0.01997597 
_atom_sites.fract_transf_matrix[2][1]   -0.01224284 
_atom_sites.fract_transf_matrix[2][2]   0.01471552 
_atom_sites.fract_transf_matrix[2][3]   -0.00424738 
_atom_sites.fract_transf_matrix[3][1]   0.01014721 
_atom_sites.fract_transf_matrix[3][2]   0.00677478 
_atom_sites.fract_transf_matrix[3][3]   -0.00576407 
_atom_sites.fract_transf_vector[1]      -0.240668 
_atom_sites.fract_transf_vector[2]      0.021216 
_atom_sites.fract_transf_vector[3]      -0.250887 
# 
loop_
_atom_type.symbol 
C  
N  
NA 
O  
S  
# 
loop_
_atom_site.group_PDB 
_atom_site.id 
_atom_site.type_symbol 
_atom_site.label_atom_id 
_atom_site.label_alt_id 
_atom_site.label_comp_id 
_atom_site.label_asym_id 
_atom_site.label_entity_id 
_atom_site.label_seq_id 
_atom_site.pdbx_PDB_ins_code 
_atom_site.Cartn_x 
_atom_site.Cartn_y 
_atom_site.Cartn_z 
_atom_site.occupancy 
_atom_site.B_iso_or_equiv 
_atom_site.pdbx_formal_charge 
_atom_site.auth_seq_id 
_atom_site.auth_comp_id 
_atom_site.auth_asym_id 
_atom_site.auth_atom_id 
_atom_site.pdbx_PDB_model_num 
ATOM   1    N  N   . GLU A 1 5  ? -5.027  -16.639 -16.334 1.00 54.51 ? 2   GLU A N   1 
ATOM   2    C  CA  . GLU A 1 5  ? -6.168  -16.619 -15.360 1.00 54.15 ? 2   GLU A CA  1 
ATOM   3    C  C   . GLU A 1 5  ? -7.350  -15.723 -15.840 1.00 45.71 ? 2   GLU A C   1 
ATOM   4    O  O   . GLU A 1 5  ? -7.147  -14.735 -16.525 1.00 46.43 ? 2   GLU A O   1 
ATOM   5    C  CB  . GLU A 1 5  ? -5.686  -16.209 -13.965 1.00 51.63 ? 2   GLU A CB  1 
ATOM   6    C  CG  . GLU A 1 5  ? -5.549  -14.715 -13.774 1.00 52.55 ? 2   GLU A CG  1 
ATOM   7    C  CD  . GLU A 1 5  ? -5.102  -14.379 -12.375 1.00 51.92 ? 2   GLU A CD  1 
ATOM   8    O  OE1 . GLU A 1 5  ? -4.989  -15.327 -11.574 1.00 61.55 ? 2   GLU A OE1 1 
ATOM   9    O  OE2 . GLU A 1 5  ? -4.827  -13.201 -12.092 1.00 49.64 ? 2   GLU A OE2 1 
ATOM   10   N  N   . SER A 1 6  ? -8.583  -16.085 -15.474 1.00 38.88 ? 3   SER A N   1 
ATOM   11   C  CA  . SER A 1 6  ? -9.742  -15.402 -15.966 1.00 32.30 ? 3   SER A CA  1 
ATOM   12   C  C   . SER A 1 6  ? -9.769  -13.950 -15.370 1.00 28.93 ? 3   SER A C   1 
ATOM   13   O  O   . SER A 1 6  ? -8.988  -13.576 -14.394 1.00 23.36 ? 3   SER A O   1 
ATOM   14   C  CB  . SER A 1 6  ? -10.927 -16.189 -15.502 1.00 30.86 ? 3   SER A CB  1 
ATOM   15   O  OG  . SER A 1 6  ? -11.137 -15.856 -14.112 1.00 25.77 ? 3   SER A OG  1 
ATOM   16   N  N   . PHE A 1 7  ? -10.651 -13.145 -15.976 1.00 23.88 ? 4   PHE A N   1 
ATOM   17   C  CA  . PHE A 1 7  ? -10.857 -11.842 -15.617 1.00 22.72 ? 4   PHE A CA  1 
ATOM   18   C  C   . PHE A 1 7  ? -11.411 -11.910 -14.126 1.00 20.31 ? 4   PHE A C   1 
ATOM   19   O  O   . PHE A 1 7  ? -10.966 -11.083 -13.305 1.00 21.25 ? 4   PHE A O   1 
ATOM   20   C  CB  . PHE A 1 7  ? -11.948 -11.225 -16.517 1.00 23.03 ? 4   PHE A CB  1 
ATOM   21   C  CG  . PHE A 1 7  ? -12.247 -9.836  -16.186 1.00 27.84 ? 4   PHE A CG  1 
ATOM   22   C  CD1 . PHE A 1 7  ? -13.171 -9.505  -15.157 1.00 27.12 ? 4   PHE A CD1 1 
ATOM   23   C  CD2 . PHE A 1 7  ? -11.575 -8.771  -16.842 1.00 30.18 ? 4   PHE A CD2 1 
ATOM   24   C  CE1 . PHE A 1 7  ? -13.402 -8.189  -14.767 1.00 30.07 ? 4   PHE A CE1 1 
ATOM   25   C  CE2 . PHE A 1 7  ? -11.824 -7.454  -16.474 1.00 29.32 ? 4   PHE A CE2 1 
ATOM   26   C  CZ  . PHE A 1 7  ? -12.758 -7.150  -15.491 1.00 31.90 ? 4   PHE A CZ  1 
ATOM   27   N  N   . LEU A 1 8  ? -12.314 -12.853 -13.855 1.00 18.62 ? 5   LEU A N   1 
ATOM   28   C  CA  . LEU A 1 8  ? -12.882 -12.908 -12.452 1.00 16.75 ? 5   LEU A CA  1 
ATOM   29   C  C   . LEU A 1 8  ? -11.709 -13.061 -11.462 1.00 17.61 ? 5   LEU A C   1 
ATOM   30   O  O   . LEU A 1 8  ? -11.659 -12.366 -10.430 1.00 16.15 ? 5   LEU A O   1 
ATOM   31   C  CB  . LEU A 1 8  ? -13.814 -14.052 -12.242 1.00 17.43 ? 5   LEU A CB  1 
ATOM   32   C  CG  . LEU A 1 8  ? -14.301 -14.271 -10.792 1.00 16.29 ? 5   LEU A CG  1 
ATOM   33   C  CD1 . LEU A 1 8  ? -15.035 -13.016 -10.198 1.00 19.51 ? 5   LEU A CD1 1 
ATOM   34   C  CD2 . LEU A 1 8  ? -15.200 -15.447 -10.636 1.00 22.66 ? 5   LEU A CD2 1 
ATOM   35   N  N   . LEU A 1 9  ? -10.847 -14.057 -11.720 1.00 15.24 ? 6   LEU A N   1 
ATOM   36   C  CA  . LEU A 1 9  ? -9.792  -14.314 -10.653 1.00 16.15 ? 6   LEU A CA  1 
ATOM   37   C  C   . LEU A 1 9  ? -8.931  -13.093 -10.525 1.00 16.10 ? 6   LEU A C   1 
ATOM   38   O  O   . LEU A 1 9  ? -8.520  -12.651 -9.438  1.00 16.84 ? 6   LEU A O   1 
ATOM   39   C  CB  . LEU A 1 9  ? -8.906  -15.461 -11.125 1.00 16.20 ? 6   LEU A CB  1 
ATOM   40   C  CG  . LEU A 1 9  ? -9.426  -16.843 -11.119 1.00 23.60 ? 6   LEU A CG  1 
ATOM   41   C  CD1 . LEU A 1 9  ? -8.373  -17.974 -11.095 1.00 21.74 ? 6   LEU A CD1 1 
ATOM   42   C  CD2 . LEU A 1 9  ? -10.210 -17.055 -9.892  1.00 24.10 ? 6   LEU A CD2 1 
ATOM   43   N  N   . SER A 1 10 ? -8.600  -12.428 -11.637 1.00 15.65 ? 7   SER A N   1 
ATOM   44   C  CA  A SER A 1 10 ? -7.711  -11.290 -11.576 0.25 16.40 ? 7   SER A CA  1 
ATOM   45   C  CA  B SER A 1 10 ? -7.745  -11.271 -11.650 0.25 15.64 ? 7   SER A CA  1 
ATOM   46   C  CA  C SER A 1 10 ? -7.752  -11.265 -11.625 0.50 17.47 ? 7   SER A CA  1 
ATOM   47   C  C   . SER A 1 10 ? -8.393  -10.126 -10.890 1.00 16.46 ? 7   SER A C   1 
ATOM   48   O  O   . SER A 1 10 ? -7.738  -9.327  -10.204 1.00 14.73 ? 7   SER A O   1 
ATOM   49   C  CB  A SER A 1 10 ? -7.279  -10.857 -12.991 0.25 16.74 ? 7   SER A CB  1 
ATOM   50   C  CB  B SER A 1 10 ? -7.507  -10.857 -13.128 0.25 14.55 ? 7   SER A CB  1 
ATOM   51   C  CB  C SER A 1 10 ? -7.460  -10.803 -13.093 0.50 19.19 ? 7   SER A CB  1 
ATOM   52   O  OG  A SER A 1 10 ? -8.393  -10.331 -13.658 0.25 17.01 ? 7   SER A OG  1 
ATOM   53   O  OG  B SER A 1 10 ? -6.550  -9.823  -13.215 0.25 12.59 ? 7   SER A OG  1 
ATOM   54   O  OG  C SER A 1 10 ? -6.490  -11.638 -13.680 0.50 25.28 ? 7   SER A OG  1 
ATOM   55   N  N   . LYS A 1 11 ? -9.735  -10.047 -11.055 1.00 17.66 ? 8   LYS A N   1 
ATOM   56   C  CA  . LYS A 1 11 ? -10.420 -8.933  -10.439 1.00 16.94 ? 8   LYS A CA  1 
ATOM   57   C  C   . LYS A 1 11 ? -10.738 -9.189  -8.963  1.00 12.70 ? 8   LYS A C   1 
ATOM   58   O  O   . LYS A 1 11 ? -10.805 -8.166  -8.237  1.00 12.87 ? 8   LYS A O   1 
ATOM   59   C  CB  . LYS A 1 11 ? -11.724 -8.571  -11.181 1.00 21.83 ? 8   LYS A CB  1 
ATOM   60   C  CG  . LYS A 1 11 ? -11.442 -7.887  -12.544 1.00 28.70 ? 8   LYS A CG  1 
ATOM   61   C  CD  . LYS A 1 11 ? -10.201 -7.019  -12.430 1.00 35.77 ? 8   LYS A CD  1 
ATOM   62   C  CE  . LYS A 1 11 ? -9.985  -6.263  -13.770 1.00 44.38 ? 8   LYS A CE  1 
ATOM   63   N  NZ  . LYS A 1 11 ? -9.330  -4.944  -13.517 1.00 52.50 ? 8   LYS A NZ  1 
ATOM   64   N  N   . VAL A 1 12 ? -10.860 -10.428 -8.515  1.00 11.92 ? 9   VAL A N   1 
ATOM   65   C  CA  . VAL A 1 12 ? -10.861 -10.619 -7.014  1.00 12.24 ? 9   VAL A CA  1 
ATOM   66   C  C   . VAL A 1 12 ? -9.557  -10.135 -6.395  1.00 10.78 ? 9   VAL A C   1 
ATOM   67   O  O   . VAL A 1 12 ? -9.603  -9.400  -5.376  1.00 11.62 ? 9   VAL A O   1 
ATOM   68   C  CB  . VAL A 1 12 ? -11.155 -12.036 -6.716  1.00 11.89 ? 9   VAL A CB  1 
ATOM   69   C  CG1 . VAL A 1 12 ? -10.924 -12.347 -5.216  1.00 13.09 ? 9   VAL A CG1 1 
ATOM   70   C  CG2 . VAL A 1 12 ? -12.635 -12.400 -7.103  1.00 10.72 ? 9   VAL A CG2 1 
ATOM   71   N  N   . SER A 1 13 ? -8.439  -10.487 -7.036  1.00 12.81 ? 10  SER A N   1 
ATOM   72   C  CA  . SER A 1 13 ? -7.187  -10.011 -6.502  1.00 12.49 ? 10  SER A CA  1 
ATOM   73   C  C   . SER A 1 13 ? -7.030  -8.532  -6.585  1.00 12.85 ? 10  SER A C   1 
ATOM   74   O  O   . SER A 1 13 ? -6.524  -7.885  -5.610  1.00 13.42 ? 10  SER A O   1 
ATOM   75   C  CB  . SER A 1 13 ? -6.053  -10.692 -7.308  1.00 13.29 ? 10  SER A CB  1 
ATOM   76   O  OG  . SER A 1 13 ? -6.073  -12.107 -7.213  1.00 13.36 ? 10  SER A OG  1 
ATOM   77   N  N   . PHE A 1 14 ? -7.451  -7.934  -7.774  1.00 14.63 ? 11  PHE A N   1 
ATOM   78   C  CA  . PHE A 1 14 ? -7.380  -6.507  -7.869  1.00 14.87 ? 11  PHE A CA  1 
ATOM   79   C  C   . PHE A 1 14 ? -8.184  -5.770  -6.790  1.00 15.19 ? 11  PHE A C   1 
ATOM   80   O  O   . PHE A 1 14 ? -7.736  -4.737  -6.209  1.00 14.85 ? 11  PHE A O   1 
ATOM   81   C  CB  . PHE A 1 14 ? -7.983  -6.123  -9.312  1.00 17.06 ? 11  PHE A CB  1 
ATOM   82   C  CG  . PHE A 1 14 ? -8.010  -4.643  -9.582  1.00 18.86 ? 11  PHE A CG  1 
ATOM   83   C  CD1 . PHE A 1 14 ? -6.876  -4.040  -10.136 1.00 23.99 ? 11  PHE A CD1 1 
ATOM   84   C  CD2 . PHE A 1 14 ? -9.141  -3.887  -9.256  1.00 20.50 ? 11  PHE A CD2 1 
ATOM   85   C  CE1 . PHE A 1 14 ? -6.877  -2.679  -10.428 1.00 26.71 ? 11  PHE A CE1 1 
ATOM   86   C  CE2 . PHE A 1 14 ? -9.185  -2.514  -9.548  1.00 24.79 ? 11  PHE A CE2 1 
ATOM   87   C  CZ  . PHE A 1 14 ? -8.036  -1.940  -10.105 1.00 25.82 ? 11  PHE A CZ  1 
ATOM   88   N  N   . VAL A 1 15 ? -9.426  -6.212  -6.586  1.00 14.79 ? 12  VAL A N   1 
ATOM   89   C  CA  . VAL A 1 15 ? -10.273 -5.518  -5.578  1.00 12.97 ? 12  VAL A CA  1 
ATOM   90   C  C   . VAL A 1 15 ? -9.684  -5.625  -4.105  1.00 11.79 ? 12  VAL A C   1 
ATOM   91   O  O   . VAL A 1 15 ? -9.695  -4.670  -3.374  1.00 12.70 ? 12  VAL A O   1 
ATOM   92   C  CB  . VAL A 1 15 ? -11.724 -6.021  -5.656  1.00 14.53 ? 12  VAL A CB  1 
ATOM   93   C  CG1 . VAL A 1 15 ? -12.514 -5.458  -4.421  1.00 13.84 ? 12  VAL A CG1 1 
ATOM   94   C  CG2 . VAL A 1 15 ? -12.267 -5.565  -7.039  1.00 16.76 ? 12  VAL A CG2 1 
ATOM   95   N  N   . ILE A 1 16 ? -9.179  -6.822  -3.788  1.00 11.07 ? 13  ILE A N   1 
ATOM   96   C  CA  . ILE A 1 16 ? -8.490  -6.932  -2.472  1.00 12.01 ? 13  ILE A CA  1 
ATOM   97   C  C   . ILE A 1 16 ? -7.355  -5.918  -2.340  1.00 11.35 ? 13  ILE A C   1 
ATOM   98   O  O   . ILE A 1 16 ? -7.267  -5.207  -1.288  1.00 11.72 ? 13  ILE A O   1 
ATOM   99   C  CB  . ILE A 1 16 ? -8.013  -8.365  -2.216  1.00 11.58 ? 13  ILE A CB  1 
ATOM   100  C  CG1 . ILE A 1 16 ? -9.172  -9.355  -2.114  1.00 12.76 ? 13  ILE A CG1 1 
ATOM   101  C  CG2 . ILE A 1 16 ? -7.047  -8.463  -0.992  1.00 12.34 ? 13  ILE A CG2 1 
ATOM   102  C  CD1 . ILE A 1 16 ? -8.814  -10.863 -2.268  1.00 11.26 ? 13  ILE A CD1 1 
ATOM   103  N  N   . LYS A 1 17 ? -6.480  -5.888  -3.337  1.00 11.23 ? 14  LYS A N   1 
ATOM   104  C  CA  . LYS A 1 17 ? -5.379  -4.954  -3.278  1.00 11.79 ? 14  LYS A CA  1 
ATOM   105  C  C   . LYS A 1 17 ? -5.845  -3.510  -3.248  1.00 13.62 ? 14  LYS A C   1 
ATOM   106  O  O   . LYS A 1 17 ? -5.234  -2.654  -2.588  1.00 12.39 ? 14  LYS A O   1 
ATOM   107  C  CB  . LYS A 1 17 ? -4.441  -5.218  -4.470  1.00 11.92 ? 14  LYS A CB  1 
ATOM   108  C  CG  . LYS A 1 17 ? -3.106  -4.406  -4.278  1.00 14.84 ? 14  LYS A CG  1 
ATOM   109  C  CD  . LYS A 1 17 ? -2.149  -4.890  -5.357  1.00 14.90 ? 14  LYS A CD  1 
ATOM   110  C  CE  . LYS A 1 17 ? -0.807  -4.212  -5.134  1.00 16.08 ? 14  LYS A CE  1 
ATOM   111  N  NZ  . LYS A 1 17 ? 0.137   -4.697  -6.294  1.00 22.25 ? 14  LYS A NZ  1 
ATOM   112  N  N   . LYS A 1 18 ? -6.830  -3.228  -4.088  1.00 13.19 ? 15  LYS A N   1 
ATOM   113  C  CA  . LYS A 1 18 ? -7.345  -1.827  -4.145  1.00 13.59 ? 15  LYS A CA  1 
ATOM   114  C  C   . LYS A 1 18 ? -7.890  -1.346  -2.812  1.00 13.62 ? 15  LYS A C   1 
ATOM   115  O  O   . LYS A 1 18 ? -7.570  -0.233  -2.346  1.00 13.92 ? 15  LYS A O   1 
ATOM   116  C  CB  . LYS A 1 18 ? -8.358  -1.717  -5.244  1.00 15.27 ? 15  LYS A CB  1 
ATOM   117  C  CG  . LYS A 1 18 ? -9.075  -0.347  -5.246  1.00 17.76 ? 15  LYS A CG  1 
ATOM   118  C  CD  . LYS A 1 18 ? -10.134 -0.312  -6.341  1.00 24.40 ? 15  LYS A CD  1 
ATOM   119  C  CE  . LYS A 1 18 ? -10.531 1.247   -6.479  1.00 28.40 ? 15  LYS A CE  1 
ATOM   120  N  NZ  . LYS A 1 18 ? -11.626 1.458   -7.442  1.00 41.51 ? 15  LYS A NZ  1 
ATOM   121  N  N   . ILE A 1 19 ? -8.696  -2.182  -2.130  1.00 13.82 ? 16  ILE A N   1 
ATOM   122  C  CA  . ILE A 1 19 ? -9.220  -1.777  -0.827  1.00 12.07 ? 16  ILE A CA  1 
ATOM   123  C  C   . ILE A 1 19 ? -8.050  -1.710  0.159   1.00 12.71 ? 16  ILE A C   1 
ATOM   124  O  O   . ILE A 1 19 ? -7.975  -0.784  0.945   1.00 13.19 ? 16  ILE A O   1 
ATOM   125  C  CB  . ILE A 1 19 ? -10.301 -2.768  -0.369  1.00 12.80 ? 16  ILE A CB  1 
ATOM   126  C  CG1 . ILE A 1 19 ? -11.484 -2.789  -1.351  1.00 13.71 ? 16  ILE A CG1 1 
ATOM   127  C  CG2 . ILE A 1 19 ? -10.679 -2.467  1.050   1.00 12.23 ? 16  ILE A CG2 1 
ATOM   128  C  CD1 . ILE A 1 19 ? -12.402 -4.012  -1.078  1.00 14.21 ? 16  ILE A CD1 1 
ATOM   129  N  N   . ARG A 1 20 ? -7.098  -2.678  0.101   1.00 11.52 ? 17  ARG A N   1 
ATOM   130  C  CA  . ARG A 1 20 ? -5.965  -2.634  1.046   1.00 11.92 ? 17  ARG A CA  1 
ATOM   131  C  C   . ARG A 1 20 ? -5.216  -1.309  0.972   1.00 11.77 ? 17  ARG A C   1 
ATOM   132  O  O   . ARG A 1 20 ? -4.924  -0.690  2.029   1.00 13.62 ? 17  ARG A O   1 
ATOM   133  C  CB  . ARG A 1 20 ? -5.032  -3.831  0.695   1.00 10.77 ? 17  ARG A CB  1 
ATOM   134  C  CG  . ARG A 1 20 ? -3.912  -3.894  1.741   1.00 10.90 ? 17  ARG A CG  1 
ATOM   135  C  CD  . ARG A 1 20 ? -2.963  -5.077  1.440   1.00 9.71  ? 17  ARG A CD  1 
ATOM   136  N  NE  . ARG A 1 20 ? -2.360  -5.181  0.079   1.00 11.15 ? 17  ARG A NE  1 
ATOM   137  C  CZ  . ARG A 1 20 ? -1.216  -4.548  -0.303  1.00 11.69 ? 17  ARG A CZ  1 
ATOM   138  N  NH1 . ARG A 1 20 ? -0.634  -3.648  0.571   1.00 12.66 ? 17  ARG A NH1 1 
ATOM   139  N  NH2 . ARG A 1 20 ? -0.608  -4.921  -1.448  1.00 11.64 ? 17  ARG A NH2 1 
ATOM   140  N  N   . LEU A 1 21 ? -5.003  -0.857  -0.260  1.00 13.12 ? 18  LEU A N   1 
ATOM   141  C  CA  . LEU A 1 21 ? -4.240  0.443   -0.415  1.00 13.91 ? 18  LEU A CA  1 
ATOM   142  C  C   . LEU A 1 21 ? -5.209  1.630   -0.013  1.00 14.58 ? 18  LEU A C   1 
ATOM   143  O  O   . LEU A 1 21 ? -4.732  2.634   0.555   1.00 17.29 ? 18  LEU A O   1 
ATOM   144  C  CB  . LEU A 1 21 ? -3.806  0.604   -1.871  1.00 15.06 ? 18  LEU A CB  1 
ATOM   145  C  CG  . LEU A 1 21 ? -2.544  -0.304  -2.168  1.00 17.55 ? 18  LEU A CG  1 
ATOM   146  C  CD1 . LEU A 1 21 ? -2.165  -0.272  -3.669  1.00 21.58 ? 18  LEU A CD1 1 
ATOM   147  C  CD2 . LEU A 1 21 ? -1.298  0.071   -1.231  1.00 23.02 ? 18  LEU A CD2 1 
ATOM   148  N  N   . GLU A 1 22 ? -6.486  1.513   -0.307  1.00 14.67 ? 19  GLU A N   1 
ATOM   149  C  CA  . GLU A 1 22 ? -7.418  2.573   0.148   1.00 15.60 ? 19  GLU A CA  1 
ATOM   150  C  C   . GLU A 1 22 ? -7.455  2.719   1.680   1.00 16.33 ? 19  GLU A C   1 
ATOM   151  O  O   . GLU A 1 22 ? -7.601  3.845   2.238   1.00 19.78 ? 19  GLU A O   1 
ATOM   152  C  CB  . GLU A 1 22 ? -8.879  2.322   -0.328  1.00 20.27 ? 19  GLU A CB  1 
ATOM   153  C  CG  . GLU A 1 22 ? -9.006  2.500   -1.827  1.00 22.67 ? 19  GLU A CG  1 
ATOM   154  C  CD  . GLU A 1 22 ? -10.361 2.111   -2.403  1.00 30.77 ? 19  GLU A CD  1 
ATOM   155  O  OE1 . GLU A 1 22 ? -10.616 2.639   -3.492  1.00 29.27 ? 19  GLU A OE1 1 
ATOM   156  O  OE2 . GLU A 1 22 ? -11.159 1.363   -1.783  1.00 28.21 ? 19  GLU A OE2 1 
ATOM   157  N  N   . LYS A 1 23 ? -7.232  1.628   2.416   1.00 15.42 ? 20  LYS A N   1 
ATOM   158  C  CA  . LYS A 1 23 ? -7.162  1.561   3.833   1.00 16.70 ? 20  LYS A CA  1 
ATOM   159  C  C   . LYS A 1 23 ? -5.742  1.889   4.383   1.00 14.97 ? 20  LYS A C   1 
ATOM   160  O  O   . LYS A 1 23 ? -5.529  1.808   5.585   1.00 18.34 ? 20  LYS A O   1 
ATOM   161  C  CB  . LYS A 1 23 ? -7.673  0.184   4.302   1.00 16.37 ? 20  LYS A CB  1 
ATOM   162  C  CG  . LYS A 1 23 ? -9.172  -0.154  4.022   1.00 19.48 ? 20  LYS A CG  1 
ATOM   163  C  CD  . LYS A 1 23 ? -10.090 0.758   4.792   1.00 22.37 ? 20  LYS A CD  1 
ATOM   164  C  CE  . LYS A 1 23 ? -11.587 0.169   4.844   1.00 26.34 ? 20  LYS A CE  1 
ATOM   165  N  NZ  . LYS A 1 23 ? -12.203 0.999   3.846   1.00 37.39 ? 20  LYS A NZ  1 
ATOM   166  N  N   . GLY A 1 24 ? -4.814  2.148   3.443   1.00 14.83 ? 21  GLY A N   1 
ATOM   167  C  CA  . GLY A 1 24 ? -3.473  2.517   3.849   1.00 14.65 ? 21  GLY A CA  1 
ATOM   168  C  C   . GLY A 1 24 ? -2.674  1.378   4.428   1.00 13.35 ? 21  GLY A C   1 
ATOM   169  O  O   . GLY A 1 24 ? -1.745  1.531   5.236   1.00 15.62 ? 21  GLY A O   1 
ATOM   170  N  N   . MET A 1 25 ? -3.049  0.147   4.130   1.00 12.36 ? 22  MET A N   1 
ATOM   171  C  CA  . MET A 1 25 ? -2.398  -1.019  4.732   1.00 13.96 ? 22  MET A CA  1 
ATOM   172  C  C   . MET A 1 25 ? -1.297  -1.713  3.899   1.00 10.61 ? 22  MET A C   1 
ATOM   173  O  O   . MET A 1 25 ? -1.449  -1.766  2.640   1.00 11.10 ? 22  MET A O   1 
ATOM   174  C  CB  . MET A 1 25 ? -3.522  -2.138  4.985   1.00 14.37 ? 22  MET A CB  1 
ATOM   175  C  CG  . MET A 1 25 ? -4.416  -1.679  6.142   1.00 16.04 ? 22  MET A CG  1 
ATOM   176  S  SD  . MET A 1 25 ? -5.795  -2.891  6.144   1.00 22.23 ? 22  MET A SD  1 
ATOM   177  C  CE  . MET A 1 25 ? -5.039  -4.128  6.981   1.00 21.61 ? 22  MET A CE  1 
ATOM   178  N  N   . THR A 1 26 ? -0.248  -2.199  4.566   1.00 12.14 ? 23  THR A N   1 
ATOM   179  C  CA  . THR A 1 26 ? 0.812   -3.036  3.875   1.00 10.41 ? 23  THR A CA  1 
ATOM   180  C  C   . THR A 1 26 ? 0.253   -4.488  3.826   1.00 12.74 ? 23  THR A C   1 
ATOM   181  O  O   . THR A 1 26 ? -0.769  -4.792  4.552   1.00 12.40 ? 23  THR A O   1 
ATOM   182  C  CB  . THR A 1 26 ? 2.118   -3.043  4.647   1.00 12.81 ? 23  THR A CB  1 
ATOM   183  O  OG1 . THR A 1 26 ? 1.835   -3.543  5.988   1.00 15.70 ? 23  THR A OG1 1 
ATOM   184  C  CG2 . THR A 1 26 ? 2.585   -1.560  4.806   1.00 13.59 ? 23  THR A CG2 1 
ATOM   185  N  N   . GLN A 1 27 ? 0.978   -5.344  3.153   1.00 10.41 ? 24  GLN A N   1 
ATOM   186  C  CA  . GLN A 1 27 ? 0.620   -6.781  3.142   1.00 10.68 ? 24  GLN A CA  1 
ATOM   187  C  C   . GLN A 1 27 ? 0.764   -7.384  4.520   1.00 12.98 ? 24  GLN A C   1 
ATOM   188  O  O   . GLN A 1 27 ? -0.046  -8.219  4.969   1.00 11.59 ? 24  GLN A O   1 
ATOM   189  C  CB  . GLN A 1 27 ? 1.397   -7.541  2.111   1.00 10.82 ? 24  GLN A CB  1 
ATOM   190  C  CG  . GLN A 1 27 ? 1.052   -7.163  0.697   1.00 10.98 ? 24  GLN A CG  1 
ATOM   191  C  CD  . GLN A 1 27 ? 1.836   -7.991  -0.332  1.00 13.18 ? 24  GLN A CD  1 
ATOM   192  O  OE1 . GLN A 1 27 ? 3.039   -8.287  -0.132  1.00 14.57 ? 24  GLN A OE1 1 
ATOM   193  N  NE2 . GLN A 1 27 ? 1.145   -8.321  -1.554  1.00 13.87 ? 24  GLN A NE2 1 
ATOM   194  N  N   . GLU A 1 28 ? 1.822   -6.926  5.262   1.00 11.69 ? 25  GLU A N   1 
ATOM   195  C  CA  . GLU A 1 28 ? 1.927   -7.411  6.657   1.00 13.61 ? 25  GLU A CA  1 
ATOM   196  C  C   . GLU A 1 28 ? 0.817   -6.936  7.518   1.00 13.05 ? 25  GLU A C   1 
ATOM   197  O  O   . GLU A 1 28 ? 0.368   -7.725  8.402   1.00 14.02 ? 25  GLU A O   1 
ATOM   198  C  CB  . GLU A 1 28 ? 3.274   -6.918  7.344   1.00 14.95 ? 25  GLU A CB  1 
ATOM   199  C  CG  . GLU A 1 28 ? 4.412   -7.754  6.718   1.00 18.44 ? 25  GLU A CG  1 
ATOM   200  C  CD  . GLU A 1 28 ? 5.833   -7.332  7.247   1.00 23.42 ? 25  GLU A CD  1 
ATOM   201  O  OE1 . GLU A 1 28 ? 5.812   -6.621  8.250   1.00 25.13 ? 25  GLU A OE1 1 
ATOM   202  O  OE2 . GLU A 1 28 ? 6.859   -7.679  6.562   1.00 26.80 ? 25  GLU A OE2 1 
ATOM   203  N  N   . ASP A 1 29 ? 0.350   -5.692  7.316   1.00 12.40 ? 26  ASP A N   1 
ATOM   204  C  CA  . ASP A 1 29 ? -0.790  -5.213  8.178   1.00 12.60 ? 26  ASP A CA  1 
ATOM   205  C  C   . ASP A 1 29 ? -1.986  -6.124  7.875   1.00 13.85 ? 26  ASP A C   1 
ATOM   206  O  O   . ASP A 1 29 ? -2.723  -6.526  8.783   1.00 12.44 ? 26  ASP A O   1 
ATOM   207  C  CB  . ASP A 1 29 ? -1.225  -3.773  7.763   1.00 16.04 ? 26  ASP A CB  1 
ATOM   208  C  CG  . ASP A 1 29 ? -0.273  -2.683  8.231   1.00 17.72 ? 26  ASP A CG  1 
ATOM   209  O  OD1 . ASP A 1 29 ? 0.501   -2.956  9.180   1.00 19.03 ? 26  ASP A OD1 1 
ATOM   210  O  OD2 . ASP A 1 29 ? -0.234  -1.602  7.521   1.00 17.99 ? 26  ASP A OD2 1 
ATOM   211  N  N   . LEU A 1 30 ? -2.270  -6.351  6.595   1.00 11.26 ? 27  LEU A N   1 
ATOM   212  C  CA  . LEU A 1 30 ? -3.437  -7.186  6.280   1.00 12.62 ? 27  LEU A CA  1 
ATOM   213  C  C   . LEU A 1 30 ? -3.323  -8.610  6.786   1.00 12.06 ? 27  LEU A C   1 
ATOM   214  O  O   . LEU A 1 30 ? -4.321  -9.217  7.180   1.00 12.73 ? 27  LEU A O   1 
ATOM   215  C  CB  . LEU A 1 30 ? -3.701  -7.181  4.732   1.00 11.87 ? 27  LEU A CB  1 
ATOM   216  C  CG  . LEU A 1 30 ? -4.968  -8.004  4.340   1.00 10.49 ? 27  LEU A CG  1 
ATOM   217  C  CD1 . LEU A 1 30 ? -6.222  -7.486  5.088   1.00 12.05 ? 27  LEU A CD1 1 
ATOM   218  C  CD2 . LEU A 1 30 ? -5.160  -7.919  2.792   1.00 11.51 ? 27  LEU A CD2 1 
ATOM   219  N  N   . ALA A 1 31 ? -2.122  -9.182  6.764   1.00 12.45 ? 28  ALA A N   1 
ATOM   220  C  CA  . ALA A 1 31 ? -1.911  -10.562 7.214   1.00 11.69 ? 28  ALA A CA  1 
ATOM   221  C  C   . ALA A 1 31 ? -2.228  -10.654 8.674   1.00 14.06 ? 28  ALA A C   1 
ATOM   222  O  O   . ALA A 1 31 ? -3.029  -11.534 9.149   1.00 14.06 ? 28  ALA A O   1 
ATOM   223  C  CB  . ALA A 1 31 ? -0.445  -10.924 6.969   1.00 13.62 ? 28  ALA A CB  1 
ATOM   224  N  N   . TYR A 1 32 ? -1.703  -9.719  9.408   1.00 13.48 ? 29  TYR A N   1 
ATOM   225  C  CA  . TYR A 1 32 ? -1.975  -9.679  10.812  1.00 13.40 ? 29  TYR A CA  1 
ATOM   226  C  C   . TYR A 1 32 ? -3.455  -9.558  11.143  1.00 14.28 ? 29  TYR A C   1 
ATOM   227  O  O   . TYR A 1 32 ? -4.026  -10.309 11.989  1.00 15.59 ? 29  TYR A O   1 
ATOM   228  C  CB  . TYR A 1 32 ? -1.156  -8.536  11.478  1.00 15.61 ? 29  TYR A CB  1 
ATOM   229  C  CG  . TYR A 1 32 ? -1.289  -8.479  13.015  1.00 21.62 ? 29  TYR A CG  1 
ATOM   230  C  CD1 . TYR A 1 32 ? -0.923  -9.608  13.771  1.00 21.82 ? 29  TYR A CD1 1 
ATOM   231  C  CD2 . TYR A 1 32 ? -1.789  -7.361  13.596  1.00 25.68 ? 29  TYR A CD2 1 
ATOM   232  C  CE1 . TYR A 1 32 ? -1.055  -9.593  15.129  1.00 27.05 ? 29  TYR A CE1 1 
ATOM   233  C  CE2 . TYR A 1 32 ? -1.943  -7.319  15.004  1.00 32.46 ? 29  TYR A CE2 1 
ATOM   234  C  CZ  . TYR A 1 32 ? -1.564  -8.480  15.715  1.00 32.79 ? 29  TYR A CZ  1 
ATOM   235  O  OH  . TYR A 1 32 ? -1.668  -8.607  17.093  1.00 41.53 ? 29  TYR A OH  1 
ATOM   236  N  N   . LYS A 1 33 ? -4.173  -8.687  10.432  1.00 13.94 ? 30  LYS A N   1 
ATOM   237  C  CA  . LYS A 1 33 ? -5.590  -8.493  10.771  1.00 13.53 ? 30  LYS A CA  1 
ATOM   238  C  C   . LYS A 1 33 ? -6.478  -9.576  10.177  1.00 14.03 ? 30  LYS A C   1 
ATOM   239  O  O   . LYS A 1 33 ? -7.652  -9.708  10.624  1.00 14.92 ? 30  LYS A O   1 
ATOM   240  C  CB  . LYS A 1 33 ? -6.142  -7.149  10.268  1.00 13.77 ? 30  LYS A CB  1 
ATOM   241  C  CG  . LYS A 1 33 ? -5.367  -5.968  10.891  1.00 20.65 ? 30  LYS A CG  1 
ATOM   242  C  CD  . LYS A 1 33 ? -5.717  -4.664  10.203  1.00 28.10 ? 30  LYS A CD  1 
ATOM   243  C  CE  . LYS A 1 33 ? -6.882  -3.876  10.808  1.00 38.08 ? 30  LYS A CE  1 
ATOM   244  N  NZ  . LYS A 1 33 ? -8.216  -4.164  10.164  1.00 41.57 ? 30  LYS A NZ  1 
ATOM   245  N  N   . SER A 1 34 ? -5.998  -10.313 9.217   1.00 11.43 ? 31  SER A N   1 
ATOM   246  C  CA  A SER A 1 34 ? -6.855  -11.370 8.583   0.50 11.31 ? 31  SER A CA  1 
ATOM   247  C  CA  B SER A 1 34 ? -6.817  -11.370 8.545   0.50 12.20 ? 31  SER A CA  1 
ATOM   248  C  C   . SER A 1 34 ? -6.569  -12.732 9.150   1.00 13.83 ? 31  SER A C   1 
ATOM   249  O  O   . SER A 1 34 ? -7.195  -13.701 8.751   1.00 15.47 ? 31  SER A O   1 
ATOM   250  C  CB  A SER A 1 34 ? -6.654  -11.434 7.076   0.50 11.17 ? 31  SER A CB  1 
ATOM   251  C  CB  B SER A 1 34 ? -6.486  -11.440 7.051   0.50 13.30 ? 31  SER A CB  1 
ATOM   252  O  OG  A SER A 1 34 ? -5.335  -11.857 6.758   0.50 9.06  ? 31  SER A OG  1 
ATOM   253  O  OG  B SER A 1 34 ? -6.787  -10.208 6.391   0.50 14.52 ? 31  SER A OG  1 
ATOM   254  N  N   . ASN A 1 35 ? -5.525  -12.851 9.989   1.00 14.79 ? 32  ASN A N   1 
ATOM   255  C  CA  . ASN A 1 35 ? -5.091  -14.152 10.438  1.00 15.78 ? 32  ASN A CA  1 
ATOM   256  C  C   . ASN A 1 35 ? -4.645  -15.087 9.365   1.00 15.42 ? 32  ASN A C   1 
ATOM   257  O  O   . ASN A 1 35 ? -4.731  -16.309 9.533   1.00 15.70 ? 32  ASN A O   1 
ATOM   258  C  CB  . ASN A 1 35 ? -6.187  -14.799 11.321  1.00 20.44 ? 32  ASN A CB  1 
ATOM   259  C  CG  . ASN A 1 35 ? -5.755  -14.640 12.721  1.00 27.41 ? 32  ASN A CG  1 
ATOM   260  O  OD1 . ASN A 1 35 ? -4.915  -15.346 13.072  1.00 28.51 ? 32  ASN A OD1 1 
ATOM   261  N  ND2 . ASN A 1 35 ? -6.039  -13.535 13.319  1.00 34.54 ? 32  ASN A ND2 1 
ATOM   262  N  N   . LEU A 1 36 ? -4.070  -14.539 8.259   1.00 11.47 ? 33  LEU A N   1 
ATOM   263  C  CA  . LEU A 1 36 ? -3.430  -15.350 7.191   1.00 11.94 ? 33  LEU A CA  1 
ATOM   264  C  C   . LEU A 1 36 ? -2.082  -14.785 6.970   1.00 12.11 ? 33  LEU A C   1 
ATOM   265  O  O   . LEU A 1 36 ? -1.962  -13.560 6.984   1.00 12.66 ? 33  LEU A O   1 
ATOM   266  C  CB  . LEU A 1 36 ? -4.243  -15.152 5.845   1.00 11.88 ? 33  LEU A CB  1 
ATOM   267  C  CG  . LEU A 1 36 ? -5.702  -15.693 6.061   1.00 13.90 ? 33  LEU A CG  1 
ATOM   268  C  CD1 . LEU A 1 36 ? -6.551  -15.104 4.945   1.00 16.02 ? 33  LEU A CD1 1 
ATOM   269  C  CD2 . LEU A 1 36 ? -5.783  -17.222 5.931   1.00 16.33 ? 33  LEU A CD2 1 
ATOM   270  N  N   . ASP A 1 37 ? -1.098  -15.621 6.734   1.00 12.20 ? 34  ASP A N   1 
ATOM   271  C  CA  . ASP A 1 37 ? 0.231   -14.975 6.745   1.00 12.91 ? 34  ASP A CA  1 
ATOM   272  C  C   . ASP A 1 37 ? 0.600   -14.221 5.543   1.00 12.61 ? 34  ASP A C   1 
ATOM   273  O  O   . ASP A 1 37 ? -0.136  -14.249 4.501   1.00 11.75 ? 34  ASP A O   1 
ATOM   274  C  CB  . ASP A 1 37 ? 1.327   -15.967 7.089   1.00 16.06 ? 34  ASP A CB  1 
ATOM   275  C  CG  . ASP A 1 37 ? 1.547   -16.959 6.095   1.00 15.25 ? 34  ASP A CG  1 
ATOM   276  O  OD1 . ASP A 1 37 ? 1.218   -16.898 4.912   1.00 19.29 ? 34  ASP A OD1 1 
ATOM   277  O  OD2 . ASP A 1 37 ? 2.274   -18.050 6.519   1.00 20.35 ? 34  ASP A OD2 1 
ATOM   278  N  N   . ARG A 1 38 ? 1.699   -13.464 5.642   1.00 11.74 ? 35  ARG A N   1 
ATOM   279  C  CA  . ARG A 1 38 ? 2.052   -12.491 4.571   1.00 12.66 ? 35  ARG A CA  1 
ATOM   280  C  C   . ARG A 1 38 ? 2.211   -13.188 3.181   1.00 13.77 ? 35  ARG A C   1 
ATOM   281  O  O   . ARG A 1 38 ? 1.738   -12.620 2.177   1.00 12.92 ? 35  ARG A O   1 
ATOM   282  C  CB  . ARG A 1 38 ? 3.276   -11.673 4.986   1.00 14.54 ? 35  ARG A CB  1 
ATOM   283  C  CG  . ARG A 1 38 ? 3.549   -10.508 4.018   1.00 18.71 ? 35  ARG A CG  1 
ATOM   284  C  CD  . ARG A 1 38 ? 5.078   -10.282 3.795   1.00 30.54 ? 35  ARG A CD  1 
ATOM   285  N  NE  . ARG A 1 38 ? 5.867   -11.306 3.094   1.00 34.31 ? 35  ARG A NE  1 
ATOM   286  C  CZ  . ARG A 1 38 ? 6.855   -11.970 3.695   1.00 44.98 ? 35  ARG A CZ  1 
ATOM   287  N  NH1 . ARG A 1 38 ? 7.541   -12.884 3.011   1.00 42.14 ? 35  ARG A NH1 1 
ATOM   288  N  NH2 . ARG A 1 38 ? 7.162   -11.710 4.987   1.00 42.27 ? 35  ARG A NH2 1 
ATOM   289  N  N   . THR A 1 39 ? 2.873   -14.347 3.118   1.00 12.13 ? 36  THR A N   1 
ATOM   290  C  CA  . THR A 1 39 ? 3.057   -15.034 1.866   1.00 15.38 ? 36  THR A CA  1 
ATOM   291  C  C   . THR A 1 39 ? 1.676   -15.467 1.350   1.00 13.85 ? 36  THR A C   1 
ATOM   292  O  O   . THR A 1 39 ? 1.621   -15.565 0.109   1.00 16.18 ? 36  THR A O   1 
ATOM   293  C  CB  . THR A 1 39 ? 4.061   -16.234 1.967   1.00 16.05 ? 36  THR A CB  1 
ATOM   294  O  OG1 . THR A 1 39 ? 3.582   -17.081 2.957   1.00 20.04 ? 36  THR A OG1 1 
ATOM   295  C  CG2 . THR A 1 39 ? 5.506   -15.715 2.259   1.00 16.44 ? 36  THR A CG2 1 
ATOM   296  N  N   . TYR A 1 40 ? 0.709   -15.774 2.175   1.00 14.98 ? 37  TYR A N   1 
ATOM   297  C  CA  . TYR A 1 40 ? -0.611  -16.173 1.730   1.00 12.71 ? 37  TYR A CA  1 
ATOM   298  C  C   . TYR A 1 40 ? -1.283  -14.931 1.126   1.00 12.61 ? 37  TYR A C   1 
ATOM   299  O  O   . TYR A 1 40 ? -1.951  -15.073 0.032   1.00 14.00 ? 37  TYR A O   1 
ATOM   300  C  CB  . TYR A 1 40 ? -1.429  -16.756 2.871   1.00 13.62 ? 37  TYR A CB  1 
ATOM   301  C  CG  . TYR A 1 40 ? -2.799  -17.279 2.390   1.00 15.02 ? 37  TYR A CG  1 
ATOM   302  C  CD1 . TYR A 1 40 ? -3.918  -16.447 2.363   1.00 13.72 ? 37  TYR A CD1 1 
ATOM   303  C  CD2 . TYR A 1 40 ? -2.937  -18.633 2.122   1.00 20.70 ? 37  TYR A CD2 1 
ATOM   304  C  CE1 . TYR A 1 40 ? -5.152  -16.928 1.940   1.00 16.52 ? 37  TYR A CE1 1 
ATOM   305  C  CE2 . TYR A 1 40 ? -4.186  -19.145 1.660   1.00 21.80 ? 37  TYR A CE2 1 
ATOM   306  C  CZ  . TYR A 1 40 ? -5.259  -18.243 1.604   1.00 18.28 ? 37  TYR A CZ  1 
ATOM   307  O  OH  . TYR A 1 40 ? -6.522  -18.725 1.235   1.00 20.48 ? 37  TYR A OH  1 
ATOM   308  N  N   . ILE A 1 41 ? -1.206  -13.820 1.756   1.00 10.79 ? 38  ILE A N   1 
ATOM   309  C  CA  . ILE A 1 41 ? -1.828  -12.553 1.254   1.00 10.71 ? 38  ILE A CA  1 
ATOM   310  C  C   . ILE A 1 41 ? -1.132  -12.216 -0.132  1.00 9.82  ? 38  ILE A C   1 
ATOM   311  O  O   . ILE A 1 41 ? -1.844  -11.866 -1.158  1.00 11.72 ? 38  ILE A O   1 
ATOM   312  C  CB  . ILE A 1 41 ? -1.614  -11.408 2.201   1.00 11.40 ? 38  ILE A CB  1 
ATOM   313  C  CG1 . ILE A 1 41 ? -2.442  -11.672 3.505   1.00 11.42 ? 38  ILE A CG1 1 
ATOM   314  C  CG2 . ILE A 1 41 ? -2.020  -10.031 1.522   1.00 13.60 ? 38  ILE A CG2 1 
ATOM   315  C  CD1 . ILE A 1 41 ? -3.983  -11.883 3.295   1.00 12.14 ? 38  ILE A CD1 1 
ATOM   316  N  N   A SER A 1 42 ? 0.196   -12.176 -0.158  0.50 12.84 ? 39  SER A N   1 
ATOM   317  N  N   B SER A 1 42 ? 0.194   -12.150 -0.177  0.50 11.49 ? 39  SER A N   1 
ATOM   318  C  CA  A SER A 1 42 ? 0.868   -11.852 -1.420  0.25 11.58 ? 39  SER A CA  1 
ATOM   319  C  CA  B SER A 1 42 ? 0.837   -11.829 -1.454  0.25 9.64  ? 39  SER A CA  1 
ATOM   320  C  CA  C SER A 1 42 ? 1.060   -11.811 -1.594  0.50 12.82 ? 39  SER A CA  1 
ATOM   321  C  C   A SER A 1 42 ? 0.531   -12.847 -2.557  0.50 11.86 ? 39  SER A C   1 
ATOM   322  C  C   B SER A 1 42 ? 0.492   -12.853 -2.573  0.50 10.68 ? 39  SER A C   1 
ATOM   323  O  O   A SER A 1 42 ? 0.259   -12.374 -3.686  0.50 14.62 ? 39  SER A O   1 
ATOM   324  O  O   B SER A 1 42 ? 0.175   -12.415 -3.701  0.50 13.11 ? 39  SER A O   1 
ATOM   325  C  CB  A SER A 1 42 ? 2.389   -11.720 -1.225  0.25 11.53 ? 39  SER A CB  1 
ATOM   326  C  CB  B SER A 1 42 ? 2.355   -11.706 -1.291  0.25 8.23  ? 39  SER A CB  1 
ATOM   327  C  CB  C SER A 1 42 ? 2.518   -12.220 -1.192  0.50 13.16 ? 39  SER A CB  1 
ATOM   328  O  OG  A SER A 1 42 ? 3.062   -11.521 -2.453  0.25 12.55 ? 39  SER A OG  1 
ATOM   329  O  OG  B SER A 1 42 ? 2.878   -12.961 -0.890  0.25 6.01  ? 39  SER A OG  1 
ATOM   330  O  OG  C SER A 1 42 ? 3.011   -11.158 -0.380  0.50 19.15 ? 39  SER A OG  1 
ATOM   331  N  N   . GLY A 1 43 ? 0.416   -14.143 -2.230  1.00 11.69 ? 40  GLY A N   1 
ATOM   332  C  CA  . GLY A 1 43 ? 0.050   -15.165 -3.262  1.00 12.59 ? 40  GLY A CA  1 
ATOM   333  C  C   . GLY A 1 43 ? -1.353  -14.907 -3.804  1.00 12.77 ? 40  GLY A C   1 
ATOM   334  O  O   . GLY A 1 43 ? -1.577  -14.926 -4.991  1.00 13.86 ? 40  GLY A O   1 
ATOM   335  N  N   . ILE A 1 44 ? -2.297  -14.564 -2.926  1.00 10.91 ? 41  ILE A N   1 
ATOM   336  C  CA  . ILE A 1 44 ? -3.684  -14.401 -3.436  1.00 10.81 ? 41  ILE A CA  1 
ATOM   337  C  C   . ILE A 1 44 ? -3.828  -13.114 -4.168  1.00 11.16 ? 41  ILE A C   1 
ATOM   338  O  O   . ILE A 1 44 ? -4.762  -12.983 -5.018  1.00 12.07 ? 41  ILE A O   1 
ATOM   339  C  CB  . ILE A 1 44 ? -4.775  -14.698 -2.350  1.00 13.45 ? 41  ILE A CB  1 
ATOM   340  C  CG1 . ILE A 1 44 ? -4.772  -13.767 -1.175  1.00 15.46 ? 41  ILE A CG1 1 
ATOM   341  C  CG2 . ILE A 1 44 ? -4.773  -16.223 -1.935  1.00 14.85 ? 41  ILE A CG2 1 
ATOM   342  C  CD1 . ILE A 1 44 ? -5.561  -12.485 -1.475  1.00 18.38 ? 41  ILE A CD1 1 
ATOM   343  N  N   . GLU A 1 45 ? -3.048  -12.061 -3.794  1.00 10.72 ? 42  GLU A N   1 
ATOM   344  C  CA  . GLU A 1 45 ? -2.986  -10.847 -4.655  1.00 11.37 ? 42  GLU A CA  1 
ATOM   345  C  C   . GLU A 1 45 ? -2.442  -11.033 -6.137  1.00 12.37 ? 42  GLU A C   1 
ATOM   346  O  O   . GLU A 1 45 ? -2.796  -10.286 -7.021  1.00 14.40 ? 42  GLU A O   1 
ATOM   347  C  CB  . GLU A 1 45 ? -2.366  -9.581  -3.917  1.00 10.78 ? 42  GLU A CB  1 
ATOM   348  C  CG  . GLU A 1 45 ? -3.229  -9.128  -2.682  1.00 13.42 ? 42  GLU A CG  1 
ATOM   349  C  CD  . GLU A 1 45 ? -2.681  -7.795  -2.170  1.00 13.85 ? 42  GLU A CD  1 
ATOM   350  O  OE1 . GLU A 1 45 ? -3.400  -7.170  -1.424  1.00 13.41 ? 42  GLU A OE1 1 
ATOM   351  O  OE2 . GLU A 1 45 ? -1.494  -7.486  -2.457  1.00 14.36 ? 42  GLU A OE2 1 
ATOM   352  N  N   . ARG A 1 46 ? -1.557  -11.996 -6.237  1.00 13.85 ? 43  ARG A N   1 
ATOM   353  C  CA  A ARG A 1 46 ? -1.064  -12.435 -7.575  0.50 15.08 ? 43  ARG A CA  1 
ATOM   354  C  CA  B ARG A 1 46 ? -1.064  -12.428 -7.574  0.50 15.52 ? 43  ARG A CA  1 
ATOM   355  C  C   . ARG A 1 46 ? -2.044  -13.346 -8.335  1.00 14.86 ? 43  ARG A C   1 
ATOM   356  O  O   . ARG A 1 46 ? -2.280  -13.258 -9.584  1.00 20.20 ? 43  ARG A O   1 
ATOM   357  C  CB  A ARG A 1 46 ? 0.233   -13.254 -7.458  0.50 16.49 ? 43  ARG A CB  1 
ATOM   358  C  CB  B ARG A 1 46 ? 0.274   -13.177 -7.457  0.50 17.85 ? 43  ARG A CB  1 
ATOM   359  C  CG  A ARG A 1 46 ? 1.435   -12.492 -6.951  0.50 21.63 ? 43  ARG A CG  1 
ATOM   360  C  CG  B ARG A 1 46 ? 1.408   -12.333 -6.866  0.50 23.82 ? 43  ARG A CG  1 
ATOM   361  C  CD  A ARG A 1 46 ? 2.655   -13.437 -6.797  0.50 22.43 ? 43  ARG A CD  1 
ATOM   362  C  CD  B ARG A 1 46 ? 2.769   -13.055 -7.093  0.50 28.87 ? 43  ARG A CD  1 
ATOM   363  N  NE  A ARG A 1 46 ? 3.607   -12.668 -5.973  0.50 21.21 ? 43  ARG A NE  1 
ATOM   364  N  NE  B ARG A 1 46 ? 2.810   -14.409 -6.516  0.50 30.09 ? 43  ARG A NE  1 
ATOM   365  C  CZ  A ARG A 1 46 ? 3.915   -12.906 -4.705  0.50 20.06 ? 43  ARG A CZ  1 
ATOM   366  C  CZ  B ARG A 1 46 ? 3.166   -14.732 -5.272  0.50 30.98 ? 43  ARG A CZ  1 
ATOM   367  N  NH1 A ARG A 1 46 ? 3.477   -13.982 -4.044  0.50 22.95 ? 43  ARG A NH1 1 
ATOM   368  N  NH1 B ARG A 1 46 ? 3.547   -13.809 -4.365  0.50 33.68 ? 43  ARG A NH1 1 
ATOM   369  N  NH2 A ARG A 1 46 ? 4.729   -12.053 -4.127  0.50 22.32 ? 43  ARG A NH2 1 
ATOM   370  N  NH2 B ARG A 1 46 ? 3.122   -16.006 -4.935  0.50 28.79 ? 43  ARG A NH2 1 
ATOM   371  N  N   . ASN A 1 47 ? -2.645  -14.259 -7.544  1.00 13.12 ? 44  ASN A N   1 
ATOM   372  C  CA  A ASN A 1 47 ? -3.571  -15.250 -8.196  0.50 15.43 ? 44  ASN A CA  1 
ATOM   373  C  CA  B ASN A 1 47 ? -3.574  -15.215 -8.181  0.50 15.69 ? 44  ASN A CA  1 
ATOM   374  C  C   . ASN A 1 47 ? -4.540  -15.734 -7.132  1.00 13.62 ? 44  ASN A C   1 
ATOM   375  O  O   . ASN A 1 47 ? -4.115  -16.431 -6.206  1.00 12.91 ? 44  ASN A O   1 
ATOM   376  C  CB  A ASN A 1 47 ? -2.762  -16.427 -8.816  0.50 17.35 ? 44  ASN A CB  1 
ATOM   377  C  CB  B ASN A 1 47 ? -2.754  -16.364 -8.755  0.50 17.69 ? 44  ASN A CB  1 
ATOM   378  C  CG  A ASN A 1 47 ? -3.656  -17.400 -9.608  0.50 18.29 ? 44  ASN A CG  1 
ATOM   379  C  CG  B ASN A 1 47 ? -3.636  -17.462 -9.285  0.50 18.82 ? 44  ASN A CG  1 
ATOM   380  O  OD1 A ASN A 1 47 ? -4.537  -18.054 -9.038  0.50 16.68 ? 44  ASN A OD1 1 
ATOM   381  O  OD1 B ASN A 1 47 ? -4.884  -17.238 -9.581  0.50 15.57 ? 44  ASN A OD1 1 
ATOM   382  N  ND2 A ASN A 1 47 ? -3.402  -17.541 -10.902 0.50 19.71 ? 44  ASN A ND2 1 
ATOM   383  N  ND2 B ASN A 1 47 ? -3.031  -18.685 -9.373  0.50 23.88 ? 44  ASN A ND2 1 
ATOM   384  N  N   . SER A 1 48 ? -5.827  -15.382 -7.309  1.00 13.67 ? 45  SER A N   1 
ATOM   385  C  CA  . SER A 1 48 ? -6.846  -15.756 -6.292  1.00 12.93 ? 45  SER A CA  1 
ATOM   386  C  C   . SER A 1 48 ? -7.453  -17.138 -6.539  1.00 14.21 ? 45  SER A C   1 
ATOM   387  O  O   . SER A 1 48 ? -8.418  -17.484 -5.863  1.00 11.30 ? 45  SER A O   1 
ATOM   388  C  CB  . SER A 1 48 ? -8.017  -14.715 -6.282  1.00 14.35 ? 45  SER A CB  1 
ATOM   389  O  OG  . SER A 1 48 ? -8.693  -14.731 -7.601  1.00 17.00 ? 45  SER A OG  1 
ATOM   390  N  N   . ALA A 1 49 ? -6.975  -17.891 -7.526  1.00 13.43 ? 46  ALA A N   1 
ATOM   391  C  CA  . ALA A 1 49 ? -7.630  -19.189 -7.836  1.00 13.78 ? 46  ALA A CA  1 
ATOM   392  C  C   . ALA A 1 49 ? -7.925  -20.055 -6.630  1.00 13.01 ? 46  ALA A C   1 
ATOM   393  O  O   . ALA A 1 49 ? -9.004  -20.642 -6.567  1.00 13.70 ? 46  ALA A O   1 
ATOM   394  C  CB  . ALA A 1 49 ? -6.738  -20.004 -8.876  1.00 15.60 ? 46  ALA A CB  1 
ATOM   395  N  N   . ASN A 1 50 ? -6.945  -20.230 -5.712  1.00 12.37 ? 47  ASN A N   1 
ATOM   396  C  CA  . ASN A 1 50 ? -7.124  -21.091 -4.596  1.00 13.97 ? 47  ASN A CA  1 
ATOM   397  C  C   . ASN A 1 50 ? -7.582  -20.376 -3.306  1.00 12.28 ? 47  ASN A C   1 
ATOM   398  O  O   . ASN A 1 50 ? -7.616  -21.075 -2.222  1.00 12.90 ? 47  ASN A O   1 
ATOM   399  C  CB  . ASN A 1 50 ? -5.826  -21.930 -4.363  1.00 17.61 ? 47  ASN A CB  1 
ATOM   400  C  CG  . ASN A 1 50 ? -5.505  -22.751 -5.570  1.00 21.20 ? 47  ASN A CG  1 
ATOM   401  O  OD1 . ASN A 1 50 ? -6.437  -23.295 -6.195  1.00 29.57 ? 47  ASN A OD1 1 
ATOM   402  N  ND2 . ASN A 1 50 ? -4.254  -22.876 -5.886  1.00 29.88 ? 47  ASN A ND2 1 
ATOM   403  N  N   . LEU A 1 51 ? -7.899  -19.070 -3.395  1.00 11.89 ? 48  LEU A N   1 
ATOM   404  C  CA  . LEU A 1 51 ? -8.509  -18.401 -2.194  1.00 11.61 ? 48  LEU A CA  1 
ATOM   405  C  C   . LEU A 1 51 ? -9.874  -19.017 -1.892  1.00 12.80 ? 48  LEU A C   1 
ATOM   406  O  O   . LEU A 1 51 ? -10.708 -19.205 -2.828  1.00 13.32 ? 48  LEU A O   1 
ATOM   407  C  CB  . LEU A 1 51 ? -8.746  -16.913 -2.580  1.00 11.41 ? 48  LEU A CB  1 
ATOM   408  C  CG  . LEU A 1 51 ? -9.453  -16.055 -1.462  1.00 12.13 ? 48  LEU A CG  1 
ATOM   409  C  CD1 . LEU A 1 51 ? -8.466  -15.901 -0.284  1.00 13.64 ? 48  LEU A CD1 1 
ATOM   410  C  CD2 . LEU A 1 51 ? -9.796  -14.709 -2.147  1.00 13.05 ? 48  LEU A CD2 1 
ATOM   411  N  N   . THR A 1 52 ? -10.074 -19.447 -0.652  1.00 11.28 ? 49  THR A N   1 
ATOM   412  C  CA  . THR A 1 52 ? -11.346 -20.068 -0.249  1.00 11.08 ? 49  THR A CA  1 
ATOM   413  C  C   . THR A 1 52 ? -12.340 -18.989 0.210   1.00 11.44 ? 49  THR A C   1 
ATOM   414  O  O   . THR A 1 52 ? -11.960 -17.842 0.515   1.00 11.83 ? 49  THR A O   1 
ATOM   415  C  CB  . THR A 1 52 ? -11.203 -21.056 0.913   1.00 12.49 ? 49  THR A CB  1 
ATOM   416  O  OG1 . THR A 1 52 ? -10.594 -20.359 2.005   1.00 13.41 ? 49  THR A OG1 1 
ATOM   417  C  CG2 . THR A 1 52 ? -10.197 -22.155 0.443   1.00 13.25 ? 49  THR A CG2 1 
ATOM   418  N  N   . ILE A 1 53 ? -13.608 -19.369 0.301   1.00 10.98 ? 50  ILE A N   1 
ATOM   419  C  CA  . ILE A 1 53 ? -14.574 -18.404 0.779   1.00 11.51 ? 50  ILE A CA  1 
ATOM   420  C  C   . ILE A 1 53 ? -14.273 -18.028 2.260   1.00 10.56 ? 50  ILE A C   1 
ATOM   421  O  O   . ILE A 1 53 ? -14.439 -16.861 2.676   1.00 11.28 ? 50  ILE A O   1 
ATOM   422  C  CB  . ILE A 1 53 ? -16.049 -18.970 0.655   1.00 12.41 ? 50  ILE A CB  1 
ATOM   423  C  CG1 . ILE A 1 53 ? -16.329 -19.343 -0.807  1.00 13.70 ? 50  ILE A CG1 1 
ATOM   424  C  CG2 . ILE A 1 53 ? -17.020 -17.929 1.216   1.00 13.77 ? 50  ILE A CG2 1 
ATOM   425  C  CD1 . ILE A 1 53 ? -16.244 -18.210 -1.892  1.00 14.03 ? 50  ILE A CD1 1 
ATOM   426  N  N   . LYS A 1 54 ? -13.915 -19.011 3.091   1.00 12.18 ? 51  LYS A N   1 
ATOM   427  C  CA  A LYS A 1 54 ? -13.559 -18.691 4.434   0.50 11.78 ? 51  LYS A CA  1 
ATOM   428  C  CA  B LYS A 1 54 ? -13.497 -18.733 4.455   0.50 11.65 ? 51  LYS A CA  1 
ATOM   429  C  C   . LYS A 1 54 ? -12.331 -17.720 4.491   1.00 11.47 ? 51  LYS A C   1 
ATOM   430  O  O   . LYS A 1 54 ? -12.390 -16.756 5.277   1.00 12.15 ? 51  LYS A O   1 
ATOM   431  C  CB  A LYS A 1 54 ? -13.363 -19.956 5.255   0.50 14.17 ? 51  LYS A CB  1 
ATOM   432  C  CB  B LYS A 1 54 ? -13.096 -20.009 5.217   0.50 13.90 ? 51  LYS A CB  1 
ATOM   433  C  CG  A LYS A 1 54 ? -12.835 -19.619 6.644   0.50 17.55 ? 51  LYS A CG  1 
ATOM   434  C  CG  B LYS A 1 54 ? -12.508 -19.691 6.606   0.50 16.34 ? 51  LYS A CG  1 
ATOM   435  C  CD  A LYS A 1 54 ? -12.751 -20.885 7.427   0.50 20.51 ? 51  LYS A CD  1 
ATOM   436  C  CD  B LYS A 1 54 ? -13.553 -18.993 7.486   0.50 18.48 ? 51  LYS A CD  1 
ATOM   437  C  CE  A LYS A 1 54 ? -11.693 -20.784 8.524   0.50 25.68 ? 51  LYS A CE  1 
ATOM   438  C  CE  B LYS A 1 54 ? -13.037 -18.802 8.969   0.50 24.20 ? 51  LYS A CE  1 
ATOM   439  N  NZ  A LYS A 1 54 ? -11.974 -21.909 9.460   0.50 26.55 ? 51  LYS A NZ  1 
ATOM   440  N  NZ  B LYS A 1 54 ? -13.915 -17.893 9.770   0.50 24.98 ? 51  LYS A NZ  1 
ATOM   441  N  N   . SER A 1 55 ? -11.304 -17.922 3.662   1.00 11.97 ? 52  SER A N   1 
ATOM   442  C  CA  . SER A 1 55 ? -10.159 -16.946 3.669   1.00 11.61 ? 52  SER A CA  1 
ATOM   443  C  C   . SER A 1 55 ? -10.598 -15.595 3.167   1.00 10.18 ? 52  SER A C   1 
ATOM   444  O  O   . SER A 1 55 ? -10.151 -14.546 3.661   1.00 11.91 ? 52  SER A O   1 
ATOM   445  C  CB  . SER A 1 55 ? -8.977  -17.445 2.814   1.00 12.36 ? 52  SER A CB  1 
ATOM   446  O  OG  . SER A 1 55 ? -8.441  -18.572 3.555   1.00 15.04 ? 52  SER A OG  1 
ATOM   447  N  N   . LEU A 1 56 ? -11.474 -15.593 2.145   1.00 9.88  ? 53  LEU A N   1 
ATOM   448  C  CA  . LEU A 1 56 ? -12.008 -14.271 1.709   1.00 9.83  ? 53  LEU A CA  1 
ATOM   449  C  C   . LEU A 1 56 ? -12.756 -13.511 2.790   1.00 9.33  ? 53  LEU A C   1 
ATOM   450  O  O   . LEU A 1 56 ? -12.606 -12.281 2.957   1.00 10.36 ? 53  LEU A O   1 
ATOM   451  C  CB  . LEU A 1 56 ? -12.882 -14.450 0.431   1.00 10.46 ? 53  LEU A CB  1 
ATOM   452  C  CG  . LEU A 1 56 ? -13.603 -13.182 -0.040  1.00 11.72 ? 53  LEU A CG  1 
ATOM   453  C  CD1 . LEU A 1 56 ? -12.593 -12.160 -0.581  1.00 13.65 ? 53  LEU A CD1 1 
ATOM   454  C  CD2 . LEU A 1 56 ? -14.598 -13.548 -1.173  1.00 11.96 ? 53  LEU A CD2 1 
ATOM   455  N  N   . GLU A 1 57 ? -13.562 -14.264 3.604   1.00 9.22  ? 54  GLU A N   1 
ATOM   456  C  CA  . GLU A 1 57 ? -14.307 -13.607 4.757   1.00 12.32 ? 54  GLU A CA  1 
ATOM   457  C  C   . GLU A 1 57 ? -13.234 -13.074 5.764   1.00 10.41 ? 54  GLU A C   1 
ATOM   458  O  O   . GLU A 1 57 ? -13.387 -11.913 6.269   1.00 10.98 ? 54  GLU A O   1 
ATOM   459  C  CB  . GLU A 1 57 ? -15.131 -14.725 5.414   1.00 15.53 ? 54  GLU A CB  1 
ATOM   460  C  CG  . GLU A 1 57 ? -16.020 -14.045 6.486   1.00 21.55 ? 54  GLU A CG  1 
ATOM   461  C  CD  . GLU A 1 57 ? -17.389 -14.695 6.723   1.00 33.08 ? 54  GLU A CD  1 
ATOM   462  O  OE1 . GLU A 1 57 ? -18.338 -13.956 7.196   1.00 41.78 ? 54  GLU A OE1 1 
ATOM   463  O  OE2 . GLU A 1 57 ? -17.528 -15.875 6.373   1.00 34.33 ? 54  GLU A OE2 1 
ATOM   464  N  N   . LEU A 1 58 ? -12.156 -13.833 6.016   1.00 10.61 ? 55  LEU A N   1 
ATOM   465  C  CA  . LEU A 1 58 ? -11.119 -13.343 6.964   1.00 11.23 ? 55  LEU A CA  1 
ATOM   466  C  C   . LEU A 1 58 ? -10.447 -12.070 6.428   1.00 10.83 ? 55  LEU A C   1 
ATOM   467  O  O   . LEU A 1 58 ? -10.195 -11.092 7.152   1.00 11.29 ? 55  LEU A O   1 
ATOM   468  C  CB  . LEU A 1 58 ? -10.025 -14.384 7.134   1.00 10.26 ? 55  LEU A CB  1 
ATOM   469  C  CG  . LEU A 1 58 ? -10.538 -15.587 8.040   1.00 11.99 ? 55  LEU A CG  1 
ATOM   470  C  CD1 . LEU A 1 58 ? -9.398  -16.657 7.956   1.00 14.73 ? 55  LEU A CD1 1 
ATOM   471  C  CD2 . LEU A 1 58 ? -10.777 -15.177 9.564   1.00 17.90 ? 55  LEU A CD2 1 
ATOM   472  N  N   . ILE A 1 59 ? -10.194 -12.047 5.121   1.00 9.83  ? 56  ILE A N   1 
ATOM   473  C  CA  . ILE A 1 59 ? -9.612  -10.852 4.451   1.00 9.48  ? 56  ILE A CA  1 
ATOM   474  C  C   . ILE A 1 59 ? -10.533 -9.655  4.505   1.00 9.59  ? 56  ILE A C   1 
ATOM   475  O  O   . ILE A 1 59 ? -10.105 -8.545  4.791   1.00 11.73 ? 56  ILE A O   1 
ATOM   476  C  CB  . ILE A 1 59 ? -9.198  -11.229 2.988   1.00 9.35  ? 56  ILE A CB  1 
ATOM   477  C  CG1 . ILE A 1 59 ? -7.989  -12.137 3.038   1.00 11.96 ? 56  ILE A CG1 1 
ATOM   478  C  CG2 . ILE A 1 59 ? -8.803  -9.969  2.196   1.00 12.65 ? 56  ILE A CG2 1 
ATOM   479  C  CD1 . ILE A 1 59 ? -7.570  -12.745 1.659   1.00 13.13 ? 56  ILE A CD1 1 
ATOM   480  N  N   . MET A 1 60 ? -11.846 -9.896  4.216   1.00 9.82  ? 57  MET A N   1 
ATOM   481  C  CA  . MET A 1 60 ? -12.792 -8.732  4.235   1.00 10.16 ? 57  MET A CA  1 
ATOM   482  C  C   . MET A 1 60 ? -12.859 -8.188  5.697   1.00 10.52 ? 57  MET A C   1 
ATOM   483  O  O   . MET A 1 60 ? -12.859 -6.994  5.923   1.00 12.60 ? 57  MET A O   1 
ATOM   484  C  CB  . MET A 1 60 ? -14.199 -9.163  3.792   1.00 11.94 ? 57  MET A CB  1 
ATOM   485  C  CG  . MET A 1 60 ? -14.154 -9.475  2.321   1.00 14.17 ? 57  MET A CG  1 
ATOM   486  S  SD  . MET A 1 60 ? -15.755 -9.947  1.596   1.00 24.86 ? 57  MET A SD  1 
ATOM   487  C  CE  . MET A 1 60 ? -16.149 -10.987 2.649   1.00 8.09  ? 57  MET A CE  1 
ATOM   488  N  N   . LYS A 1 61 ? -12.816 -9.054  6.647   1.00 12.14 ? 58  LYS A N   1 
ATOM   489  C  CA  . LYS A 1 61 ? -12.735 -8.606  8.037   1.00 13.24 ? 58  LYS A CA  1 
ATOM   490  C  C   . LYS A 1 61 ? -11.434 -7.821  8.307   1.00 13.76 ? 58  LYS A C   1 
ATOM   491  O  O   . LYS A 1 61 ? -11.472 -6.797  9.010   1.00 15.70 ? 58  LYS A O   1 
ATOM   492  C  CB  . LYS A 1 61 ? -12.906 -9.763  9.042   1.00 14.43 ? 58  LYS A CB  1 
ATOM   493  C  CG  . LYS A 1 61 ? -14.365 -10.187 9.203   1.00 19.29 ? 58  LYS A CG  1 
ATOM   494  C  CD  . LYS A 1 61 ? -14.466 -11.383 10.175  0.51 18.93 ? 58  LYS A CD  1 
ATOM   495  C  CE  . LYS A 1 61 ? -15.976 -11.713 10.561  0.02 18.35 ? 58  LYS A CE  1 
ATOM   496  N  NZ  . LYS A 1 61 ? -16.721 -11.941 9.074   0.02 18.50 ? 58  LYS A NZ  1 
ATOM   497  N  N   . GLY A 1 62 ? -10.333 -8.321  7.849   1.00 12.54 ? 59  GLY A N   1 
ATOM   498  C  CA  . GLY A 1 62 ? -9.049  -7.634  8.100   1.00 12.26 ? 59  GLY A CA  1 
ATOM   499  C  C   . GLY A 1 62 ? -8.992  -6.327  7.354   1.00 15.37 ? 59  GLY A C   1 
ATOM   500  O  O   . GLY A 1 62 ? -8.384  -5.352  7.889   1.00 16.82 ? 59  GLY A O   1 
ATOM   501  N  N   . LEU A 1 63 ? -9.617  -6.223  6.181   1.00 13.17 ? 60  LEU A N   1 
ATOM   502  C  CA  . LEU A 1 63 ? -9.778  -4.891  5.487   1.00 15.10 ? 60  LEU A CA  1 
ATOM   503  C  C   . LEU A 1 63 ? -10.831 -4.003  6.120   1.00 15.80 ? 60  LEU A C   1 
ATOM   504  O  O   . LEU A 1 63 ? -10.888 -2.771  5.737   1.00 18.92 ? 60  LEU A O   1 
ATOM   505  C  CB  . LEU A 1 63 ? -10.217 -5.137  4.076   1.00 13.85 ? 60  LEU A CB  1 
ATOM   506  C  CG  . LEU A 1 63 ? -9.161  -5.863  3.186   1.00 15.60 ? 60  LEU A CG  1 
ATOM   507  C  CD1 . LEU A 1 63 ? -9.793  -6.341  1.948   1.00 14.80 ? 60  LEU A CD1 1 
ATOM   508  C  CD2 . LEU A 1 63 ? -7.991  -4.870  2.906   1.00 18.98 ? 60  LEU A CD2 1 
ATOM   509  N  N   . GLU A 1 64 ? -11.642 -4.472  7.046   1.00 13.45 ? 61  GLU A N   1 
ATOM   510  C  CA  . GLU A 1 64 ? -12.816 -3.770  7.661   1.00 16.17 ? 61  GLU A CA  1 
ATOM   511  C  C   . GLU A 1 64 ? -13.727 -3.237  6.552   1.00 16.20 ? 61  GLU A C   1 
ATOM   512  O  O   . GLU A 1 64 ? -14.090 -2.034  6.458   1.00 16.84 ? 61  GLU A O   1 
ATOM   513  C  CB  . GLU A 1 64 ? -12.389 -2.601  8.602   1.00 19.99 ? 61  GLU A CB  1 
ATOM   514  C  CG  . GLU A 1 64 ? -11.743 -3.080  9.893   1.00 28.35 ? 61  GLU A CG  1 
ATOM   515  C  CD  . GLU A 1 64 ? -11.100 -1.906  10.636  1.00 36.02 ? 61  GLU A CD  1 
ATOM   516  O  OE1 . GLU A 1 64 ? -11.625 -0.800  10.535  1.00 47.51 ? 61  GLU A OE1 1 
ATOM   517  O  OE2 . GLU A 1 64 ? -10.017 -2.068  11.230  1.00 40.39 ? 61  GLU A OE2 1 
ATOM   518  N  N   . VAL A 1 65 ? -13.995 -4.104  5.581   1.00 15.18 ? 62  VAL A N   1 
ATOM   519  C  CA  A VAL A 1 65 ? -14.984 -3.870  4.551   0.50 14.37 ? 62  VAL A CA  1 
ATOM   520  C  CA  B VAL A 1 65 ? -15.077 -3.811  4.667   0.50 16.52 ? 62  VAL A CA  1 
ATOM   521  C  C   . VAL A 1 65 ? -16.091 -4.909  4.714   1.00 13.37 ? 62  VAL A C   1 
ATOM   522  O  O   . VAL A 1 65 ? -15.792 -6.073  5.010   1.00 13.59 ? 62  VAL A O   1 
ATOM   523  C  CB  A VAL A 1 65 ? -14.315 -3.941  3.136   0.50 12.56 ? 62  VAL A CB  1 
ATOM   524  C  CB  B VAL A 1 65 ? -14.635 -3.543  3.202   0.50 17.47 ? 62  VAL A CB  1 
ATOM   525  C  CG1 A VAL A 1 65 ? -13.842 -5.412  2.771   0.50 13.03 ? 62  VAL A CG1 1 
ATOM   526  C  CG1 B VAL A 1 65 ? -13.722 -2.346  3.130   0.50 19.98 ? 62  VAL A CG1 1 
ATOM   527  C  CG2 A VAL A 1 65 ? -15.246 -3.388  2.055   0.50 10.78 ? 62  VAL A CG2 1 
ATOM   528  C  CG2 B VAL A 1 65 ? -14.029 -4.791  2.540   0.50 21.10 ? 62  VAL A CG2 1 
ATOM   529  N  N   . SER A 1 66 ? -17.368 -4.488  4.515   1.00 12.91 ? 63  SER A N   1 
ATOM   530  C  CA  . SER A 1 66 ? -18.420 -5.473  4.543   1.00 12.94 ? 63  SER A CA  1 
ATOM   531  C  C   . SER A 1 66 ? -18.382 -6.329  3.269   1.00 12.60 ? 63  SER A C   1 
ATOM   532  O  O   . SER A 1 66 ? -17.840 -5.939  2.190   1.00 13.57 ? 63  SER A O   1 
ATOM   533  C  CB  . SER A 1 66 ? -19.840 -4.801  4.671   1.00 18.16 ? 63  SER A CB  1 
ATOM   534  O  OG  . SER A 1 66 ? -20.068 -4.116  3.419   1.00 16.57 ? 63  SER A OG  1 
ATOM   535  N  N   . ASP A 1 67 ? -18.933 -7.544  3.401   1.00 13.33 ? 64  ASP A N   1 
ATOM   536  C  CA  . ASP A 1 67 ? -19.065 -8.387  2.251   1.00 15.21 ? 64  ASP A CA  1 
ATOM   537  C  C   . ASP A 1 67 ? -19.913 -7.737  1.166   1.00 12.21 ? 64  ASP A C   1 
ATOM   538  O  O   . ASP A 1 67 ? -19.527 -7.868  -0.027  1.00 12.73 ? 64  ASP A O   1 
ATOM   539  C  CB  . ASP A 1 67 ? -19.575 -9.822  2.605   1.00 15.61 ? 64  ASP A CB  1 
ATOM   540  C  CG  . ASP A 1 67 ? -20.805 -9.902  3.381   1.00 20.54 ? 64  ASP A CG  1 
ATOM   541  O  OD1 . ASP A 1 67 ? -21.527 -8.951  3.663   1.00 19.21 ? 64  ASP A OD1 1 
ATOM   542  O  OD2 . ASP A 1 67 ? -21.125 -11.133 3.902   1.00 18.70 ? 64  ASP A OD2 1 
ATOM   543  N  N   . VAL A 1 68 ? -20.957 -7.017  1.532   1.00 12.23 ? 65  VAL A N   1 
ATOM   544  C  CA  . VAL A 1 68 ? -21.744 -6.357  0.517   1.00 12.61 ? 65  VAL A CA  1 
ATOM   545  C  C   . VAL A 1 68 ? -20.897 -5.339  -0.307  1.00 12.67 ? 65  VAL A C   1 
ATOM   546  O  O   . VAL A 1 68 ? -20.959 -5.318  -1.542  1.00 11.98 ? 65  VAL A O   1 
ATOM   547  C  CB  . VAL A 1 68 ? -22.991 -5.698  1.150   1.00 13.92 ? 65  VAL A CB  1 
ATOM   548  C  CG1 . VAL A 1 68 ? -23.686 -4.669  0.240   1.00 13.58 ? 65  VAL A CG1 1 
ATOM   549  C  CG2 . VAL A 1 68 ? -24.032 -6.753  1.685   1.00 14.59 ? 65  VAL A CG2 1 
ATOM   550  N  N   . VAL A 1 69 ? -20.117 -4.490  0.367   1.00 13.06 ? 66  VAL A N   1 
ATOM   551  C  CA  . VAL A 1 69 ? -19.285 -3.488  -0.336  1.00 12.39 ? 66  VAL A CA  1 
ATOM   552  C  C   . VAL A 1 69 ? -18.243 -4.193  -1.138  1.00 11.64 ? 66  VAL A C   1 
ATOM   553  O  O   . VAL A 1 69 ? -18.006 -3.794  -2.304  1.00 12.50 ? 66  VAL A O   1 
ATOM   554  C  CB  . VAL A 1 69 ? -18.729 -2.546  0.719   1.00 13.06 ? 66  VAL A CB  1 
ATOM   555  C  CG1 . VAL A 1 69 ? -17.640 -1.662  0.111   1.00 15.98 ? 66  VAL A CG1 1 
ATOM   556  C  CG2 . VAL A 1 69 ? -19.847 -1.616  1.240   1.00 18.34 ? 66  VAL A CG2 1 
ATOM   557  N  N   . PHE A 1 70 ? -17.634 -5.260  -0.585  1.00 11.23 ? 67  PHE A N   1 
ATOM   558  C  CA  . PHE A 1 70 ? -16.685 -5.995  -1.410  1.00 10.22 ? 67  PHE A CA  1 
ATOM   559  C  C   . PHE A 1 70 ? -17.261 -6.512  -2.736  1.00 12.52 ? 67  PHE A C   1 
ATOM   560  O  O   . PHE A 1 70 ? -16.699 -6.315  -3.803  1.00 11.61 ? 67  PHE A O   1 
ATOM   561  C  CB  . PHE A 1 70 ? -16.114 -7.173  -0.604  1.00 12.29 ? 67  PHE A CB  1 
ATOM   562  C  CG  . PHE A 1 70 ? -15.056 -7.872  -1.323  1.00 11.91 ? 67  PHE A CG  1 
ATOM   563  C  CD1 . PHE A 1 70 ? -15.320 -8.967  -2.208  1.00 13.50 ? 67  PHE A CD1 1 
ATOM   564  C  CD2 . PHE A 1 70 ? -13.754 -7.431  -1.129  1.00 14.55 ? 67  PHE A CD2 1 
ATOM   565  C  CE1 . PHE A 1 70 ? -14.279 -9.502  -2.970  1.00 14.49 ? 67  PHE A CE1 1 
ATOM   566  C  CE2 . PHE A 1 70 ? -12.683 -8.021  -1.861  1.00 16.35 ? 67  PHE A CE2 1 
ATOM   567  C  CZ  . PHE A 1 70 ? -12.992 -9.043  -2.788  1.00 14.74 ? 67  PHE A CZ  1 
ATOM   568  N  N   . PHE A 1 71 ? -18.377 -7.188  -2.614  1.00 12.26 ? 68  PHE A N   1 
ATOM   569  C  CA  . PHE A 1 71 ? -18.946 -7.761  -3.834  1.00 11.47 ? 68  PHE A CA  1 
ATOM   570  C  C   . PHE A 1 71 ? -19.496 -6.654  -4.761  1.00 11.59 ? 68  PHE A C   1 
ATOM   571  O  O   . PHE A 1 71 ? -19.420 -6.860  -5.969  1.00 11.70 ? 68  PHE A O   1 
ATOM   572  C  CB  . PHE A 1 71 ? -20.073 -8.754  -3.448  1.00 12.35 ? 68  PHE A CB  1 
ATOM   573  C  CG  . PHE A 1 71 ? -19.545 -10.014 -2.805  1.00 14.98 ? 68  PHE A CG  1 
ATOM   574  C  CD1 . PHE A 1 71 ? -18.584 -10.754 -3.384  1.00 18.24 ? 68  PHE A CD1 1 
ATOM   575  C  CD2 . PHE A 1 71 ? -20.127 -10.392 -1.597  1.00 16.69 ? 68  PHE A CD2 1 
ATOM   576  C  CE1 . PHE A 1 71 ? -18.098 -11.954 -2.706  1.00 17.00 ? 68  PHE A CE1 1 
ATOM   577  C  CE2 . PHE A 1 71 ? -19.674 -11.596 -0.997  1.00 16.67 ? 68  PHE A CE2 1 
ATOM   578  C  CZ  . PHE A 1 71 ? -18.665 -12.288 -1.561  1.00 15.63 ? 68  PHE A CZ  1 
ATOM   579  N  N   . GLU A 1 72 ? -19.952 -5.563  -4.227  1.00 11.68 ? 69  GLU A N   1 
ATOM   580  C  CA  . GLU A 1 72 ? -20.441 -4.458  -5.138  1.00 10.74 ? 69  GLU A CA  1 
ATOM   581  C  C   . GLU A 1 72 ? -19.223 -3.869  -5.908  1.00 11.53 ? 69  GLU A C   1 
ATOM   582  O  O   . GLU A 1 72 ? -19.293 -3.467  -7.108  1.00 12.32 ? 69  GLU A O   1 
ATOM   583  C  CB  . GLU A 1 72 ? -21.119 -3.406  -4.334  1.00 13.33 ? 69  GLU A CB  1 
ATOM   584  C  CG  . GLU A 1 72 ? -22.485 -3.904  -3.942  1.00 16.11 ? 69  GLU A CG  1 
ATOM   585  C  CD  . GLU A 1 72 ? -23.274 -3.104  -2.924  1.00 21.74 ? 69  GLU A CD  1 
ATOM   586  O  OE1 . GLU A 1 72 ? -22.676 -2.176  -2.336  1.00 24.94 ? 69  GLU A OE1 1 
ATOM   587  O  OE2 . GLU A 1 72 ? -24.455 -3.465  -2.776  1.00 20.71 ? 69  GLU A OE2 1 
ATOM   588  N  N   A MET A 1 73 ? -18.057 -3.718  -5.260  0.50 10.83 ? 70  MET A N   1 
ATOM   589  N  N   B MET A 1 73 ? -18.057 -3.717  -5.263  0.50 11.11 ? 70  MET A N   1 
ATOM   590  C  CA  A MET A 1 73 ? -16.844 -3.243  -6.006  0.50 10.70 ? 70  MET A CA  1 
ATOM   591  C  CA  B MET A 1 73 ? -16.852 -3.255  -6.026  0.50 11.03 ? 70  MET A CA  1 
ATOM   592  C  C   A MET A 1 73 ? -16.409 -4.231  -7.047  0.50 11.70 ? 70  MET A C   1 
ATOM   593  C  C   B MET A 1 73 ? -16.423 -4.236  -7.060  0.50 11.99 ? 70  MET A C   1 
ATOM   594  O  O   A MET A 1 73 ? -16.005 -3.833  -8.134  0.50 12.75 ? 70  MET A O   1 
ATOM   595  O  O   B MET A 1 73 ? -16.010 -3.839  -8.142  0.50 12.96 ? 70  MET A O   1 
ATOM   596  C  CB  A MET A 1 73 ? -15.672 -2.975  -4.942  0.50 11.81 ? 70  MET A CB  1 
ATOM   597  C  CB  B MET A 1 73 ? -15.654 -3.043  -5.009  0.50 13.01 ? 70  MET A CB  1 
ATOM   598  C  CG  A MET A 1 73 ? -16.123 -2.016  -3.880  0.50 13.57 ? 70  MET A CG  1 
ATOM   599  C  CG  B MET A 1 73 ? -15.788 -1.784  -4.236  0.50 14.63 ? 70  MET A CG  1 
ATOM   600  S  SD  A MET A 1 73 ? -14.825 -1.430  -2.719  0.50 15.22 ? 70  MET A SD  1 
ATOM   601  S  SD  B MET A 1 73 ? -14.346 -1.728  -3.127  0.50 17.71 ? 70  MET A SD  1 
ATOM   602  C  CE  A MET A 1 73 ? -13.505 -1.106  -3.978  0.50 8.96  ? 70  MET A CE  1 
ATOM   603  C  CE  B MET A 1 73 ? -15.057 -0.430  -2.044  0.50 11.66 ? 70  MET A CE  1 
ATOM   604  N  N   . LEU A 1 74 ? -16.520 -5.533  -6.784  1.00 10.80 ? 71  LEU A N   1 
ATOM   605  C  CA  . LEU A 1 74 ? -16.158 -6.547  -7.746  1.00 12.13 ? 71  LEU A CA  1 
ATOM   606  C  C   . LEU A 1 74 ? -17.156 -6.499  -8.925  1.00 11.51 ? 71  LEU A C   1 
ATOM   607  O  O   . LEU A 1 74 ? -16.674 -6.570  -10.033 1.00 11.45 ? 71  LEU A O   1 
ATOM   608  C  CB  . LEU A 1 74 ? -16.228 -7.859  -6.973  1.00 13.34 ? 71  LEU A CB  1 
ATOM   609  C  CG  . LEU A 1 74 ? -15.826 -9.070  -7.854  1.00 13.02 ? 71  LEU A CG  1 
ATOM   610  C  CD1 . LEU A 1 74 ? -14.464 -8.951  -8.473  1.00 16.21 ? 71  LEU A CD1 1 
ATOM   611  C  CD2 . LEU A 1 74 ? -15.991 -10.342 -6.980  1.00 15.41 ? 71  LEU A CD2 1 
ATOM   612  N  N   . ILE A 1 75 ? -18.445 -6.354  -8.653  1.00 11.81 ? 72  ILE A N   1 
ATOM   613  C  CA  . ILE A 1 75 ? -19.389 -6.354  -9.794  1.00 12.12 ? 72  ILE A CA  1 
ATOM   614  C  C   . ILE A 1 75 ? -19.091 -5.100  -10.608 1.00 12.57 ? 72  ILE A C   1 
ATOM   615  O  O   . ILE A 1 75 ? -19.100 -5.160  -11.857 1.00 13.60 ? 72  ILE A O   1 
ATOM   616  C  CB  . ILE A 1 75 ? -20.774 -6.209  -9.178  1.00 11.72 ? 72  ILE A CB  1 
ATOM   617  C  CG1 . ILE A 1 75 ? -21.205 -7.590  -8.629  1.00 13.01 ? 72  ILE A CG1 1 
ATOM   618  C  CG2 . ILE A 1 75 ? -21.778 -5.662  -10.255 1.00 12.83 ? 72  ILE A CG2 1 
ATOM   619  C  CD1 . ILE A 1 75 ? -22.382 -7.520  -7.692  1.00 14.50 ? 72  ILE A CD1 1 
ATOM   620  N  N   . LYS A 1 76 ? -18.872 -3.933  -9.955  1.00 11.83 ? 73  LYS A N   1 
ATOM   621  C  CA  . LYS A 1 76 ? -18.565 -2.728  -10.771 1.00 13.38 ? 73  LYS A CA  1 
ATOM   622  C  C   . LYS A 1 76 ? -17.292 -2.917  -11.642 1.00 14.65 ? 73  LYS A C   1 
ATOM   623  O  O   . LYS A 1 76 ? -17.242 -2.526  -12.834 1.00 12.76 ? 73  LYS A O   1 
ATOM   624  C  CB  . LYS A 1 76 ? -18.428 -1.529  -9.817  1.00 14.74 ? 73  LYS A CB  1 
ATOM   625  C  CG  . LYS A 1 76 ? -18.076 -0.233  -10.613 1.00 18.47 ? 73  LYS A CG  1 
ATOM   626  C  CD  . LYS A 1 76 ? -18.114 0.935   -9.589  1.00 24.74 ? 73  LYS A CD  1 
ATOM   627  C  CE  . LYS A 1 76 ? -17.787 2.285   -10.248 1.00 35.84 ? 73  LYS A CE  1 
ATOM   628  N  NZ  . LYS A 1 76 ? -17.822 3.388   -9.204  1.00 34.24 ? 73  LYS A NZ  1 
ATOM   629  N  N   . GLU A 1 77 ? -16.235 -3.601  -11.166 1.00 11.53 ? 74  GLU A N   1 
ATOM   630  C  CA  A GLU A 1 77 ? -15.056 -3.907  -11.993 0.50 13.26 ? 74  GLU A CA  1 
ATOM   631  C  CA  B GLU A 1 77 ? -15.096 -3.791  -11.945 0.50 13.31 ? 74  GLU A CA  1 
ATOM   632  C  C   . GLU A 1 77 ? -15.359 -4.760  -13.133 1.00 13.71 ? 74  GLU A C   1 
ATOM   633  O  O   . GLU A 1 77 ? -14.836 -4.525  -14.249 1.00 15.34 ? 74  GLU A O   1 
ATOM   634  C  CB  A GLU A 1 77 ? -13.943 -4.657  -11.198 0.50 15.23 ? 74  GLU A CB  1 
ATOM   635  C  CB  B GLU A 1 77 ? -13.992 -4.239  -10.933 0.50 14.81 ? 74  GLU A CB  1 
ATOM   636  C  CG  A GLU A 1 77 ? -13.286 -3.755  -10.181 0.50 16.76 ? 74  GLU A CG  1 
ATOM   637  C  CG  B GLU A 1 77 ? -12.756 -4.660  -11.608 0.50 17.66 ? 74  GLU A CG  1 
ATOM   638  C  CD  A GLU A 1 77 ? -12.444 -2.650  -10.798 0.50 21.91 ? 74  GLU A CD  1 
ATOM   639  C  CD  B GLU A 1 77 ? -11.977 -3.445  -12.132 0.50 18.11 ? 74  GLU A CD  1 
ATOM   640  O  OE1 A GLU A 1 77 ? -11.878 -2.841  -11.903 0.50 19.04 ? 74  GLU A OE1 1 
ATOM   641  O  OE1 B GLU A 1 77 ? -11.134 -3.741  -13.000 0.50 21.10 ? 74  GLU A OE1 1 
ATOM   642  O  OE2 A GLU A 1 77 ? -12.391 -1.558  -10.224 0.50 25.86 ? 74  GLU A OE2 1 
ATOM   643  O  OE2 B GLU A 1 77 ? -12.192 -2.255  -11.720 0.50 17.07 ? 74  GLU A OE2 1 
ATOM   644  N  N   . ILE A 1 78 ? -16.134 -5.831  -12.912 1.00 13.94 ? 75  ILE A N   1 
ATOM   645  C  CA  . ILE A 1 78 ? -16.497 -6.763  -13.942 1.00 13.54 ? 75  ILE A CA  1 
ATOM   646  C  C   . ILE A 1 78 ? -17.318 -5.992  -14.997 1.00 14.08 ? 75  ILE A C   1 
ATOM   647  O  O   . ILE A 1 78 ? -17.048 -6.092  -16.211 1.00 14.14 ? 75  ILE A O   1 
ATOM   648  C  CB  . ILE A 1 78 ? -17.293 -7.929  -13.351 1.00 13.95 ? 75  ILE A CB  1 
ATOM   649  C  CG1 . ILE A 1 78 ? -16.355 -8.789  -12.462 1.00 15.27 ? 75  ILE A CG1 1 
ATOM   650  C  CG2 . ILE A 1 78 ? -17.898 -8.743  -14.524 1.00 13.15 ? 75  ILE A CG2 1 
ATOM   651  C  CD1 . ILE A 1 78 ? -17.218 -9.703  -11.554 1.00 14.71 ? 75  ILE A CD1 1 
ATOM   652  N  N   . LEU A 1 79 ? -18.318 -5.282  -14.521 1.00 12.80 ? 76  LEU A N   1 
ATOM   653  C  CA  . LEU A 1 79 ? -19.194 -4.569  -15.539 1.00 14.84 ? 76  LEU A CA  1 
ATOM   654  C  C   . LEU A 1 79 ? -18.467 -3.551  -16.402 1.00 17.74 ? 76  LEU A C   1 
ATOM   655  O  O   . LEU A 1 79 ? -18.629 -3.457  -17.599 1.00 16.14 ? 76  LEU A O   1 
ATOM   656  C  CB  . LEU A 1 79 ? -20.444 -3.944  -14.924 1.00 13.26 ? 76  LEU A CB  1 
ATOM   657  C  CG  . LEU A 1 79 ? -21.422 -4.979  -14.419 1.00 13.19 ? 76  LEU A CG  1 
ATOM   658  C  CD1 . LEU A 1 79 ? -22.536 -4.253  -13.586 1.00 13.76 ? 76  LEU A CD1 1 
ATOM   659  C  CD2 . LEU A 1 79 ? -22.072 -5.825  -15.472 1.00 14.83 ? 76  LEU A CD2 1 
ATOM   660  N  N   . LYS A 1 80 ? -17.645 -2.769  -15.754 1.00 14.53 ? 77  LYS A N   1 
ATOM   661  C  CA  A LYS A 1 80 ? -16.981 -1.653  -16.430 0.50 16.07 ? 77  LYS A CA  1 
ATOM   662  C  CA  B LYS A 1 80 ? -17.041 -1.663  -16.473 0.50 15.62 ? 77  LYS A CA  1 
ATOM   663  C  C   . LYS A 1 80 ? -15.826 -2.120  -17.255 1.00 15.52 ? 77  LYS A C   1 
ATOM   664  O  O   . LYS A 1 80 ? -15.521 -1.462  -18.290 1.00 17.86 ? 77  LYS A O   1 
ATOM   665  C  CB  A LYS A 1 80 ? -16.512 -0.572  -15.429 0.50 16.68 ? 77  LYS A CB  1 
ATOM   666  C  CB  B LYS A 1 80 ? -16.825 -0.404  -15.569 0.50 15.74 ? 77  LYS A CB  1 
ATOM   667  C  CG  A LYS A 1 80 ? -17.635 0.157   -14.714 0.50 17.38 ? 77  LYS A CG  1 
ATOM   668  C  CG  B LYS A 1 80 ? -18.126 0.082   -14.910 0.50 15.27 ? 77  LYS A CG  1 
ATOM   669  C  CD  A LYS A 1 80 ? -16.986 1.376   -14.024 0.50 18.99 ? 77  LYS A CD  1 
ATOM   670  C  CD  B LYS A 1 80 ? -17.988 1.400   -14.136 0.50 19.12 ? 77  LYS A CD  1 
ATOM   671  C  CE  A LYS A 1 80 ? -17.794 2.651   -14.248 0.50 28.09 ? 77  LYS A CE  1 
ATOM   672  C  CE  B LYS A 1 80 ? -17.186 2.557   -14.751 0.50 23.48 ? 77  LYS A CE  1 
ATOM   673  N  NZ  A LYS A 1 80 ? -19.262 2.483   -14.223 0.50 25.96 ? 77  LYS A NZ  1 
ATOM   674  N  NZ  B LYS A 1 80 ? -17.802 3.804   -14.081 0.50 24.90 ? 77  LYS A NZ  1 
ATOM   675  N  N   . HIS A 1 81 ? -15.150 -3.219  -16.903 1.00 15.34 ? 78  HIS A N   1 
ATOM   676  C  CA  . HIS A 1 81 ? -13.937 -3.640  -17.582 1.00 16.90 ? 78  HIS A CA  1 
ATOM   677  C  C   . HIS A 1 81 ? -13.922 -4.933  -18.292 1.00 19.51 ? 78  HIS A C   1 
ATOM   678  O  O   . HIS A 1 81 ? -13.018 -5.226  -19.118 1.00 24.29 ? 78  HIS A O   1 
ATOM   679  C  CB  . HIS A 1 81 ? -12.713 -3.401  -16.622 1.00 18.62 ? 78  HIS A CB  1 
ATOM   680  C  CG  . HIS A 1 81 ? -12.657 -2.015  -16.107 1.00 23.67 ? 78  HIS A CG  1 
ATOM   681  N  ND1 . HIS A 1 81 ? -12.188 -1.025  -16.881 1.00 26.42 ? 78  HIS A ND1 1 
ATOM   682  C  CD2 . HIS A 1 81 ? -13.118 -1.420  -14.929 1.00 23.22 ? 78  HIS A CD2 1 
ATOM   683  C  CE1 . HIS A 1 81 ? -12.297 0.143   -16.239 1.00 23.58 ? 78  HIS A CE1 1 
ATOM   684  N  NE2 . HIS A 1 81 ? -12.862 -0.082  -15.027 1.00 24.93 ? 78  HIS A NE2 1 
ATOM   685  N  N   . ASP A 1 82 ? -14.906 -5.812  -18.105 1.00 15.44 ? 79  ASP A N   1 
ATOM   686  C  CA  . ASP A 1 82 ? -14.909 -7.116  -18.762 1.00 15.80 ? 79  ASP A CA  1 
ATOM   687  C  C   . ASP A 1 82 ? -15.768 -7.093  -20.018 1.00 18.08 ? 79  ASP A C   1 
ATOM   688  O  O   . ASP A 1 82 ? -16.448 -6.096  -20.286 1.00 15.15 ? 79  ASP A O   1 
ATOM   689  C  CB  . ASP A 1 82 ? -15.515 -8.138  -17.811 1.00 20.53 ? 79  ASP A CB  1 
ATOM   690  C  CG  . ASP A 1 82 ? -15.258 -9.589  -18.231 1.00 24.48 ? 79  ASP A CG  1 
ATOM   691  O  OD1 . ASP A 1 82 ? -14.355 -9.822  -19.075 1.00 34.35 ? 79  ASP A OD1 1 
ATOM   692  O  OD2 . ASP A 1 82 ? -15.864 -10.501 -17.666 1.00 29.80 ? 79  ASP A OD2 1 
ATOM   693  O  OXT . ASP A 1 82 ? -15.808 -8.134  -20.768 1.00 19.98 ? 79  ASP A OXT 1 
ATOM   694  N  N   . GLU B 1 5  ? 11.824  9.816   18.528  1.00 60.22 ? 2   GLU B N   1 
ATOM   695  C  CA  . GLU B 1 5  ? 11.626  10.459  17.201  1.00 46.66 ? 2   GLU B CA  1 
ATOM   696  C  C   . GLU B 1 5  ? 11.000  11.871  17.380  1.00 47.30 ? 2   GLU B C   1 
ATOM   697  O  O   . GLU B 1 5  ? 9.839   12.005  17.832  1.00 45.83 ? 2   GLU B O   1 
ATOM   698  C  CB  . GLU B 1 5  ? 10.727  9.553   16.287  1.00 51.15 ? 2   GLU B CB  1 
ATOM   699  C  CG  . GLU B 1 5  ? 11.179  9.421   14.825  1.00 47.57 ? 2   GLU B CG  1 
ATOM   700  C  CD  . GLU B 1 5  ? 10.108  8.917   13.866  1.00 42.82 ? 2   GLU B CD  1 
ATOM   701  O  OE1 . GLU B 1 5  ? 9.068   8.548   14.386  1.00 45.23 ? 2   GLU B OE1 1 
ATOM   702  O  OE2 . GLU B 1 5  ? 10.293  8.881   12.525  1.00 40.38 ? 2   GLU B OE2 1 
ATOM   703  N  N   . SER B 1 6  ? 11.724  12.925  16.977  1.00 34.35 ? 3   SER B N   1 
ATOM   704  C  CA  . SER B 1 6  ? 11.150  14.281  17.006  1.00 29.74 ? 3   SER B CA  1 
ATOM   705  C  C   . SER B 1 6  ? 9.976   14.339  16.024  1.00 25.85 ? 3   SER B C   1 
ATOM   706  O  O   . SER B 1 6  ? 9.775   13.391  15.191  1.00 22.65 ? 3   SER B O   1 
ATOM   707  C  CB  . SER B 1 6  ? 12.217  15.237  16.543  1.00 31.42 ? 3   SER B CB  1 
ATOM   708  O  OG  . SER B 1 6  ? 12.343  14.992  15.127  1.00 23.85 ? 3   SER B OG  1 
ATOM   709  N  N   . PHE B 1 7  ? 9.192   15.402  16.132  1.00 23.77 ? 4   PHE B N   1 
ATOM   710  C  CA  . PHE B 1 7  ? 8.142   15.748  15.243  1.00 21.88 ? 4   PHE B CA  1 
ATOM   711  C  C   . PHE B 1 7  ? 8.750   15.762  13.800  1.00 17.37 ? 4   PHE B C   1 
ATOM   712  O  O   . PHE B 1 7  ? 8.083   15.162  12.920  1.00 20.35 ? 4   PHE B O   1 
ATOM   713  C  CB  . PHE B 1 7  ? 7.505   17.141  15.587  1.00 22.73 ? 4   PHE B CB  1 
ATOM   714  C  CG  . PHE B 1 7  ? 6.348   17.482  14.699  1.00 27.24 ? 4   PHE B CG  1 
ATOM   715  C  CD1 . PHE B 1 7  ? 6.545   18.007  13.367  1.00 26.87 ? 4   PHE B CD1 1 
ATOM   716  C  CD2 . PHE B 1 7  ? 5.046   17.231  15.123  1.00 27.02 ? 4   PHE B CD2 1 
ATOM   717  C  CE1 . PHE B 1 7  ? 5.453   18.262  12.517  1.00 27.16 ? 4   PHE B CE1 1 
ATOM   718  C  CE2 . PHE B 1 7  ? 3.952   17.491  14.323  1.00 24.24 ? 4   PHE B CE2 1 
ATOM   719  C  CZ  . PHE B 1 7  ? 4.131   18.058  13.039  1.00 24.37 ? 4   PHE B CZ  1 
ATOM   720  N  N   . LEU B 1 8  ? 9.916   16.358  13.552  1.00 18.38 ? 5   LEU B N   1 
ATOM   721  C  CA  . LEU B 1 8  ? 10.447  16.410  12.169  1.00 17.11 ? 5   LEU B CA  1 
ATOM   722  C  C   . LEU B 1 8  ? 10.678  15.001  11.607  1.00 16.22 ? 5   LEU B C   1 
ATOM   723  O  O   . LEU B 1 8  ? 10.290  14.728  10.483  1.00 15.93 ? 5   LEU B O   1 
ATOM   724  C  CB  . LEU B 1 8  ? 11.780  17.112  12.057  1.00 19.55 ? 5   LEU B CB  1 
ATOM   725  C  CG  . LEU B 1 8  ? 12.570  17.132  10.672  1.00 16.80 ? 5   LEU B CG  1 
ATOM   726  C  CD1 . LEU B 1 8  ? 11.656  17.796  9.612   1.00 15.88 ? 5   LEU B CD1 1 
ATOM   727  C  CD2 . LEU B 1 8  ? 13.939  17.797  10.728  1.00 22.88 ? 5   LEU B CD2 1 
ATOM   728  N  N   . LEU B 1 9  ? 11.338  14.162  12.411  1.00 16.08 ? 6   LEU B N   1 
ATOM   729  C  CA  A LEU B 1 9  ? 11.599  12.786  11.888  0.50 16.44 ? 6   LEU B CA  1 
ATOM   730  C  CA  B LEU B 1 9  ? 11.622  12.829  11.880  0.50 16.54 ? 6   LEU B CA  1 
ATOM   731  C  C   . LEU B 1 9  ? 10.320  12.099  11.653  1.00 16.12 ? 6   LEU B C   1 
ATOM   732  O  O   . LEU B 1 9  ? 10.132  11.377  10.613  1.00 17.62 ? 6   LEU B O   1 
ATOM   733  C  CB  A LEU B 1 9  ? 12.418  11.927  12.840  0.50 16.54 ? 6   LEU B CB  1 
ATOM   734  C  CB  B LEU B 1 9  ? 12.584  12.105  12.818  0.50 16.99 ? 6   LEU B CB  1 
ATOM   735  C  CG  A LEU B 1 9  ? 13.878  12.343  13.078  0.50 18.75 ? 6   LEU B CG  1 
ATOM   736  C  CG  B LEU B 1 9  ? 14.091  12.351  12.538  0.50 17.41 ? 6   LEU B CG  1 
ATOM   737  C  CD1 A LEU B 1 9  ? 14.679  11.239  13.768  0.50 15.97 ? 6   LEU B CD1 1 
ATOM   738  C  CD1 B LEU B 1 9  ? 14.402  11.802  11.147  0.50 19.22 ? 6   LEU B CD1 1 
ATOM   739  C  CD2 A LEU B 1 9  ? 14.630  12.842  11.827  0.50 17.30 ? 6   LEU B CD2 1 
ATOM   740  C  CD2 B LEU B 1 9  ? 14.613  13.807  12.654  0.50 15.57 ? 6   LEU B CD2 1 
ATOM   741  N  N   . SER B 1 10 ? 9.327   12.205  12.552  1.00 15.86 ? 7   SER B N   1 
ATOM   742  C  CA  B SER B 1 10 ? 8.105   11.539  12.364  0.38 15.91 ? 7   SER B CA  1 
ATOM   743  C  CA  C SER B 1 10 ? 7.994   11.528  12.288  0.62 16.05 ? 7   SER B CA  1 
ATOM   744  C  C   . SER B 1 10 ? 7.303   12.082  11.118  1.00 15.32 ? 7   SER B C   1 
ATOM   745  O  O   . SER B 1 10 ? 6.640   11.340  10.407  1.00 15.55 ? 7   SER B O   1 
ATOM   746  C  CB  B SER B 1 10 ? 7.396   11.676  13.749  0.38 17.37 ? 7   SER B CB  1 
ATOM   747  C  CB  C SER B 1 10 ? 6.877   11.617  13.427  0.62 20.51 ? 7   SER B CB  1 
ATOM   748  O  OG  B SER B 1 10 ? 7.930   10.764  14.661  0.38 20.45 ? 7   SER B OG  1 
ATOM   749  O  OG  C SER B 1 10 ? 6.786   12.960  13.782  0.62 28.49 ? 7   SER B OG  1 
ATOM   750  N  N   . LYS B 1 11 ? 7.514   13.399  10.816  1.00 16.46 ? 8   LYS B N   1 
ATOM   751  C  CA  . LYS B 1 11 ? 6.745   13.925  9.719   1.00 17.09 ? 8   LYS B CA  1 
ATOM   752  C  C   . LYS B 1 11 ? 7.482   13.712  8.389   1.00 12.31 ? 8   LYS B C   1 
ATOM   753  O  O   . LYS B 1 11 ? 6.767   13.663  7.336   1.00 13.60 ? 8   LYS B O   1 
ATOM   754  C  CB  . LYS B 1 11 ? 6.409   15.433  9.902   1.00 17.85 ? 8   LYS B CB  1 
ATOM   755  C  CG  . LYS B 1 11 ? 5.322   15.628  11.041  1.00 27.15 ? 8   LYS B CG  1 
ATOM   756  C  CD  . LYS B 1 11 ? 4.153   14.754  10.666  1.00 34.70 ? 8   LYS B CD  1 
ATOM   757  C  CE  . LYS B 1 11 ? 3.774   13.791  11.785  1.00 42.61 ? 8   LYS B CE  1 
ATOM   758  N  NZ  . LYS B 1 11 ? 2.510   14.304  12.416  1.00 43.79 ? 8   LYS B NZ  1 
ATOM   759  N  N   . VAL B 1 12 ? 8.784   13.598  8.402   1.00 11.79 ? 9   VAL B N   1 
ATOM   760  C  CA  . VAL B 1 12 ? 9.386   13.091  7.112   1.00 11.82 ? 9   VAL B CA  1 
ATOM   761  C  C   . VAL B 1 12 ? 8.849   11.725  6.766   1.00 11.75 ? 9   VAL B C   1 
ATOM   762  O  O   . VAL B 1 12 ? 8.450   11.508  5.612   1.00 12.70 ? 9   VAL B O   1 
ATOM   763  C  CB  . VAL B 1 12 ? 10.929  13.077  7.255   1.00 13.07 ? 9   VAL B CB  1 
ATOM   764  C  CG1 . VAL B 1 12 ? 11.579  12.333  6.048   1.00 12.91 ? 9   VAL B CG1 1 
ATOM   765  C  CG2 . VAL B 1 12 ? 11.477  14.541  7.333   1.00 12.15 ? 9   VAL B CG2 1 
ATOM   766  N  N   . SER B 1 13 ? 8.749   10.827  7.785   1.00 12.03 ? 10  SER B N   1 
ATOM   767  C  CA  . SER B 1 13 ? 8.169   9.499   7.497   1.00 11.78 ? 10  SER B CA  1 
ATOM   768  C  C   . SER B 1 13 ? 6.740   9.578   7.064   1.00 12.63 ? 10  SER B C   1 
ATOM   769  O  O   . SER B 1 13 ? 6.248   8.913   6.160   1.00 13.90 ? 10  SER B O   1 
ATOM   770  C  CB  . SER B 1 13 ? 8.296   8.643   8.771   1.00 12.90 ? 10  SER B CB  1 
ATOM   771  O  OG  . SER B 1 13 ? 9.639   8.455   9.112   1.00 12.13 ? 10  SER B OG  1 
ATOM   772  N  N   . PHE B 1 14 ? 5.996   10.473  7.771   1.00 13.12 ? 11  PHE B N   1 
ATOM   773  C  CA  . PHE B 1 14 ? 4.591   10.647  7.474   1.00 13.10 ? 11  PHE B CA  1 
ATOM   774  C  C   . PHE B 1 14 ? 4.345   11.110  6.004   1.00 13.22 ? 11  PHE B C   1 
ATOM   775  O  O   . PHE B 1 14 ? 3.433   10.615  5.294   1.00 13.70 ? 11  PHE B O   1 
ATOM   776  C  CB  . PHE B 1 14 ? 3.931   11.626  8.565   1.00 15.86 ? 11  PHE B CB  1 
ATOM   777  C  CG  . PHE B 1 14 ? 2.521   11.993  8.246   1.00 20.07 ? 11  PHE B CG  1 
ATOM   778  C  CD1 . PHE B 1 14 ? 2.231   13.024  7.365   1.00 20.06 ? 11  PHE B CD1 1 
ATOM   779  C  CD2 . PHE B 1 14 ? 1.479   11.296  8.860   1.00 30.69 ? 11  PHE B CD2 1 
ATOM   780  C  CE1 . PHE B 1 14 ? 0.893   13.395  7.078   1.00 28.52 ? 11  PHE B CE1 1 
ATOM   781  C  CE2 . PHE B 1 14 ? 0.149   11.687  8.615   1.00 30.54 ? 11  PHE B CE2 1 
ATOM   782  C  CZ  . PHE B 1 14 ? -0.116  12.690  7.690   1.00 27.04 ? 11  PHE B CZ  1 
ATOM   783  N  N   . VAL B 1 15 ? 5.116   12.124  5.574   1.00 12.37 ? 12  VAL B N   1 
ATOM   784  C  CA  . VAL B 1 15 ? 4.913   12.664  4.213   1.00 11.69 ? 12  VAL B CA  1 
ATOM   785  C  C   . VAL B 1 15 ? 5.330   11.635  3.097   1.00 12.17 ? 12  VAL B C   1 
ATOM   786  O  O   . VAL B 1 15 ? 4.575   11.527  2.148   1.00 11.52 ? 12  VAL B O   1 
ATOM   787  C  CB  . VAL B 1 15 ? 5.666   14.008  4.032   1.00 12.74 ? 12  VAL B CB  1 
ATOM   788  C  CG1 . VAL B 1 15 ? 5.620   14.509  2.563   1.00 13.73 ? 12  VAL B CG1 1 
ATOM   789  C  CG2 . VAL B 1 15 ? 5.039   15.049  5.010   1.00 13.50 ? 12  VAL B CG2 1 
ATOM   790  N  N   . ILE B 1 16 ? 6.385   10.863  3.318   1.00 11.03 ? 13  ILE B N   1 
ATOM   791  C  CA  . ILE B 1 16 ? 6.716   9.791   2.391   1.00 12.31 ? 13  ILE B CA  1 
ATOM   792  C  C   . ILE B 1 16 ? 5.520   8.858   2.247   1.00 10.45 ? 13  ILE B C   1 
ATOM   793  O  O   . ILE B 1 16 ? 5.103   8.544   1.104   1.00 12.29 ? 13  ILE B O   1 
ATOM   794  C  CB  . ILE B 1 16 ? 7.999   9.098   2.826   1.00 11.18 ? 13  ILE B CB  1 
ATOM   795  C  CG1 . ILE B 1 16 ? 9.222   10.021  2.688   1.00 11.71 ? 13  ILE B CG1 1 
ATOM   796  C  CG2 . ILE B 1 16 ? 8.182   7.773   1.978   1.00 12.10 ? 13  ILE B CG2 1 
ATOM   797  C  CD1 . ILE B 1 16 ? 10.468  9.441   3.397   1.00 10.78 ? 13  ILE B CD1 1 
ATOM   798  N  N   . LYS B 1 17 ? 5.054   8.324   3.404   1.00 10.37 ? 14  LYS B N   1 
ATOM   799  C  CA  . LYS B 1 17 ? 3.890   7.419   3.355   1.00 11.47 ? 14  LYS B CA  1 
ATOM   800  C  C   . LYS B 1 17 ? 2.665   8.028   2.776   1.00 12.26 ? 14  LYS B C   1 
ATOM   801  O  O   . LYS B 1 17 ? 1.963   7.390   2.003   1.00 12.18 ? 14  LYS B O   1 
ATOM   802  C  CB  . LYS B 1 17 ? 3.648   6.869   4.749   1.00 11.44 ? 14  LYS B CB  1 
ATOM   803  C  CG  . LYS B 1 17 ? 2.441   5.905   4.830   1.00 12.25 ? 14  LYS B CG  1 
ATOM   804  C  CD  . LYS B 1 17 ? 2.304   5.378   6.310   1.00 15.83 ? 14  LYS B CD  1 
ATOM   805  C  CE  . LYS B 1 17 ? 1.094   4.472   6.337   1.00 20.83 ? 14  LYS B CE  1 
ATOM   806  N  NZ  . LYS B 1 17 ? 0.720   4.301   7.818   1.00 25.41 ? 14  LYS B NZ  1 
ATOM   807  N  N   . LYS B 1 18 ? 2.391   9.271   3.121   1.00 11.72 ? 15  LYS B N   1 
ATOM   808  C  CA  . LYS B 1 18 ? 1.176   9.923   2.563   1.00 13.65 ? 15  LYS B CA  1 
ATOM   809  C  C   . LYS B 1 18 ? 1.190   10.082  1.073   1.00 13.49 ? 15  LYS B C   1 
ATOM   810  O  O   . LYS B 1 18 ? 0.234   9.756   0.360   1.00 14.17 ? 15  LYS B O   1 
ATOM   811  C  CB  . LYS B 1 18 ? 1.000   11.296  3.292   1.00 13.41 ? 15  LYS B CB  1 
ATOM   812  C  CG  . LYS B 1 18 ? -0.080  12.141  2.642   1.00 17.73 ? 15  LYS B CG  1 
ATOM   813  C  CD  . LYS B 1 18 ? -0.275  13.432  3.418   1.00 23.04 ? 15  LYS B CD  1 
ATOM   814  C  CE  . LYS B 1 18 ? -1.622  14.036  2.883   1.00 29.32 ? 15  LYS B CE  1 
ATOM   815  N  NZ  . LYS B 1 18 ? -1.728  15.450  3.291   1.00 39.80 ? 15  LYS B NZ  1 
ATOM   816  N  N   . ILE B 1 19 ? 2.333   10.504  0.507   1.00 13.23 ? 16  ILE B N   1 
ATOM   817  C  CA  . ILE B 1 19 ? 2.431   10.597  -0.925  1.00 13.19 ? 16  ILE B CA  1 
ATOM   818  C  C   . ILE B 1 19 ? 2.357   9.200   -1.592  1.00 12.42 ? 16  ILE B C   1 
ATOM   819  O  O   . ILE B 1 19 ? 1.685   9.042   -2.653  1.00 13.53 ? 16  ILE B O   1 
ATOM   820  C  CB  . ILE B 1 19 ? 3.688   11.399  -1.342  1.00 13.12 ? 16  ILE B CB  1 
ATOM   821  C  CG1 . ILE B 1 19 ? 3.689   12.801  -0.741  1.00 12.53 ? 16  ILE B CG1 1 
ATOM   822  C  CG2 . ILE B 1 19 ? 3.881   11.368  -2.856  1.00 15.12 ? 16  ILE B CG2 1 
ATOM   823  C  CD1 . ILE B 1 19 ? 5.109   13.433  -0.863  1.00 15.96 ? 16  ILE B CD1 1 
ATOM   824  N  N   . ARG B 1 20 ? 3.065   8.209   -0.988  1.00 11.86 ? 17  ARG B N   1 
ATOM   825  C  CA  . ARG B 1 20 ? 3.027   6.869   -1.556  1.00 11.50 ? 17  ARG B CA  1 
ATOM   826  C  C   . ARG B 1 20 ? 1.591   6.381   -1.694  1.00 11.50 ? 17  ARG B C   1 
ATOM   827  O  O   . ARG B 1 20 ? 1.233   5.883   -2.726  1.00 13.81 ? 17  ARG B O   1 
ATOM   828  C  CB  . ARG B 1 20 ? 3.905   5.968   -0.652  1.00 10.68 ? 17  ARG B CB  1 
ATOM   829  C  CG  . ARG B 1 20 ? 3.929   4.564   -1.203  1.00 12.02 ? 17  ARG B CG  1 
ATOM   830  C  CD  . ARG B 1 20 ? 4.695   3.629   -0.323  1.00 11.54 ? 17  ARG B CD  1 
ATOM   831  N  NE  . ARG B 1 20 ? 4.236   3.519   1.081   1.00 10.66 ? 17  ARG B NE  1 
ATOM   832  C  CZ  . ARG B 1 20 ? 3.271   2.750   1.562   1.00 13.43 ? 17  ARG B CZ  1 
ATOM   833  N  NH1 . ARG B 1 20 ? 2.423   2.124   0.738   1.00 12.52 ? 17  ARG B NH1 1 
ATOM   834  N  NH2 . ARG B 1 20 ? 3.089   2.663   2.833   1.00 11.83 ? 17  ARG B NH2 1 
ATOM   835  N  N   . LEU B 1 21 ? 0.842   6.525   -0.624  1.00 12.51 ? 18  LEU B N   1 
ATOM   836  C  CA  . LEU B 1 21 ? -0.626  6.058   -0.614  1.00 14.17 ? 18  LEU B CA  1 
ATOM   837  C  C   . LEU B 1 21 ? -1.444  6.940   -1.552  1.00 16.87 ? 18  LEU B C   1 
ATOM   838  O  O   . LEU B 1 21 ? -2.336  6.437   -2.226  1.00 19.18 ? 18  LEU B O   1 
ATOM   839  C  CB  . LEU B 1 21 ? -1.130  5.962   0.836   1.00 13.57 ? 18  LEU B CB  1 
ATOM   840  C  CG  . LEU B 1 21 ? -0.479  4.815   1.628   1.00 13.72 ? 18  LEU B CG  1 
ATOM   841  C  CD1 . LEU B 1 21 ? -0.858  4.989   3.080   1.00 15.22 ? 18  LEU B CD1 1 
ATOM   842  C  CD2 . LEU B 1 21 ? -0.889  3.384   1.066   1.00 16.78 ? 18  LEU B CD2 1 
ATOM   843  N  N   . GLU B 1 22 ? -1.155  8.233   -1.592  1.00 17.12 ? 19  GLU B N   1 
ATOM   844  C  CA  . GLU B 1 22 ? -1.931  9.100   -2.546  1.00 21.14 ? 19  GLU B CA  1 
ATOM   845  C  C   . GLU B 1 22 ? -1.760  8.659   -3.951  1.00 20.59 ? 19  GLU B C   1 
ATOM   846  O  O   . GLU B 1 22 ? -2.730  8.787   -4.794  1.00 24.47 ? 19  GLU B O   1 
ATOM   847  C  CB  . GLU B 1 22 ? -1.549  10.593  -2.469  1.00 22.65 ? 19  GLU B CB  1 
ATOM   848  C  CG  . GLU B 1 22 ? -2.077  11.282  -1.206  1.00 28.69 ? 19  GLU B CG  1 
ATOM   849  C  CD  . GLU B 1 22 ? -1.542  12.725  -1.001  1.00 29.16 ? 19  GLU B CD  1 
ATOM   850  O  OE1 . GLU B 1 22 ? -2.165  13.456  -0.214  1.00 33.62 ? 19  GLU B OE1 1 
ATOM   851  O  OE2 . GLU B 1 22 ? -0.517  13.132  -1.597  1.00 32.44 ? 19  GLU B OE2 1 
ATOM   852  N  N   . LYS B 1 23 ? -0.591  8.142   -4.234  1.00 18.92 ? 20  LYS B N   1 
ATOM   853  C  CA  . LYS B 1 23 ? -0.251  7.652   -5.546  1.00 19.10 ? 20  LYS B CA  1 
ATOM   854  C  C   . LYS B 1 23 ? -0.680  6.189   -5.841  1.00 18.96 ? 20  LYS B C   1 
ATOM   855  O  O   . LYS B 1 23 ? -0.345  5.646   -6.867  1.00 17.61 ? 20  LYS B O   1 
ATOM   856  C  CB  . LYS B 1 23 ? 1.208   7.888   -5.907  1.00 21.55 ? 20  LYS B CB  1 
ATOM   857  C  CG  . LYS B 1 23 ? 1.530   9.374   -5.756  1.00 27.35 ? 20  LYS B CG  1 
ATOM   858  C  CD  . LYS B 1 23 ? 1.931   10.018  -7.026  1.00 26.03 ? 20  LYS B CD  1 
ATOM   859  C  CE  . LYS B 1 23 ? 2.302   11.510  -6.768  1.00 22.92 ? 20  LYS B CE  1 
ATOM   860  N  NZ  . LYS B 1 23 ? 3.451   11.820  -7.614  1.00 26.20 ? 20  LYS B NZ  1 
ATOM   861  N  N   . GLY B 1 24 ? -1.341  5.589   -4.888  1.00 15.99 ? 21  GLY B N   1 
ATOM   862  C  CA  . GLY B 1 24 ? -1.728  4.173   -4.953  1.00 15.56 ? 21  GLY B CA  1 
ATOM   863  C  C   . GLY B 1 24 ? -0.619  3.145   -4.983  1.00 18.51 ? 21  GLY B C   1 
ATOM   864  O  O   . GLY B 1 24 ? -0.686  2.109   -5.653  1.00 16.68 ? 21  GLY B O   1 
ATOM   865  N  N   . MET B 1 25 ? 0.508   3.535   -4.381  1.00 12.88 ? 22  MET B N   1 
ATOM   866  C  CA  A MET B 1 25 ? 1.691   2.674   -4.450  0.50 13.70 ? 22  MET B CA  1 
ATOM   867  C  CA  B MET B 1 25 ? 1.699   2.669   -4.473  0.50 13.55 ? 22  MET B CA  1 
ATOM   868  C  C   . MET B 1 25 ? 1.889   1.836   -3.231  1.00 12.36 ? 22  MET B C   1 
ATOM   869  O  O   . MET B 1 25 ? 1.738   2.309   -2.108  1.00 12.49 ? 22  MET B O   1 
ATOM   870  C  CB  A MET B 1 25 ? 2.944   3.581   -4.597  0.50 15.59 ? 22  MET B CB  1 
ATOM   871  C  CB  B MET B 1 25 ? 3.009   3.525   -4.702  0.50 15.22 ? 22  MET B CB  1 
ATOM   872  C  CG  A MET B 1 25 ? 2.798   4.417   -5.824  0.50 14.18 ? 22  MET B CG  1 
ATOM   873  C  CG  B MET B 1 25 ? 3.223   3.954   -6.145  0.50 12.84 ? 22  MET B CG  1 
ATOM   874  S  SD  A MET B 1 25 ? 4.197   5.564   -5.942  0.50 19.57 ? 22  MET B SD  1 
ATOM   875  S  SD  B MET B 1 25 ? 4.669   5.081   -6.232  0.50 18.95 ? 22  MET B SD  1 
ATOM   876  C  CE  A MET B 1 25 ? 5.557   4.355   -5.777  0.50 14.58 ? 22  MET B CE  1 
ATOM   877  C  CE  B MET B 1 25 ? 4.243   5.740   -7.795  0.50 15.92 ? 22  MET B CE  1 
ATOM   878  N  N   . THR B 1 26 ? 2.265   0.566   -3.447  1.00 11.32 ? 23  THR B N   1 
ATOM   879  C  CA  . THR B 1 26 ? 2.691   -0.284  -2.260  1.00 10.72 ? 23  THR B CA  1 
ATOM   880  C  C   . THR B 1 26 ? 4.132   0.089   -1.862  1.00 13.24 ? 23  THR B C   1 
ATOM   881  O  O   . THR B 1 26 ? 4.853   0.740   -2.615  1.00 11.44 ? 23  THR B O   1 
ATOM   882  C  CB  . THR B 1 26 ? 2.712   -1.748  -2.653  1.00 10.51 ? 23  THR B CB  1 
ATOM   883  O  OG1 . THR B 1 26 ? 3.502   -1.924  -3.889  1.00 13.50 ? 23  THR B OG1 1 
ATOM   884  C  CG2 . THR B 1 26 ? 1.236   -2.251  -2.922  1.00 13.01 ? 23  THR B CG2 1 
ATOM   885  N  N   . GLN B 1 27 ? 4.566   -0.445  -0.729  1.00 11.26 ? 24  GLN B N   1 
ATOM   886  C  CA  . GLN B 1 27 ? 5.992   -0.270  -0.300  1.00 10.50 ? 24  GLN B CA  1 
ATOM   887  C  C   . GLN B 1 27 ? 6.889   -0.939  -1.346  1.00 11.53 ? 24  GLN B C   1 
ATOM   888  O  O   . GLN B 1 27 ? 7.967   -0.517  -1.655  1.00 10.98 ? 24  GLN B O   1 
ATOM   889  C  CB  . GLN B 1 27 ? 6.188   -0.796  1.149   1.00 11.59 ? 24  GLN B CB  1 
ATOM   890  C  CG  . GLN B 1 27 ? 5.482   0.082   2.180   1.00 12.83 ? 24  GLN B CG  1 
ATOM   891  C  CD  . GLN B 1 27 ? 5.873   -0.453  3.577   1.00 10.78 ? 24  GLN B CD  1 
ATOM   892  O  OE1 . GLN B 1 27 ? 6.116   -1.627  3.807   1.00 13.98 ? 24  GLN B OE1 1 
ATOM   893  N  NE2 . GLN B 1 27 ? 5.826   0.465   4.548   1.00 13.34 ? 24  GLN B NE2 1 
ATOM   894  N  N   . GLU B 1 28 ? 6.405   -2.115  -1.814  1.00 12.51 ? 25  GLU B N   1 
ATOM   895  C  CA  A GLU B 1 28 ? 7.239   -2.851  -2.782  0.50 11.53 ? 25  GLU B CA  1 
ATOM   896  C  CA  B GLU B 1 28 ? 7.098   -2.868  -2.835  0.50 12.50 ? 25  GLU B CA  1 
ATOM   897  C  C   . GLU B 1 28 ? 7.330   -2.068  -4.085  1.00 10.77 ? 25  GLU B C   1 
ATOM   898  O  O   . GLU B 1 28 ? 8.456   -2.034  -4.642  1.00 13.91 ? 25  GLU B O   1 
ATOM   899  C  CB  A GLU B 1 28 ? 6.707   -4.307  -3.136  0.50 12.53 ? 25  GLU B CB  1 
ATOM   900  C  CB  B GLU B 1 28 ? 6.142   -4.029  -3.271  0.50 13.46 ? 25  GLU B CB  1 
ATOM   901  C  CG  A GLU B 1 28 ? 6.649   -5.252  -1.995  0.50 13.83 ? 25  GLU B CG  1 
ATOM   902  C  CG  B GLU B 1 28 ? 6.808   -5.020  -4.210  0.50 17.20 ? 25  GLU B CG  1 
ATOM   903  C  CD  A GLU B 1 28 ? 6.358   -6.681  -2.423  0.50 17.46 ? 25  GLU B CD  1 
ATOM   904  C  CD  B GLU B 1 28 ? 6.106   -6.387  -4.115  0.50 18.84 ? 25  GLU B CD  1 
ATOM   905  O  OE1 A GLU B 1 28 ? 6.470   -7.568  -1.560  0.50 21.11 ? 25  GLU B OE1 1 
ATOM   906  O  OE1 B GLU B 1 28 ? 4.987   -6.532  -3.567  0.50 19.36 ? 25  GLU B OE1 1 
ATOM   907  O  OE2 A GLU B 1 28 ? 6.185   -6.896  -3.633  0.50 16.12 ? 25  GLU B OE2 1 
ATOM   908  O  OE2 B GLU B 1 28 ? 6.714   -7.374  -4.526  0.50 22.07 ? 25  GLU B OE2 1 
ATOM   909  N  N   . ASP B 1 29 ? 6.264   -1.397  -4.544  1.00 11.36 ? 26  ASP B N   1 
ATOM   910  C  CA  . ASP B 1 29 ? 6.380   -0.516  -5.805  1.00 12.82 ? 26  ASP B CA  1 
ATOM   911  C  C   . ASP B 1 29 ? 7.375   0.611   -5.520  1.00 13.39 ? 26  ASP B C   1 
ATOM   912  O  O   . ASP B 1 29 ? 8.207   0.908   -6.342  1.00 12.69 ? 26  ASP B O   1 
ATOM   913  C  CB  . ASP B 1 29 ? 5.008   0.208   -6.052  1.00 16.48 ? 26  ASP B CB  1 
ATOM   914  C  CG  . ASP B 1 29 ? 3.846   -0.670  -6.589  1.00 20.69 ? 26  ASP B CG  1 
ATOM   915  O  OD1 . ASP B 1 29 ? 4.122   -1.768  -7.176  1.00 21.29 ? 26  ASP B OD1 1 
ATOM   916  O  OD2 . ASP B 1 29 ? 2.610   -0.251  -6.379  1.00 20.24 ? 26  ASP B OD2 1 
ATOM   917  N  N   . LEU B 1 30 ? 7.227   1.293   -4.397  1.00 11.28 ? 27  LEU B N   1 
ATOM   918  C  CA  . LEU B 1 30 ? 8.156   2.364   -4.138  1.00 11.79 ? 27  LEU B CA  1 
ATOM   919  C  C   . LEU B 1 30 ? 9.616   1.868   -4.007  1.00 13.20 ? 27  LEU B C   1 
ATOM   920  O  O   . LEU B 1 30 ? 10.555  2.557   -4.447  1.00 11.73 ? 27  LEU B O   1 
ATOM   921  C  CB  . LEU B 1 30 ? 7.814   3.095   -2.855  1.00 10.55 ? 27  LEU B CB  1 
ATOM   922  C  CG  . LEU B 1 30 ? 8.752   4.302   -2.469  1.00 10.68 ? 27  LEU B CG  1 
ATOM   923  C  CD1 . LEU B 1 30 ? 8.798   5.336   -3.617  1.00 12.40 ? 27  LEU B CD1 1 
ATOM   924  C  CD2 . LEU B 1 30 ? 8.179   4.933   -1.181  1.00 13.08 ? 27  LEU B CD2 1 
ATOM   925  N  N   . ALA B 1 31 ? 9.829   0.723   -3.388  1.00 10.26 ? 28  ALA B N   1 
ATOM   926  C  CA  . ALA B 1 31 ? 11.183  0.105   -3.336  1.00 11.18 ? 28  ALA B CA  1 
ATOM   927  C  C   . ALA B 1 31 ? 11.756  -0.040  -4.737  1.00 12.89 ? 28  ALA B C   1 
ATOM   928  O  O   . ALA B 1 31 ? 12.898  0.429   -5.053  1.00 14.08 ? 28  ALA B O   1 
ATOM   929  C  CB  . ALA B 1 31 ? 11.147  -1.200  -2.598  1.00 12.75 ? 28  ALA B CB  1 
ATOM   930  N  N   . TYR B 1 32 ? 11.000  -0.677  -5.608  1.00 12.80 ? 29  TYR B N   1 
ATOM   931  C  CA  . TYR B 1 32 ? 11.455  -0.837  -6.986  1.00 13.58 ? 29  TYR B CA  1 
ATOM   932  C  C   . TYR B 1 32 ? 11.768  0.476   -7.657  1.00 15.15 ? 29  TYR B C   1 
ATOM   933  O  O   . TYR B 1 32 ? 12.855  0.599   -8.339  1.00 16.90 ? 29  TYR B O   1 
ATOM   934  C  CB  . TYR B 1 32 ? 10.406  -1.652  -7.704  1.00 17.79 ? 29  TYR B CB  1 
ATOM   935  C  CG  . TYR B 1 32 ? 10.799  -2.009  -9.126  1.00 20.66 ? 29  TYR B CG  1 
ATOM   936  C  CD1 . TYR B 1 32 ? 12.007  -2.687  -9.342  1.00 22.70 ? 29  TYR B CD1 1 
ATOM   937  C  CD2 . TYR B 1 32 ? 10.002  -1.585  -10.193 1.00 27.98 ? 29  TYR B CD2 1 
ATOM   938  C  CE1 . TYR B 1 32 ? 12.398  -2.995  -10.649 1.00 29.07 ? 29  TYR B CE1 1 
ATOM   939  C  CE2 . TYR B 1 32 ? 10.377  -1.928  -11.520 1.00 36.12 ? 29  TYR B CE2 1 
ATOM   940  C  CZ  . TYR B 1 32 ? 11.579  -2.616  -11.703 1.00 35.51 ? 29  TYR B CZ  1 
ATOM   941  O  OH  . TYR B 1 32 ? 12.026  -2.908  -12.993 1.00 41.30 ? 29  TYR B OH  1 
ATOM   942  N  N   . LYS B 1 33 ? 10.927  1.500   -7.502  1.00 13.66 ? 30  LYS B N   1 
ATOM   943  C  CA  A LYS B 1 33 ? 11.087  2.772   -8.227  0.50 13.90 ? 30  LYS B CA  1 
ATOM   944  C  CA  B LYS B 1 33 ? 11.117  2.764   -8.243  0.50 14.15 ? 30  LYS B CA  1 
ATOM   945  C  C   . LYS B 1 33 ? 12.175  3.671   -7.580  1.00 13.43 ? 30  LYS B C   1 
ATOM   946  O  O   . LYS B 1 33 ? 12.691  4.552   -8.261  1.00 15.83 ? 30  LYS B O   1 
ATOM   947  C  CB  A LYS B 1 33 ? 9.761   3.513   -8.238  0.50 13.36 ? 30  LYS B CB  1 
ATOM   948  C  CB  B LYS B 1 33 ? 9.809   3.532   -8.367  0.50 14.18 ? 30  LYS B CB  1 
ATOM   949  C  CG  A LYS B 1 33 ? 8.649   2.704   -8.961  0.50 15.96 ? 30  LYS B CG  1 
ATOM   950  C  CG  B LYS B 1 33 ? 8.846   2.884   -9.413  0.50 17.97 ? 30  LYS B CG  1 
ATOM   951  C  CD  A LYS B 1 33 ? 7.352   3.472   -9.062  0.50 21.32 ? 30  LYS B CD  1 
ATOM   952  C  CD  B LYS B 1 33 ? 7.713   3.799   -9.828  0.50 21.54 ? 30  LYS B CD  1 
ATOM   953  C  CE  A LYS B 1 33 ? 6.390   2.825   -10.078 0.50 23.71 ? 30  LYS B CE  1 
ATOM   954  C  CE  B LYS B 1 33 ? 8.188   5.200   -10.210 0.50 24.82 ? 30  LYS B CE  1 
ATOM   955  N  NZ  A LYS B 1 33 ? 5.101   3.633   -10.184 0.50 28.05 ? 30  LYS B NZ  1 
ATOM   956  N  NZ  B LYS B 1 33 ? 7.094   6.121   -9.878  0.50 28.02 ? 30  LYS B NZ  1 
ATOM   957  N  N   . SER B 1 34 ? 12.543  3.402   -6.338  1.00 12.40 ? 31  SER B N   1 
ATOM   958  C  CA  A SER B 1 34 ? 13.529  4.224   -5.587  0.50 11.84 ? 31  SER B CA  1 
ATOM   959  C  CA  B SER B 1 34 ? 13.519  4.216   -5.565  0.50 12.04 ? 31  SER B CA  1 
ATOM   960  C  C   . SER B 1 34 ? 14.896  3.586   -5.559  1.00 14.72 ? 31  SER B C   1 
ATOM   961  O  O   . SER B 1 34 ? 15.875  4.199   -5.007  1.00 15.87 ? 31  SER B O   1 
ATOM   962  C  CB  A SER B 1 34 ? 13.066  4.519   -4.149  0.50 13.56 ? 31  SER B CB  1 
ATOM   963  C  CB  B SER B 1 34 ? 13.051  4.512   -4.108  0.50 14.16 ? 31  SER B CB  1 
ATOM   964  O  OG  A SER B 1 34 ? 13.065  3.315   -3.419  0.50 10.67 ? 31  SER B OG  1 
ATOM   965  O  OG  B SER B 1 34 ? 11.749  5.086   -4.059  0.50 12.01 ? 31  SER B OG  1 
ATOM   966  N  N   . ASN B 1 35 ? 14.999  2.333   -6.065  1.00 14.21 ? 32  ASN B N   1 
ATOM   967  C  CA  . ASN B 1 35 ? 16.235  1.615   -5.910  1.00 15.86 ? 32  ASN B CA  1 
ATOM   968  C  C   . ASN B 1 35 ? 16.690  1.395   -4.462  1.00 15.60 ? 32  ASN B C   1 
ATOM   969  O  O   . ASN B 1 35 ? 17.913  1.268   -4.196  1.00 16.62 ? 32  ASN B O   1 
ATOM   970  C  CB  . ASN B 1 35 ? 17.307  2.353   -6.762  1.00 22.18 ? 32  ASN B CB  1 
ATOM   971  C  CG  . ASN B 1 35 ? 17.503  1.534   -7.961  1.00 29.72 ? 32  ASN B CG  1 
ATOM   972  O  OD1 . ASN B 1 35 ? 18.149  0.567   -7.799  1.00 28.92 ? 32  ASN B OD1 1 
ATOM   973  N  ND2 . ASN B 1 35 ? 16.615  1.644   -8.919  1.00 33.39 ? 32  ASN B ND2 1 
ATOM   974  N  N   . LEU B 1 36 ? 15.742  1.272   -3.487  1.00 12.09 ? 33  LEU B N   1 
ATOM   975  C  CA  . LEU B 1 36 ? 16.059  0.941   -2.135  1.00 13.84 ? 33  LEU B CA  1 
ATOM   976  C  C   . LEU B 1 36 ? 15.158  -0.164  -1.743  1.00 12.19 ? 33  LEU B C   1 
ATOM   977  O  O   . LEU B 1 36 ? 13.976  -0.169  -2.135  1.00 11.80 ? 33  LEU B O   1 
ATOM   978  C  CB  . LEU B 1 36 ? 15.648  2.171   -1.260  1.00 13.03 ? 33  LEU B CB  1 
ATOM   979  C  CG  . LEU B 1 36 ? 16.578  3.386   -1.577  1.00 13.68 ? 33  LEU B CG  1 
ATOM   980  C  CD1 . LEU B 1 36 ? 15.880  4.620   -0.918  1.00 18.72 ? 33  LEU B CD1 1 
ATOM   981  C  CD2 . LEU B 1 36 ? 18.034  3.243   -1.020  1.00 16.70 ? 33  LEU B CD2 1 
ATOM   982  N  N   . ASP B 1 37 ? 15.662  -1.179  -1.031  1.00 11.58 ? 34  ASP B N   1 
ATOM   983  C  CA  . ASP B 1 37 ? 14.805  -2.346  -0.847  1.00 12.31 ? 34  ASP B CA  1 
ATOM   984  C  C   . ASP B 1 37 ? 13.596  -2.204  0.047   1.00 12.00 ? 34  ASP B C   1 
ATOM   985  O  O   . ASP B 1 37 ? 13.474  -1.202  0.781   1.00 12.57 ? 34  ASP B O   1 
ATOM   986  C  CB  . ASP B 1 37 ? 15.583  -3.595  -0.537  1.00 16.86 ? 34  ASP B CB  1 
ATOM   987  C  CG  . ASP B 1 37 ? 16.117  -3.649  0.740   1.00 18.33 ? 34  ASP B CG  1 
ATOM   988  O  OD1 . ASP B 1 37 ? 15.748  -2.994  1.682   1.00 21.30 ? 34  ASP B OD1 1 
ATOM   989  O  OD2 . ASP B 1 37 ? 17.040  -4.572  0.933   1.00 22.35 ? 34  ASP B OD2 1 
ATOM   990  N  N   . ARG B 1 38 ? 12.679  -3.117  -0.056  1.00 12.04 ? 35  ARG B N   1 
ATOM   991  C  CA  A ARG B 1 38 ? 11.417  -2.991  0.653   0.50 13.62 ? 35  ARG B CA  1 
ATOM   992  C  CA  B ARG B 1 38 ? 11.419  -2.916  0.620   0.50 12.80 ? 35  ARG B CA  1 
ATOM   993  C  C   . ARG B 1 38 ? 11.558  -2.864  2.156   1.00 12.88 ? 35  ARG B C   1 
ATOM   994  O  O   . ARG B 1 38 ? 10.838  -2.065  2.772   1.00 14.03 ? 35  ARG B O   1 
ATOM   995  C  CB  A ARG B 1 38 ? 10.604  -4.269  0.396   0.50 15.43 ? 35  ARG B CB  1 
ATOM   996  C  CB  B ARG B 1 38 ? 10.494  -4.054  0.152   0.50 13.54 ? 35  ARG B CB  1 
ATOM   997  C  CG  A ARG B 1 38 ? 9.202   -4.218  0.965   0.50 17.23 ? 35  ARG B CG  1 
ATOM   998  C  CG  B ARG B 1 38 ? 8.996   -3.910  0.373   0.50 13.90 ? 35  ARG B CG  1 
ATOM   999  C  CD  A ARG B 1 38 ? 8.717   -5.682  0.978   0.50 22.76 ? 35  ARG B CD  1 
ATOM   1000 C  CD  B ARG B 1 38 ? 8.396   -5.274  -0.038  0.50 17.04 ? 35  ARG B CD  1 
ATOM   1001 N  NE  A ARG B 1 38 ? 9.339   -6.318  2.119   0.50 26.56 ? 35  ARG B NE  1 
ATOM   1002 N  NE  B ARG B 1 38 ? 7.069   -5.446  0.581   0.50 20.02 ? 35  ARG B NE  1 
ATOM   1003 C  CZ  A ARG B 1 38 ? 8.833   -6.345  3.341   0.50 25.87 ? 35  ARG B CZ  1 
ATOM   1004 C  CZ  B ARG B 1 38 ? 6.295   -6.469  0.273   0.50 20.80 ? 35  ARG B CZ  1 
ATOM   1005 N  NH1 A ARG B 1 38 ? 9.511   -6.955  4.301   0.50 28.28 ? 35  ARG B NH1 1 
ATOM   1006 N  NH1 B ARG B 1 38 ? 5.089   -6.570  0.845   0.50 15.40 ? 35  ARG B NH1 1 
ATOM   1007 N  NH2 A ARG B 1 38 ? 7.656   -5.821  3.577   0.50 28.29 ? 35  ARG B NH2 1 
ATOM   1008 N  NH2 B ARG B 1 38 ? 6.779   -7.402  -0.521  0.50 17.71 ? 35  ARG B NH2 1 
ATOM   1009 N  N   . THR B 1 39 ? 12.505  -3.617  2.784   1.00 12.30 ? 36  THR B N   1 
ATOM   1010 C  CA  . THR B 1 39 ? 12.708  -3.501  4.246   1.00 14.58 ? 36  THR B CA  1 
ATOM   1011 C  C   . THR B 1 39 ? 13.259  -2.098  4.546   1.00 13.52 ? 36  THR B C   1 
ATOM   1012 O  O   . THR B 1 39 ? 12.944  -1.617  5.576   1.00 16.14 ? 36  THR B O   1 
ATOM   1013 C  CB  . THR B 1 39 ? 13.623  -4.655  4.716   1.00 14.24 ? 36  THR B CB  1 
ATOM   1014 O  OG1 . THR B 1 39 ? 14.783  -4.607  3.986   1.00 21.70 ? 36  THR B OG1 1 
ATOM   1015 C  CG2 . THR B 1 39 ? 12.918  -6.040  4.568   1.00 16.11 ? 36  THR B CG2 1 
ATOM   1016 N  N   . TYR B 1 40 ? 13.997  -1.490  3.653   1.00 13.69 ? 37  TYR B N   1 
ATOM   1017 C  CA  . TYR B 1 40 ? 14.558  -0.164  3.870   1.00 13.57 ? 37  TYR B CA  1 
ATOM   1018 C  C   . TYR B 1 40 ? 13.405  0.867   3.821   1.00 13.01 ? 37  TYR B C   1 
ATOM   1019 O  O   . TYR B 1 40 ? 13.256  1.724   4.732   1.00 12.10 ? 37  TYR B O   1 
ATOM   1020 C  CB  . TYR B 1 40 ? 15.587  0.215   2.852   1.00 14.72 ? 37  TYR B CB  1 
ATOM   1021 C  CG  . TYR B 1 40 ? 16.260  1.577   3.176   1.00 15.57 ? 37  TYR B CG  1 
ATOM   1022 C  CD1 . TYR B 1 40 ? 17.307  1.587   4.092   1.00 22.52 ? 37  TYR B CD1 1 
ATOM   1023 C  CD2 . TYR B 1 40 ? 15.832  2.757   2.523   1.00 14.77 ? 37  TYR B CD2 1 
ATOM   1024 C  CE1 . TYR B 1 40 ? 17.930  2.834   4.361   1.00 26.02 ? 37  TYR B CE1 1 
ATOM   1025 C  CE2 . TYR B 1 40 ? 16.457  3.992   2.798   1.00 20.01 ? 37  TYR B CE2 1 
ATOM   1026 C  CZ  . TYR B 1 40 ? 17.488  3.957   3.650   1.00 22.63 ? 37  TYR B CZ  1 
ATOM   1027 O  OH  . TYR B 1 40 ? 18.113  5.248   3.844   1.00 26.80 ? 37  TYR B OH  1 
ATOM   1028 N  N   . ILE B 1 41 ? 12.530  0.781   2.849   1.00 11.29 ? 38  ILE B N   1 
ATOM   1029 C  CA  . ILE B 1 41 ? 11.354  1.667   2.777   1.00 11.06 ? 38  ILE B CA  1 
ATOM   1030 C  C   . ILE B 1 41 ? 10.535  1.466   4.053   1.00 11.43 ? 38  ILE B C   1 
ATOM   1031 O  O   . ILE B 1 41 ? 10.080  2.503   4.598   1.00 10.79 ? 38  ILE B O   1 
ATOM   1032 C  CB  . ILE B 1 41 ? 10.524  1.355   1.497   1.00 11.67 ? 38  ILE B CB  1 
ATOM   1033 C  CG1 . ILE B 1 41 ? 11.328  1.673   0.155   1.00 9.86  ? 38  ILE B CG1 1 
ATOM   1034 C  CG2 . ILE B 1 41 ? 9.145   2.090   1.504   1.00 11.35 ? 38  ILE B CG2 1 
ATOM   1035 C  CD1 . ILE B 1 41 ? 11.840  3.122   0.086   1.00 11.04 ? 38  ILE B CD1 1 
ATOM   1036 N  N   A SER B 1 42 ? 10.230  0.211   4.433   0.50 12.20 ? 39  SER B N   1 
ATOM   1037 N  N   B SER B 1 42 ? 10.171  0.219   4.387   0.50 12.16 ? 39  SER B N   1 
ATOM   1038 C  CA  A SER B 1 42 ? 9.342   0.039   5.606   0.50 12.63 ? 39  SER B CA  1 
ATOM   1039 C  CA  B SER B 1 42 ? 9.229   0.080   5.510   0.50 12.18 ? 39  SER B CA  1 
ATOM   1040 C  C   A SER B 1 42 ? 10.042  0.703   6.815   0.50 12.24 ? 39  SER B C   1 
ATOM   1041 C  C   B SER B 1 42 ? 9.983   0.628   6.796   0.50 12.32 ? 39  SER B C   1 
ATOM   1042 O  O   A SER B 1 42 ? 9.398   1.427   7.625   0.50 13.87 ? 39  SER B O   1 
ATOM   1043 O  O   B SER B 1 42 ? 9.258   1.242   7.644   0.50 13.21 ? 39  SER B O   1 
ATOM   1044 C  CB  A SER B 1 42 ? 9.150   -1.491  5.829   0.50 15.25 ? 39  SER B CB  1 
ATOM   1045 C  CB  B SER B 1 42 ? 8.802   -1.432  5.579   0.50 15.53 ? 39  SER B CB  1 
ATOM   1046 O  OG  A SER B 1 42 ? 8.304   -1.680  6.936   0.50 16.96 ? 39  SER B OG  1 
ATOM   1047 O  OG  B SER B 1 42 ? 9.942   -2.122  5.966   0.50 17.02 ? 39  SER B OG  1 
ATOM   1048 N  N   . GLY B 1 43 ? 11.326  0.456   6.906   1.00 12.82 ? 40  GLY B N   1 
ATOM   1049 C  CA  . GLY B 1 43 ? 12.087  1.039   8.058   1.00 12.83 ? 40  GLY B CA  1 
ATOM   1050 C  C   . GLY B 1 43 ? 11.997  2.547   8.107   1.00 11.57 ? 40  GLY B C   1 
ATOM   1051 O  O   . GLY B 1 43 ? 11.729  3.148   9.204   1.00 15.33 ? 40  GLY B O   1 
ATOM   1052 N  N   A ILE B 1 44 ? 12.206  3.178   6.947   0.50 12.28 ? 41  ILE B N   1 
ATOM   1053 N  N   B ILE B 1 44 ? 12.204  3.197   6.959   0.50 10.62 ? 41  ILE B N   1 
ATOM   1054 C  CA  A ILE B 1 44 ? 12.178  4.685   6.898   0.50 12.99 ? 41  ILE B CA  1 
ATOM   1055 C  CA  B ILE B 1 44 ? 12.213  4.706   7.037   0.50 10.08 ? 41  ILE B CA  1 
ATOM   1056 C  C   A ILE B 1 44 ? 10.819  5.200   7.264   0.50 13.00 ? 41  ILE B C   1 
ATOM   1057 C  C   B ILE B 1 44 ? 10.808  5.285   7.170   0.50 11.08 ? 41  ILE B C   1 
ATOM   1058 O  O   A ILE B 1 44 ? 10.726  6.267   7.881   0.50 13.20 ? 41  ILE B O   1 
ATOM   1059 O  O   B ILE B 1 44 ? 10.665  6.500   7.514   0.50 9.37  ? 41  ILE B O   1 
ATOM   1060 C  CB  A ILE B 1 44 ? 12.628  5.175   5.509   0.50 16.53 ? 41  ILE B CB  1 
ATOM   1061 C  CB  B ILE B 1 44 ? 13.097  5.360   5.938   0.50 9.87  ? 41  ILE B CB  1 
ATOM   1062 C  CG1 A ILE B 1 44 ? 14.102  4.801   5.322   0.50 17.85 ? 41  ILE B CG1 1 
ATOM   1063 C  CG1 B ILE B 1 44 ? 12.558  5.040   4.513   0.50 10.07 ? 41  ILE B CG1 1 
ATOM   1064 C  CG2 A ILE B 1 44 ? 12.232  6.666   5.241   0.50 16.55 ? 41  ILE B CG2 1 
ATOM   1065 C  CG2 B ILE B 1 44 ? 14.517  4.868   6.064   0.50 10.68 ? 41  ILE B CG2 1 
ATOM   1066 C  CD1 A ILE B 1 44 ? 15.058  5.354   6.353   0.50 17.86 ? 41  ILE B CD1 1 
ATOM   1067 C  CD1 B ILE B 1 44 ? 11.362  5.934   4.094   0.50 10.68 ? 41  ILE B CD1 1 
ATOM   1068 N  N   . GLU B 1 45 ? 9.744   4.528   6.833   1.00 11.02 ? 42  GLU B N   1 
ATOM   1069 C  CA  . GLU B 1 45 ? 8.409   5.041   7.106   1.00 12.33 ? 42  GLU B CA  1 
ATOM   1070 C  C   . GLU B 1 45 ? 8.094   4.891   8.598   1.00 12.67 ? 42  GLU B C   1 
ATOM   1071 O  O   . GLU B 1 45 ? 7.208   5.572   9.074   1.00 13.74 ? 42  GLU B O   1 
ATOM   1072 C  CB  . GLU B 1 45 ? 7.328   4.311   6.280   1.00 11.84 ? 42  GLU B CB  1 
ATOM   1073 C  CG  . GLU B 1 45 ? 7.335   4.775   4.769   1.00 13.45 ? 42  GLU B CG  1 
ATOM   1074 C  CD  . GLU B 1 45 ? 6.162   4.243   3.958   1.00 11.93 ? 42  GLU B CD  1 
ATOM   1075 O  OE1 . GLU B 1 45 ? 6.052   4.667   2.825   1.00 14.09 ? 42  GLU B OE1 1 
ATOM   1076 O  OE2 . GLU B 1 45 ? 5.362   3.365   4.488   1.00 15.46 ? 42  GLU B OE2 1 
ATOM   1077 N  N   . ARG B 1 46 ? 8.790   4.016   9.314   1.00 15.43 ? 43  ARG B N   1 
ATOM   1078 C  CA  . ARG B 1 46 ? 8.692   3.909   10.786  1.00 15.92 ? 43  ARG B CA  1 
ATOM   1079 C  C   . ARG B 1 46 ? 9.599   4.908   11.499  1.00 16.81 ? 43  ARG B C   1 
ATOM   1080 O  O   . ARG B 1 46 ? 9.238   5.459   12.483  1.00 22.11 ? 43  ARG B O   1 
ATOM   1081 C  CB  . ARG B 1 46 ? 9.057   2.494   11.255  1.00 18.74 ? 43  ARG B CB  1 
ATOM   1082 C  CG  . ARG B 1 46 ? 8.009   1.435   10.936  1.00 27.51 ? 43  ARG B CG  1 
ATOM   1083 C  CD  . ARG B 1 46 ? 8.478   0.092   11.578  1.00 38.84 ? 43  ARG B CD  1 
ATOM   1084 N  NE  . ARG B 1 46 ? 9.566   -0.563  10.803  1.00 48.14 ? 43  ARG B NE  1 
ATOM   1085 C  CZ  . ARG B 1 46 ? 9.360   -1.558  9.919   1.00 38.61 ? 43  ARG B CZ  1 
ATOM   1086 N  NH1 . ARG B 1 46 ? 8.121   -2.050  9.757   1.00 52.41 ? 43  ARG B NH1 1 
ATOM   1087 N  NH2 . ARG B 1 46 ? 10.370  -2.108  9.247   1.00 41.33 ? 43  ARG B NH2 1 
ATOM   1088 N  N   . ASN B 1 47 ? 10.829  5.088   11.027  1.00 15.32 ? 44  ASN B N   1 
ATOM   1089 C  CA  . ASN B 1 47 ? 11.778  6.021   11.753  1.00 15.39 ? 44  ASN B CA  1 
ATOM   1090 C  C   . ASN B 1 47 ? 12.774  6.516   10.620  1.00 14.91 ? 44  ASN B C   1 
ATOM   1091 O  O   . ASN B 1 47 ? 13.553  5.724   10.030  1.00 15.45 ? 44  ASN B O   1 
ATOM   1092 C  CB  . ASN B 1 47 ? 12.573  5.167   12.704  1.00 21.08 ? 44  ASN B CB  1 
ATOM   1093 C  CG  . ASN B 1 47 ? 13.732  5.895   13.318  1.00 26.08 ? 44  ASN B CG  1 
ATOM   1094 O  OD1 . ASN B 1 47 ? 13.796  7.108   13.240  1.00 24.43 ? 44  ASN B OD1 1 
ATOM   1095 N  ND2 . ASN B 1 47 ? 14.693  5.111   13.909  1.00 36.06 ? 44  ASN B ND2 1 
ATOM   1096 N  N   . SER B 1 48 ? 12.676  7.817   10.313  1.00 14.59 ? 45  SER B N   1 
ATOM   1097 C  CA  . SER B 1 48 ? 13.528  8.398   9.231   1.00 13.97 ? 45  SER B CA  1 
ATOM   1098 C  C   . SER B 1 48 ? 14.874  8.966   9.760   1.00 13.74 ? 45  SER B C   1 
ATOM   1099 O  O   . SER B 1 48 ? 15.631  9.525   8.915   1.00 13.18 ? 45  SER B O   1 
ATOM   1100 C  CB  . SER B 1 48 ? 12.820  9.556   8.460   1.00 15.68 ? 45  SER B CB  1 
ATOM   1101 O  OG  . SER B 1 48 ? 12.550  10.625  9.435   1.00 20.29 ? 45  SER B OG  1 
ATOM   1102 N  N   . ALA B 1 49 ? 15.268  8.570   10.977  1.00 13.22 ? 46  ALA B N   1 
ATOM   1103 C  CA  . ALA B 1 49 ? 16.487  9.209   11.582  1.00 14.55 ? 46  ALA B CA  1 
ATOM   1104 C  C   . ALA B 1 49 ? 17.713  8.988   10.670  1.00 14.13 ? 46  ALA B C   1 
ATOM   1105 O  O   . ALA B 1 49 ? 18.525  9.935   10.448  1.00 15.72 ? 46  ALA B O   1 
ATOM   1106 C  CB  . ALA B 1 49 ? 16.851  8.564   12.971  1.00 16.73 ? 46  ALA B CB  1 
ATOM   1107 N  N   . ASN B 1 50 ? 17.885  7.758   10.074  1.00 14.00 ? 47  ASN B N   1 
ATOM   1108 C  CA  . ASN B 1 50 ? 19.108  7.510   9.392   1.00 16.21 ? 47  ASN B CA  1 
ATOM   1109 C  C   . ASN B 1 50 ? 18.920  7.526   7.863   1.00 13.86 ? 47  ASN B C   1 
ATOM   1110 O  O   . ASN B 1 50 ? 19.851  7.151   7.055   1.00 15.10 ? 47  ASN B O   1 
ATOM   1111 C  CB  . ASN B 1 50 ? 19.596  6.085   9.830   1.00 19.32 ? 47  ASN B CB  1 
ATOM   1112 C  CG  . ASN B 1 50 ? 20.065  6.110   11.289  1.00 23.08 ? 47  ASN B CG  1 
ATOM   1113 O  OD1 . ASN B 1 50 ? 20.653  7.099   11.748  1.00 27.11 ? 47  ASN B OD1 1 
ATOM   1114 N  ND2 . ASN B 1 50 ? 19.829  5.041   11.978  1.00 30.48 ? 47  ASN B ND2 1 
ATOM   1115 N  N   . LEU B 1 51 ? 17.723  8.027   7.442   1.00 12.38 ? 48  LEU B N   1 
ATOM   1116 C  CA  . LEU B 1 51 ? 17.573  8.311   5.934   1.00 11.31 ? 48  LEU B CA  1 
ATOM   1117 C  C   . LEU B 1 51 ? 18.514  9.382   5.534   1.00 13.49 ? 48  LEU B C   1 
ATOM   1118 O  O   . LEU B 1 51 ? 18.567  10.461  6.157   1.00 12.46 ? 48  LEU B O   1 
ATOM   1119 C  CB  . LEU B 1 51 ? 16.153  8.821   5.751   1.00 12.60 ? 48  LEU B CB  1 
ATOM   1120 C  CG  . LEU B 1 51 ? 15.734  9.178   4.284   1.00 12.70 ? 48  LEU B CG  1 
ATOM   1121 C  CD1 . LEU B 1 51 ? 15.695  7.877   3.455   1.00 15.47 ? 48  LEU B CD1 1 
ATOM   1122 C  CD2 . LEU B 1 51 ? 14.356  9.859   4.360   1.00 14.00 ? 48  LEU B CD2 1 
ATOM   1123 N  N   . THR B 1 52 ? 19.282  9.164   4.481   1.00 11.80 ? 49  THR B N   1 
ATOM   1124 C  CA  . THR B 1 52 ? 20.255  10.157  4.009   1.00 11.53 ? 49  THR B CA  1 
ATOM   1125 C  C   . THR B 1 52 ? 19.601  11.049  2.937   1.00 12.08 ? 49  THR B C   1 
ATOM   1126 O  O   . THR B 1 52 ? 18.560  10.724  2.379   1.00 12.19 ? 49  THR B O   1 
ATOM   1127 C  CB  . THR B 1 52 ? 21.488  9.597   3.255   1.00 12.93 ? 49  THR B CB  1 
ATOM   1128 O  OG1 . THR B 1 52 ? 20.993  8.710   2.267   1.00 13.82 ? 49  THR B OG1 1 
ATOM   1129 C  CG2 . THR B 1 52 ? 22.242  8.658   4.253   1.00 15.09 ? 49  THR B CG2 1 
ATOM   1130 N  N   . ILE B 1 53 ? 20.235  12.205  2.667   1.00 11.60 ? 50  ILE B N   1 
ATOM   1131 C  CA  . ILE B 1 53 ? 19.737  13.067  1.633   1.00 11.11 ? 50  ILE B CA  1 
ATOM   1132 C  C   . ILE B 1 53 ? 19.739  12.371  0.262   1.00 10.45 ? 50  ILE B C   1 
ATOM   1133 O  O   . ILE B 1 53 ? 18.745  12.539  -0.514  1.00 10.58 ? 50  ILE B O   1 
ATOM   1134 C  CB  . ILE B 1 53 ? 20.485  14.455  1.631   1.00 11.19 ? 50  ILE B CB  1 
ATOM   1135 C  CG1 . ILE B 1 53 ? 20.531  15.106  3.012   1.00 14.23 ? 50  ILE B CG1 1 
ATOM   1136 C  CG2 . ILE B 1 53 ? 19.863  15.331  0.508   1.00 15.10 ? 50  ILE B CG2 1 
ATOM   1137 C  CD1 . ILE B 1 53 ? 19.169  15.561  3.438   1.00 16.88 ? 50  ILE B CD1 1 
ATOM   1138 N  N   . LYS B 1 54 ? 20.778  11.620  -0.016  1.00 10.95 ? 51  LYS B N   1 
ATOM   1139 C  CA  . LYS B 1 54 ? 20.774  10.868  -1.272  1.00 11.63 ? 51  LYS B CA  1 
ATOM   1140 C  C   . LYS B 1 54 ? 19.574  9.873   -1.331  1.00 11.79 ? 51  LYS B C   1 
ATOM   1141 O  O   . LYS B 1 54 ? 18.904  9.768   -2.405  1.00 12.87 ? 51  LYS B O   1 
ATOM   1142 C  CB  . LYS B 1 54 ? 22.136  10.200  -1.502  1.00 14.05 ? 51  LYS B CB  1 
ATOM   1143 C  CG  . LYS B 1 54 ? 22.104  9.312   -2.773  1.00 20.56 ? 51  LYS B CG  1 
ATOM   1144 C  CD  . LYS B 1 54 ? 23.495  8.752   -2.999  1.00 29.26 ? 51  LYS B CD  1 
ATOM   1145 C  CE  . LYS B 1 54 ? 23.504  7.711   -4.124  1.00 42.45 ? 51  LYS B CE  1 
ATOM   1146 N  NZ  . LYS B 1 54 ? 22.996  6.396   -3.598  1.00 49.43 ? 51  LYS B NZ  1 
ATOM   1147 N  N   . SER B 1 55 ? 19.307  9.120   -0.292  1.00 11.55 ? 52  SER B N   1 
ATOM   1148 C  CA  . SER B 1 55 ? 18.141  8.213   -0.306  1.00 11.38 ? 52  SER B CA  1 
ATOM   1149 C  C   . SER B 1 55 ? 16.831  8.896   -0.376  1.00 10.75 ? 52  SER B C   1 
ATOM   1150 O  O   . SER B 1 55 ? 15.924  8.436   -1.053  1.00 11.39 ? 52  SER B O   1 
ATOM   1151 C  CB  . SER B 1 55 ? 18.163  7.341   0.933   1.00 12.24 ? 52  SER B CB  1 
ATOM   1152 O  OG  . SER B 1 55 ? 19.309  6.421   0.824   1.00 14.73 ? 52  SER B OG  1 
ATOM   1153 N  N   . LEU B 1 56 ? 16.737  10.068  0.277   1.00 10.76 ? 53  LEU B N   1 
ATOM   1154 C  CA  . LEU B 1 56 ? 15.451  10.904  0.126   1.00 11.16 ? 53  LEU B CA  1 
ATOM   1155 C  C   . LEU B 1 56 ? 15.261  11.383  -1.283  1.00 10.97 ? 53  LEU B C   1 
ATOM   1156 O  O   . LEU B 1 56 ? 14.120  11.297  -1.777  1.00 12.12 ? 53  LEU B O   1 
ATOM   1157 C  CB  . LEU B 1 56 ? 15.572  12.154  1.051   1.00 11.21 ? 53  LEU B CB  1 
ATOM   1158 C  CG  . LEU B 1 56 ? 14.337  13.090  0.916   1.00 12.23 ? 53  LEU B CG  1 
ATOM   1159 C  CD1 . LEU B 1 56 ? 13.125  12.388  1.524   1.00 14.21 ? 53  LEU B CD1 1 
ATOM   1160 C  CD2 . LEU B 1 56 ? 14.623  14.320  1.822   1.00 13.04 ? 53  LEU B CD2 1 
ATOM   1161 N  N   . GLU B 1 57 ? 16.350  11.709  -1.987  1.00 10.95 ? 54  GLU B N   1 
ATOM   1162 C  CA  . GLU B 1 57 ? 16.244  12.074  -3.420  1.00 11.63 ? 54  GLU B CA  1 
ATOM   1163 C  C   . GLU B 1 57 ? 15.751  10.859  -4.278  1.00 11.12 ? 54  GLU B C   1 
ATOM   1164 O  O   . GLU B 1 57 ? 14.855  11.037  -5.134  1.00 11.77 ? 54  GLU B O   1 
ATOM   1165 C  CB  . GLU B 1 57 ? 17.620  12.654  -3.912  1.00 15.48 ? 54  GLU B CB  1 
ATOM   1166 C  CG  . GLU B 1 57 ? 17.477  13.166  -5.362  1.00 21.72 ? 54  GLU B CG  1 
ATOM   1167 C  CD  . GLU B 1 57 ? 18.558  14.225  -5.769  1.00 31.44 ? 54  GLU B CD  1 
ATOM   1168 O  OE1 . GLU B 1 57 ? 18.226  15.103  -6.633  1.00 43.86 ? 54  GLU B OE1 1 
ATOM   1169 O  OE2 . GLU B 1 57 ? 19.614  14.273  -5.104  1.00 36.02 ? 54  GLU B OE2 1 
ATOM   1170 N  N   . LEU B 1 58 ? 16.305  9.699   -3.959  1.00 10.91 ? 55  LEU B N   1 
ATOM   1171 C  CA  . LEU B 1 58 ? 15.826  8.509   -4.667  1.00 10.99 ? 55  LEU B CA  1 
ATOM   1172 C  C   . LEU B 1 58 ? 14.339  8.255   -4.394  1.00 11.09 ? 55  LEU B C   1 
ATOM   1173 O  O   . LEU B 1 58 ? 13.608  7.873   -5.339  1.00 11.17 ? 55  LEU B O   1 
ATOM   1174 C  CB  . LEU B 1 58 ? 16.650  7.287   -4.244  1.00 11.50 ? 55  LEU B CB  1 
ATOM   1175 C  CG  . LEU B 1 58 ? 18.117  7.259   -4.620  1.00 13.36 ? 55  LEU B CG  1 
ATOM   1176 C  CD1 . LEU B 1 58 ? 18.887  6.097   -3.944  1.00 13.74 ? 55  LEU B CD1 1 
ATOM   1177 C  CD2 . LEU B 1 58 ? 18.193  7.128   -6.197  1.00 16.70 ? 55  LEU B CD2 1 
ATOM   1178 N  N   . ILE B 1 59 ? 13.893  8.387   -3.134  1.00 9.91  ? 56  ILE B N   1 
ATOM   1179 C  CA  . ILE B 1 59 ? 12.479  8.188   -2.794  1.00 9.86  ? 56  ILE B CA  1 
ATOM   1180 C  C   . ILE B 1 59 ? 11.576  9.225   -3.455  1.00 10.24 ? 56  ILE B C   1 
ATOM   1181 O  O   . ILE B 1 59 ? 10.527  8.873   -4.002  1.00 12.12 ? 56  ILE B O   1 
ATOM   1182 C  CB  . ILE B 1 59 ? 12.350  8.248   -1.284  1.00 10.02 ? 56  ILE B CB  1 
ATOM   1183 C  CG1 . ILE B 1 59 ? 12.905  6.953   -0.690  1.00 11.87 ? 56  ILE B CG1 1 
ATOM   1184 C  CG2 . ILE B 1 59 ? 10.857  8.421   -0.832  1.00 13.44 ? 56  ILE B CG2 1 
ATOM   1185 C  CD1 . ILE B 1 59 ? 13.046  6.985   0.851   1.00 12.68 ? 56  ILE B CD1 1 
ATOM   1186 N  N   . MET B 1 60 ? 12.053  10.513  -3.508  1.00 10.22 ? 57  MET B N   1 
ATOM   1187 C  CA  . MET B 1 60 ? 11.191  11.556  -4.214  1.00 11.47 ? 57  MET B CA  1 
ATOM   1188 C  C   . MET B 1 60 ? 11.068  11.195  -5.686  1.00 12.07 ? 57  MET B C   1 
ATOM   1189 O  O   . MET B 1 60 ? 9.955   11.243  -6.211  1.00 13.52 ? 57  MET B O   1 
ATOM   1190 C  CB  . MET B 1 60 ? 11.869  12.953  -4.065  1.00 12.03 ? 57  MET B CB  1 
ATOM   1191 C  CG  . MET B 1 60 ? 11.797  13.330  -2.587  1.00 13.99 ? 57  MET B CG  1 
ATOM   1192 S  SD  . MET B 1 60 ? 12.566  14.981  -2.388  1.00 27.33 ? 57  MET B SD  1 
ATOM   1193 C  CE  . MET B 1 60 ? 13.920  14.878  -3.090  1.00 17.63 ? 57  MET B CE  1 
ATOM   1194 N  N   . LYS B 1 61 ? 12.170  10.719  -6.277  1.00 11.91 ? 58  LYS B N   1 
ATOM   1195 C  CA  . LYS B 1 61 ? 12.071  10.254  -7.680  1.00 13.45 ? 58  LYS B CA  1 
ATOM   1196 C  C   . LYS B 1 61 ? 11.109  9.053   -7.858  1.00 14.07 ? 58  LYS B C   1 
ATOM   1197 O  O   . LYS B 1 61 ? 10.299  9.025   -8.831  1.00 16.68 ? 58  LYS B O   1 
ATOM   1198 C  CB  . LYS B 1 61 ? 13.451  9.885   -8.306  1.00 15.59 ? 58  LYS B CB  1 
ATOM   1199 C  CG  . LYS B 1 61 ? 14.282  11.121  -8.527  1.00 27.17 ? 58  LYS B CG  1 
ATOM   1200 C  CD  . LYS B 1 61 ? 15.642  10.742  -9.156  1.00 34.91 ? 58  LYS B CD  1 
ATOM   1201 C  CE  . LYS B 1 61 ? 16.496  12.026  -9.152  1.00 38.87 ? 58  LYS B CE  1 
ATOM   1202 N  NZ  . LYS B 1 61 ? 16.356  12.698  -10.469 1.00 56.13 ? 58  LYS B NZ  1 
ATOM   1203 N  N   . GLY B 1 62 ? 11.219  8.117   -6.911  1.00 14.18 ? 59  GLY B N   1 
ATOM   1204 C  CA  . GLY B 1 62 ? 10.347  6.924   -6.967  1.00 12.10 ? 59  GLY B CA  1 
ATOM   1205 C  C   . GLY B 1 62 ? 8.901   7.280   -6.713  1.00 15.78 ? 59  GLY B C   1 
ATOM   1206 O  O   . GLY B 1 62 ? 8.011   6.637   -7.330  1.00 15.99 ? 59  GLY B O   1 
ATOM   1207 N  N   . LEU B 1 63 ? 8.619   8.301   -5.917  1.00 13.27 ? 60  LEU B N   1 
ATOM   1208 C  CA  . LEU B 1 63 ? 7.228   8.860   -5.781  1.00 13.47 ? 60  LEU B CA  1 
ATOM   1209 C  C   . LEU B 1 63 ? 6.758   9.724   -6.900  1.00 14.90 ? 60  LEU B C   1 
ATOM   1210 O  O   . LEU B 1 63 ? 5.546   10.130  -6.886  1.00 19.44 ? 60  LEU B O   1 
ATOM   1211 C  CB  . LEU B 1 63 ? 7.126   9.688   -4.496  1.00 13.17 ? 60  LEU B CB  1 
ATOM   1212 C  CG  . LEU B 1 63 ? 7.422   8.922   -3.163  1.00 13.13 ? 60  LEU B CG  1 
ATOM   1213 C  CD1 . LEU B 1 63 ? 7.582   9.864   -2.058  1.00 15.14 ? 60  LEU B CD1 1 
ATOM   1214 C  CD2 . LEU B 1 63 ? 6.163   8.027   -2.903  1.00 17.48 ? 60  LEU B CD2 1 
ATOM   1215 N  N   . GLU B 1 64 ? 7.663   10.027  -7.786  1.00 13.30 ? 61  GLU B N   1 
ATOM   1216 C  CA  . GLU B 1 64 ? 7.432   11.005  -8.904  1.00 15.34 ? 61  GLU B CA  1 
ATOM   1217 C  C   . GLU B 1 64 ? 6.900   12.347  -8.337  1.00 15.21 ? 61  GLU B C   1 
ATOM   1218 O  O   . GLU B 1 64 ? 5.922   12.943  -8.839  1.00 16.83 ? 61  GLU B O   1 
ATOM   1219 C  CB  . GLU B 1 64 ? 6.448   10.421  -9.967  1.00 18.37 ? 61  GLU B CB  1 
ATOM   1220 C  CG  . GLU B 1 64 ? 7.167   9.370   -10.780 1.00 26.36 ? 61  GLU B CG  1 
ATOM   1221 C  CD  . GLU B 1 64 ? 6.265   8.818   -11.920 1.00 34.80 ? 61  GLU B CD  1 
ATOM   1222 O  OE1 . GLU B 1 64 ? 5.036   8.965   -11.826 1.00 37.85 ? 61  GLU B OE1 1 
ATOM   1223 O  OE2 . GLU B 1 64 ? 6.803   8.162   -12.822 1.00 47.42 ? 61  GLU B OE2 1 
ATOM   1224 N  N   . VAL B 1 65 ? 7.554   12.836  -7.276  1.00 14.49 ? 62  VAL B N   1 
ATOM   1225 C  CA  A VAL B 1 65 ? 7.240   14.130  -6.686  0.50 14.22 ? 62  VAL B CA  1 
ATOM   1226 C  CA  B VAL B 1 65 ? 7.228   14.176  -6.800  0.50 15.77 ? 62  VAL B CA  1 
ATOM   1227 C  C   . VAL B 1 65 ? 8.506   14.975  -6.813  1.00 13.86 ? 62  VAL B C   1 
ATOM   1228 O  O   . VAL B 1 65 ? 9.619   14.444  -6.606  1.00 13.88 ? 62  VAL B O   1 
ATOM   1229 C  CB  A VAL B 1 65 ? 6.732   13.974  -5.189  0.50 14.38 ? 62  VAL B CB  1 
ATOM   1230 C  CB  B VAL B 1 65 ? 6.561   14.159  -5.392  0.50 18.06 ? 62  VAL B CB  1 
ATOM   1231 C  CG1 A VAL B 1 65 ? 7.824   13.600  -4.214  0.50 10.16 ? 62  VAL B CG1 1 
ATOM   1232 C  CG1 B VAL B 1 65 ? 6.461   15.534  -4.767  0.50 19.06 ? 62  VAL B CG1 1 
ATOM   1233 C  CG2 A VAL B 1 65 ? 5.969   15.180  -4.752  0.50 13.25 ? 62  VAL B CG2 1 
ATOM   1234 C  CG2 B VAL B 1 65 ? 5.209   13.493  -5.491  0.50 17.08 ? 62  VAL B CG2 1 
ATOM   1235 N  N   . SER B 1 66 ? 8.334   16.266  -7.157  1.00 12.63 ? 63  SER B N   1 
ATOM   1236 C  CA  . SER B 1 66 ? 9.507   17.085  -7.106  1.00 13.92 ? 63  SER B CA  1 
ATOM   1237 C  C   . SER B 1 66 ? 9.984   17.399  -5.699  1.00 13.08 ? 63  SER B C   1 
ATOM   1238 O  O   . SER B 1 66 ? 9.217   17.294  -4.746  1.00 12.05 ? 63  SER B O   1 
ATOM   1239 C  CB  . SER B 1 66 ? 9.211   18.463  -7.769  1.00 16.38 ? 63  SER B CB  1 
ATOM   1240 O  OG  . SER B 1 66 ? 8.280   19.221  -6.995  1.00 16.74 ? 63  SER B OG  1 
ATOM   1241 N  N   . ASP B 1 67 ? 11.247  17.745  -5.540  1.00 12.58 ? 64  ASP B N   1 
ATOM   1242 C  CA  . ASP B 1 67 ? 11.743  18.112  -4.228  1.00 12.22 ? 64  ASP B CA  1 
ATOM   1243 C  C   . ASP B 1 67 ? 10.997  19.301  -3.679  1.00 12.59 ? 64  ASP B C   1 
ATOM   1244 O  O   . ASP B 1 67 ? 10.733  19.295  -2.488  1.00 13.30 ? 64  ASP B O   1 
ATOM   1245 C  CB  . ASP B 1 67 ? 13.299  18.267  -4.188  1.00 14.57 ? 64  ASP B CB  1 
ATOM   1246 C  CG  . ASP B 1 67 ? 13.847  19.148  -5.186  1.00 16.15 ? 64  ASP B CG  1 
ATOM   1247 O  OD1 . ASP B 1 67 ? 13.203  19.916  -5.841  1.00 15.52 ? 64  ASP B OD1 1 
ATOM   1248 O  OD2 . ASP B 1 67 ? 15.189  19.074  -5.348  1.00 16.93 ? 64  ASP B OD2 1 
ATOM   1249 N  N   . VAL B 1 68 ? 10.688  20.268  -4.513  1.00 12.13 ? 65  VAL B N   1 
ATOM   1250 C  CA  . VAL B 1 68 ? 9.931   21.439  -3.997  1.00 12.38 ? 65  VAL B CA  1 
ATOM   1251 C  C   . VAL B 1 68 ? 8.595   20.984  -3.417  1.00 12.25 ? 65  VAL B C   1 
ATOM   1252 O  O   . VAL B 1 68 ? 8.202   21.421  -2.308  1.00 11.16 ? 65  VAL B O   1 
ATOM   1253 C  CB  . VAL B 1 68 ? 9.775   22.428  -5.157  1.00 14.03 ? 65  VAL B CB  1 
ATOM   1254 C  CG1 . VAL B 1 68 ? 8.759   23.498  -4.862  1.00 13.90 ? 65  VAL B CG1 1 
ATOM   1255 C  CG2 . VAL B 1 68 ? 11.186  23.074  -5.533  1.00 14.05 ? 65  VAL B CG2 1 
ATOM   1256 N  N   . VAL B 1 69 ? 7.837   20.166  -4.151  1.00 12.25 ? 66  VAL B N   1 
ATOM   1257 C  CA  . VAL B 1 69 ? 6.497   19.730  -3.623  1.00 11.67 ? 66  VAL B CA  1 
ATOM   1258 C  C   . VAL B 1 69 ? 6.719   18.908  -2.367  1.00 12.20 ? 66  VAL B C   1 
ATOM   1259 O  O   . VAL B 1 69 ? 5.984   19.107  -1.374  1.00 12.17 ? 66  VAL B O   1 
ATOM   1260 C  CB  . VAL B 1 69 ? 5.752   18.995  -4.706  1.00 13.50 ? 66  VAL B CB  1 
ATOM   1261 C  CG1 . VAL B 1 69 ? 4.491   18.270  -4.083  1.00 13.86 ? 66  VAL B CG1 1 
ATOM   1262 C  CG2 . VAL B 1 69 ? 5.280   19.952  -5.834  1.00 18.14 ? 66  VAL B CG2 1 
ATOM   1263 N  N   . PHE B 1 70 ? 7.720   18.041  -2.309  1.00 10.11 ? 67  PHE B N   1 
ATOM   1264 C  CA  . PHE B 1 70 ? 7.892   17.286  -1.046  1.00 10.31 ? 67  PHE B CA  1 
ATOM   1265 C  C   . PHE B 1 70 ? 8.212   18.190  0.101   1.00 11.84 ? 67  PHE B C   1 
ATOM   1266 O  O   . PHE B 1 70 ? 7.587   18.064  1.186   1.00 12.47 ? 67  PHE B O   1 
ATOM   1267 C  CB  . PHE B 1 70 ? 9.072   16.295  -1.232  1.00 11.09 ? 67  PHE B CB  1 
ATOM   1268 C  CG  . PHE B 1 70 ? 9.299   15.469  -0.026  1.00 10.70 ? 67  PHE B CG  1 
ATOM   1269 C  CD1 . PHE B 1 70 ? 10.127  15.874  1.049   1.00 12.57 ? 67  PHE B CD1 1 
ATOM   1270 C  CD2 . PHE B 1 70 ? 8.686   14.218  0.027   1.00 13.73 ? 67  PHE B CD2 1 
ATOM   1271 C  CE1 . PHE B 1 70 ? 10.194  15.048  2.214   1.00 11.45 ? 67  PHE B CE1 1 
ATOM   1272 C  CE2 . PHE B 1 70 ? 8.791   13.400  1.134   1.00 14.78 ? 67  PHE B CE2 1 
ATOM   1273 C  CZ  . PHE B 1 70 ? 9.527   13.843  2.241   1.00 13.56 ? 67  PHE B CZ  1 
ATOM   1274 N  N   . PHE B 1 71 ? 9.098   19.133  -0.075  1.00 11.09 ? 68  PHE B N   1 
ATOM   1275 C  CA  . PHE B 1 71 ? 9.421   19.989  1.102   1.00 11.45 ? 68  PHE B CA  1 
ATOM   1276 C  C   . PHE B 1 71 ? 8.264   20.974  1.460   1.00 10.54 ? 68  PHE B C   1 
ATOM   1277 O  O   . PHE B 1 71 ? 8.094   21.228  2.632   1.00 11.59 ? 68  PHE B O   1 
ATOM   1278 C  CB  . PHE B 1 71 ? 10.706  20.803  0.790   1.00 12.18 ? 68  PHE B CB  1 
ATOM   1279 C  CG  . PHE B 1 71 ? 11.954  19.955  0.773   1.00 14.33 ? 68  PHE B CG  1 
ATOM   1280 C  CD1 . PHE B 1 71 ? 12.297  19.149  1.871   1.00 16.31 ? 68  PHE B CD1 1 
ATOM   1281 C  CD2 . PHE B 1 71 ? 12.775  20.030  -0.384  1.00 18.38 ? 68  PHE B CD2 1 
ATOM   1282 C  CE1 . PHE B 1 71 ? 13.480  18.279  1.803   1.00 16.50 ? 68  PHE B CE1 1 
ATOM   1283 C  CE2 . PHE B 1 71 ? 13.981  19.230  -0.401  1.00 18.78 ? 68  PHE B CE2 1 
ATOM   1284 C  CZ  . PHE B 1 71 ? 14.220  18.394  0.635   1.00 15.46 ? 68  PHE B CZ  1 
ATOM   1285 N  N   . GLU B 1 72 ? 7.494   21.361  0.438   1.00 11.03 ? 69  GLU B N   1 
ATOM   1286 C  CA  . GLU B 1 72 ? 6.302   22.222  0.752   1.00 10.36 ? 69  GLU B CA  1 
ATOM   1287 C  C   . GLU B 1 72 ? 5.293   21.404  1.568   1.00 12.52 ? 69  GLU B C   1 
ATOM   1288 O  O   . GLU B 1 72 ? 4.644   21.929  2.512   1.00 12.09 ? 69  GLU B O   1 
ATOM   1289 C  CB  . GLU B 1 72 ? 5.704   22.763  -0.493  1.00 12.04 ? 69  GLU B CB  1 
ATOM   1290 C  CG  . GLU B 1 72 ? 6.563   23.858  -1.032  1.00 14.91 ? 69  GLU B CG  1 
ATOM   1291 C  CD  . GLU B 1 72 ? 6.248   24.286  -2.398  1.00 20.92 ? 69  GLU B CD  1 
ATOM   1292 O  OE1 . GLU B 1 72 ? 5.386   23.653  -3.013  1.00 22.84 ? 69  GLU B OE1 1 
ATOM   1293 O  OE2 . GLU B 1 72 ? 6.844   25.310  -2.774  1.00 19.13 ? 69  GLU B OE2 1 
ATOM   1294 N  N   . MET B 1 73 ? 5.078   20.118  1.231   1.00 10.84 ? 70  MET B N   1 
ATOM   1295 C  CA  A MET B 1 73 ? 4.133   19.310  2.004   0.50 11.25 ? 70  MET B CA  1 
ATOM   1296 C  CA  B MET B 1 73 ? 4.143   19.308  2.015   0.50 11.50 ? 70  MET B CA  1 
ATOM   1297 C  C   . MET B 1 73 ? 4.692   19.127  3.417   1.00 11.85 ? 70  MET B C   1 
ATOM   1298 O  O   . MET B 1 73 ? 3.945   19.158  4.395   1.00 12.82 ? 70  MET B O   1 
ATOM   1299 C  CB  A MET B 1 73 ? 3.885   17.917  1.305   0.50 11.65 ? 70  MET B CB  1 
ATOM   1300 C  CB  B MET B 1 73 ? 3.946   17.899  1.371   0.50 12.51 ? 70  MET B CB  1 
ATOM   1301 C  CG  A MET B 1 73 ? 3.295   18.104  -0.066  0.50 13.09 ? 70  MET B CG  1 
ATOM   1302 C  CG  B MET B 1 73 ? 3.044   17.983  0.195   0.50 14.53 ? 70  MET B CG  1 
ATOM   1303 S  SD  A MET B 1 73 ? 2.902   16.467  -0.750  0.50 18.21 ? 70  MET B SD  1 
ATOM   1304 S  SD  B MET B 1 73 ? 2.917   16.292  -0.416  0.50 19.03 ? 70  MET B SD  1 
ATOM   1305 C  CE  A MET B 1 73 ? 2.062   15.708  0.666   0.50 8.70  ? 70  MET B CE  1 
ATOM   1306 C  CE  B MET B 1 73 ? 2.178   16.792  -1.935  0.50 11.98 ? 70  MET B CE  1 
ATOM   1307 N  N   . LEU B 1 74 ? 6.003   18.935  3.568   1.00 11.45 ? 71  LEU B N   1 
ATOM   1308 C  CA  . LEU B 1 74 ? 6.590   18.809  4.891   1.00 12.24 ? 71  LEU B CA  1 
ATOM   1309 C  C   . LEU B 1 74 ? 6.386   20.095  5.723   1.00 12.27 ? 71  LEU B C   1 
ATOM   1310 O  O   . LEU B 1 74 ? 6.091   20.003  6.890   1.00 11.68 ? 71  LEU B O   1 
ATOM   1311 C  CB  . LEU B 1 74 ? 8.079   18.463  4.688   1.00 13.57 ? 71  LEU B CB  1 
ATOM   1312 C  CG  . LEU B 1 74 ? 8.930   18.237  5.962   1.00 13.65 ? 71  LEU B CG  1 
ATOM   1313 C  CD1 . LEU B 1 74 ? 8.256   17.166  6.940   1.00 16.67 ? 71  LEU B CD1 1 
ATOM   1314 C  CD2 . LEU B 1 74 ? 10.364  17.897  5.574   1.00 15.09 ? 71  LEU B CD2 1 
ATOM   1315 N  N   . ILE B 1 75 ? 6.682   21.246  5.143   1.00 11.75 ? 72  ILE B N   1 
ATOM   1316 C  CA  . ILE B 1 75 ? 6.528   22.569  5.885   1.00 10.40 ? 72  ILE B CA  1 
ATOM   1317 C  C   . ILE B 1 75 ? 5.087   22.684  6.261   1.00 12.20 ? 72  ILE B C   1 
ATOM   1318 O  O   . ILE B 1 75 ? 4.818   23.081  7.370   1.00 12.75 ? 72  ILE B O   1 
ATOM   1319 C  CB  . ILE B 1 75 ? 6.908   23.657  4.885   1.00 11.38 ? 72  ILE B CB  1 
ATOM   1320 C  CG1 . ILE B 1 75 ? 8.486   23.703  4.773   1.00 13.42 ? 72  ILE B CG1 1 
ATOM   1321 C  CG2 . ILE B 1 75 ? 6.404   25.017  5.419   1.00 13.26 ? 72  ILE B CG2 1 
ATOM   1322 C  CD1 . ILE B 1 75 ? 8.870   24.537  3.588   1.00 14.57 ? 72  ILE B CD1 1 
ATOM   1323 N  N   . LYS B 1 76 ? 4.109   22.383  5.378   1.00 11.26 ? 73  LYS B N   1 
ATOM   1324 C  CA  . LYS B 1 76 ? 2.713   22.538  5.821   1.00 13.37 ? 73  LYS B CA  1 
ATOM   1325 C  C   . LYS B 1 76 ? 2.393   21.643  6.974   1.00 13.54 ? 73  LYS B C   1 
ATOM   1326 O  O   . LYS B 1 76 ? 1.655   22.042  7.902   1.00 13.70 ? 73  LYS B O   1 
ATOM   1327 C  CB  . LYS B 1 76 ? 1.816   22.213  4.568   1.00 16.89 ? 73  LYS B CB  1 
ATOM   1328 C  CG  . LYS B 1 76 ? 0.303   22.424  4.874   1.00 17.98 ? 73  LYS B CG  1 
ATOM   1329 C  CD  . LYS B 1 76 ? -0.439  22.470  3.513   1.00 25.84 ? 73  LYS B CD  1 
ATOM   1330 C  CE  . LYS B 1 76 ? -1.915  22.274  3.826   1.00 36.85 ? 73  LYS B CE  1 
ATOM   1331 N  NZ  . LYS B 1 76 ? -2.765  22.272  2.568   1.00 36.72 ? 73  LYS B NZ  1 
ATOM   1332 N  N   . GLU B 1 77 ? 2.880   20.403  7.005   1.00 11.97 ? 74  GLU B N   1 
ATOM   1333 C  CA  . GLU B 1 77 ? 2.643   19.505  8.067   1.00 14.36 ? 74  GLU B CA  1 
ATOM   1334 C  C   . GLU B 1 77 ? 3.255   20.030  9.362   1.00 13.78 ? 74  GLU B C   1 
ATOM   1335 O  O   . GLU B 1 77 ? 2.538   19.979  10.455  1.00 15.03 ? 74  GLU B O   1 
ATOM   1336 C  CB  . GLU B 1 77 ? 3.125   18.095  7.655   1.00 17.12 ? 74  GLU B CB  1 
ATOM   1337 C  CG  . GLU B 1 77 ? 3.053   17.172  8.774   1.00 23.86 ? 74  GLU B CG  1 
ATOM   1338 C  CD  . GLU B 1 77 ? 1.593   16.645  9.079   1.00 21.65 ? 74  GLU B CD  1 
ATOM   1339 O  OE1 . GLU B 1 77 ? 1.501   16.207  10.253  1.00 34.08 ? 74  GLU B OE1 1 
ATOM   1340 O  OE2 . GLU B 1 77 ? 0.710   16.768  8.201   1.00 22.66 ? 74  GLU B OE2 1 
ATOM   1341 N  N   . ILE B 1 78 ? 4.485   20.533  9.385   1.00 12.48 ? 75  ILE B N   1 
ATOM   1342 C  CA  . ILE B 1 78 ? 5.090   21.126  10.529  1.00 13.56 ? 75  ILE B CA  1 
ATOM   1343 C  C   . ILE B 1 78 ? 4.263   22.337  10.988  1.00 12.81 ? 75  ILE B C   1 
ATOM   1344 O  O   . ILE B 1 78 ? 3.970   22.453  12.207  1.00 13.92 ? 75  ILE B O   1 
ATOM   1345 C  CB  . ILE B 1 78 ? 6.564   21.517  10.203  1.00 12.61 ? 75  ILE B CB  1 
ATOM   1346 C  CG1 . ILE B 1 78 ? 7.398   20.224  10.011  1.00 14.18 ? 75  ILE B CG1 1 
ATOM   1347 C  CG2 . ILE B 1 78 ? 7.172   22.425  11.349  1.00 13.36 ? 75  ILE B CG2 1 
ATOM   1348 C  CD1 . ILE B 1 78 ? 8.729   20.526  9.249   1.00 15.02 ? 75  ILE B CD1 1 
ATOM   1349 N  N   . LEU B 1 79 ? 4.002   23.286  10.115  1.00 12.69 ? 76  LEU B N   1 
ATOM   1350 C  CA  . LEU B 1 79 ? 3.239   24.501  10.544  1.00 13.49 ? 76  LEU B CA  1 
ATOM   1351 C  C   . LEU B 1 79 ? 1.896   24.143  11.123  1.00 15.58 ? 76  LEU B C   1 
ATOM   1352 O  O   . LEU B 1 79 ? 1.453   24.744  12.132  1.00 15.50 ? 76  LEU B O   1 
ATOM   1353 C  CB  . LEU B 1 79 ? 3.097   25.490  9.389   1.00 12.66 ? 76  LEU B CB  1 
ATOM   1354 C  CG  . LEU B 1 79 ? 4.445   26.115  8.950   1.00 13.82 ? 76  LEU B CG  1 
ATOM   1355 C  CD1 . LEU B 1 79 ? 4.295   27.039  7.790   1.00 14.78 ? 76  LEU B CD1 1 
ATOM   1356 C  CD2 . LEU B 1 79 ? 4.997   26.855  10.149  1.00 14.66 ? 76  LEU B CD2 1 
ATOM   1357 N  N   . LYS B 1 80 ? 1.143   23.276  10.454  1.00 14.01 ? 77  LYS B N   1 
ATOM   1358 C  CA  . LYS B 1 80 ? -0.244  23.159  10.906  1.00 15.84 ? 77  LYS B CA  1 
ATOM   1359 C  C   . LYS B 1 80 ? -0.362  22.140  12.017  1.00 17.21 ? 77  LYS B C   1 
ATOM   1360 O  O   . LYS B 1 80 ? -1.409  22.156  12.776  1.00 18.41 ? 77  LYS B O   1 
ATOM   1361 C  CB  . LYS B 1 80 ? -1.167  22.756  9.729   1.00 16.21 ? 77  LYS B CB  1 
ATOM   1362 C  CG  . LYS B 1 80 ? -1.145  23.749  8.537   1.00 17.75 ? 77  LYS B CG  1 
ATOM   1363 C  CD  . LYS B 1 80 ? -2.196  23.256  7.499   1.00 25.90 ? 77  LYS B CD  1 
ATOM   1364 C  CE  . LYS B 1 80 ? -2.860  24.451  6.818   1.00 29.48 ? 77  LYS B CE  1 
ATOM   1365 N  NZ  . LYS B 1 80 ? -4.250  24.015  6.288   1.00 33.07 ? 77  LYS B NZ  1 
ATOM   1366 N  N   . HIS B 1 81 ? 0.665   21.378  12.339  1.00 15.90 ? 78  HIS B N   1 
ATOM   1367 C  CA  . HIS B 1 81 ? 0.559   20.366  13.389  1.00 16.99 ? 78  HIS B CA  1 
ATOM   1368 C  C   . HIS B 1 81 ? 1.591   20.351  14.407  1.00 21.14 ? 78  HIS B C   1 
ATOM   1369 O  O   . HIS B 1 81 ? 1.370   19.778  15.506  1.00 26.24 ? 78  HIS B O   1 
ATOM   1370 C  CB  . HIS B 1 81 ? 0.351   18.922  12.801  1.00 19.33 ? 78  HIS B CB  1 
ATOM   1371 C  CG  . HIS B 1 81 ? -0.760  18.841  11.823  1.00 18.87 ? 78  HIS B CG  1 
ATOM   1372 N  ND1 . HIS B 1 81 ? -2.089  18.818  12.269  1.00 20.58 ? 78  HIS B ND1 1 
ATOM   1373 C  CD2 . HIS B 1 81 ? -0.821  19.025  10.440  1.00 17.50 ? 78  HIS B CD2 1 
ATOM   1374 C  CE1 . HIS B 1 81 ? -2.893  18.831  11.182  1.00 21.71 ? 78  HIS B CE1 1 
ATOM   1375 N  NE2 . HIS B 1 81 ? -2.147  18.967  10.072  1.00 22.81 ? 78  HIS B NE2 1 
ATOM   1376 N  N   . ASP B 1 82 ? 2.687   21.060  14.269  1.00 16.42 ? 79  ASP B N   1 
ATOM   1377 C  CA  . ASP B 1 82 ? 3.704   21.083  15.373  1.00 17.63 ? 79  ASP B CA  1 
ATOM   1378 C  C   . ASP B 1 82 ? 3.513   22.315  16.328  1.00 23.79 ? 79  ASP B C   1 
ATOM   1379 O  O   . ASP B 1 82 ? 2.697   23.201  16.031  1.00 18.50 ? 79  ASP B O   1 
ATOM   1380 C  CB  . ASP B 1 82 ? 5.092   21.265  14.780  1.00 19.53 ? 79  ASP B CB  1 
ATOM   1381 C  CG  . ASP B 1 82 ? 6.221   20.880  15.733  1.00 26.25 ? 79  ASP B CG  1 
ATOM   1382 O  OD1 . ASP B 1 82 ? 5.952   20.261  16.821  1.00 32.44 ? 79  ASP B OD1 1 
ATOM   1383 O  OD2 . ASP B 1 82 ? 7.410   21.102  15.325  1.00 30.41 ? 79  ASP B OD2 1 
ATOM   1384 O  OXT . ASP B 1 82 ? 4.240   22.461  17.360  1.00 23.84 ? 79  ASP B OXT 1 
HETATM 1385 S  S   . SO4 C 2 .  ? 6.196   -12.915 -0.638  0.75 35.23 ? 101 SO4 A S   1 
HETATM 1386 O  O1  . SO4 C 2 .  ? 5.770   -14.237 -1.145  0.75 33.70 ? 101 SO4 A O1  1 
HETATM 1387 O  O2  . SO4 C 2 .  ? 5.214   -12.496 0.488   0.75 31.52 ? 101 SO4 A O2  1 
HETATM 1388 O  O3  . SO4 C 2 .  ? 7.577   -13.119 -0.047  0.75 43.56 ? 101 SO4 A O3  1 
HETATM 1389 O  O4  . SO4 C 2 .  ? 6.119   -11.894 -1.716  0.75 32.88 ? 101 SO4 A O4  1 
HETATM 1390 NA NA  . NA  D 3 .  ? 3.213   -9.023  -3.692  1.00 41.45 ? 102 NA  A NA  1 
HETATM 1391 S  S   . SO4 E 2 .  ? -5.208  19.428  7.962   1.00 44.55 ? 101 SO4 B S   1 
HETATM 1392 O  O1  . SO4 E 2 .  ? -3.707  19.291  7.791   1.00 46.48 ? 101 SO4 B O1  1 
HETATM 1393 O  O2  . SO4 E 2 .  ? -5.673  20.553  7.111   1.00 46.01 ? 101 SO4 B O2  1 
HETATM 1394 O  O3  . SO4 E 2 .  ? -5.922  18.166  7.535   1.00 53.68 ? 101 SO4 B O3  1 
HETATM 1395 O  O4  . SO4 E 2 .  ? -5.584  19.627  9.436   1.00 38.37 ? 101 SO4 B O4  1 
HETATM 1396 S  S   . SO4 F 2 .  ? 3.160   -3.515  0.613   1.00 14.75 ? 102 SO4 B S   1 
HETATM 1397 O  O1  . SO4 F 2 .  ? 2.821   -2.077  0.965   1.00 14.46 ? 102 SO4 B O1  1 
HETATM 1398 O  O2  . SO4 F 2 .  ? 4.416   -3.601  -0.216  1.00 12.70 ? 102 SO4 B O2  1 
HETATM 1399 O  O3  . SO4 F 2 .  ? 3.201   -4.350  1.878   1.00 14.23 ? 102 SO4 B O3  1 
HETATM 1400 O  O4  . SO4 F 2 .  ? 2.059   -3.977  -0.347  1.00 16.89 ? 102 SO4 B O4  1 
HETATM 1401 S  S   . SO4 G 2 .  ? 9.504   -5.341  7.595   1.00 59.40 ? 103 SO4 B S   1 
HETATM 1402 O  O1  . SO4 G 2 .  ? 9.271   -6.859  7.557   1.00 48.12 ? 103 SO4 B O1  1 
HETATM 1403 O  O2  . SO4 G 2 .  ? 9.108   -4.787  8.942   1.00 59.43 ? 103 SO4 B O2  1 
HETATM 1404 O  O3  . SO4 G 2 .  ? 10.941  -5.080  7.228   1.00 54.82 ? 103 SO4 B O3  1 
HETATM 1405 O  O4  . SO4 G 2 .  ? 8.684   -4.562  6.614   1.00 54.77 ? 103 SO4 B O4  1 
HETATM 1406 NA NA  . NA  H 3 .  ? 19.826  6.214   3.603   1.00 31.71 ? 104 NA  B NA  1 
HETATM 1407 O  O   . HOH I 4 .  ? -19.330 -8.549  6.099   1.00 24.36 ? 201 HOH A O   1 
HETATM 1408 O  O   . HOH I 4 .  ? -17.799 -1.513  4.311   1.00 22.40 ? 202 HOH A O   1 
HETATM 1409 O  O   . HOH I 4 .  ? -21.789 -2.421  -7.856  1.00 23.76 ? 203 HOH A O   1 
HETATM 1410 O  O   . HOH I 4 .  ? -4.348  -19.008 -5.458  1.00 19.97 ? 204 HOH A O   1 
HETATM 1411 O  O   . HOH I 4 .  ? 0.875   1.277   4.210   1.00 19.12 ? 205 HOH A O   1 
HETATM 1412 O  O   . HOH I 4 .  ? 3.837   -3.129  7.760   1.00 24.29 ? 206 HOH A O   1 
HETATM 1413 O  O   . HOH I 4 .  ? 0.258   -7.421  -4.622  1.00 22.24 ? 207 HOH A O   1 
HETATM 1414 O  O   . HOH I 4 .  ? -8.918  -19.903 5.889   1.00 26.74 ? 208 HOH A O   1 
HETATM 1415 O  O   . HOH I 4 .  ? -10.018 -11.359 10.022  1.00 18.75 ? 209 HOH A O   1 
HETATM 1416 O  O   . HOH I 4 .  ? -16.389 -7.985  6.750   1.00 22.38 ? 210 HOH A O   1 
HETATM 1417 O  O   . HOH I 4 .  ? -1.643  -18.458 6.590   1.00 27.83 ? 211 HOH A O   1 
HETATM 1418 O  O   . HOH I 4 .  ? -15.850 -11.977 -15.192 1.00 25.00 ? 212 HOH A O   1 
HETATM 1419 O  O   . HOH I 4 .  ? -10.056 -22.078 4.072   1.00 25.37 ? 213 HOH A O   1 
HETATM 1420 O  O   . HOH I 4 .  ? -5.121  -8.688  -10.563 1.00 26.54 ? 214 HOH A O   1 
HETATM 1421 O  O   . HOH I 4 .  ? -3.042  -18.757 9.364   1.00 30.22 ? 215 HOH A O   1 
HETATM 1422 O  O   . HOH I 4 .  ? -7.811  -19.987 8.591   1.00 29.12 ? 216 HOH A O   1 
HETATM 1423 O  O   . HOH I 4 .  ? 1.456   -9.912  -4.201  1.00 34.98 ? 217 HOH A O   1 
HETATM 1424 O  O   . HOH I 4 .  ? -6.488  -21.251 0.097   1.00 23.91 ? 218 HOH A O   1 
HETATM 1425 O  O   . HOH I 4 .  ? 3.496   -15.968 -1.679  1.00 28.09 ? 219 HOH A O   1 
HETATM 1426 O  O   . HOH I 4 .  ? 2.206   -18.808 1.956   1.00 31.73 ? 220 HOH A O   1 
HETATM 1427 O  O   . HOH I 4 .  ? -6.863  -16.985 12.326  1.00 38.45 ? 221 HOH A O   1 
HETATM 1428 O  O   . HOH I 4 .  ? -3.601  -7.898  -6.842  1.00 31.33 ? 222 HOH A O   1 
HETATM 1429 O  O   . HOH I 4 .  ? -6.462  1.786   -4.029  1.00 26.82 ? 223 HOH A O   1 
HETATM 1430 O  O   . HOH I 4 .  ? -5.478  -3.249  -7.295  1.00 29.39 ? 224 HOH A O   1 
HETATM 1431 O  O   . HOH I 4 .  ? 2.895   -19.777 4.784   1.00 30.60 ? 225 HOH A O   1 
HETATM 1432 O  O   . HOH I 4 .  ? -5.744  -13.555 -9.657  1.00 27.59 ? 226 HOH A O   1 
HETATM 1433 O  O   . HOH I 4 .  ? -1.432  -17.682 -1.410  1.00 29.15 ? 227 HOH A O   1 
HETATM 1434 O  O   . HOH I 4 .  ? -4.685  5.257   1.735   1.00 31.78 ? 228 HOH A O   1 
HETATM 1435 O  O   . HOH I 4 .  ? 0.073   -16.906 -6.321  1.00 33.40 ? 229 HOH A O   1 
HETATM 1436 O  O   . HOH I 4 .  ? -5.554  3.861   -3.108  1.00 31.68 ? 230 HOH A O   1 
HETATM 1437 O  O   . HOH I 4 .  ? -11.915 3.408   2.722   1.00 40.10 ? 231 HOH A O   1 
HETATM 1438 O  O   . HOH I 4 .  ? -11.972 1.277   0.808   1.00 32.69 ? 232 HOH A O   1 
HETATM 1439 O  O   . HOH I 4 .  ? -1.926  3.497   7.115   1.00 35.23 ? 233 HOH A O   1 
HETATM 1440 O  O   . HOH I 4 .  ? -10.657 0.592   -11.544 1.00 39.92 ? 234 HOH A O   1 
HETATM 1441 O  O   . HOH I 4 .  ? -8.912  -8.391  12.669  1.00 34.69 ? 235 HOH A O   1 
HETATM 1442 O  O   . HOH I 4 .  ? -3.712  -21.356 -1.393  1.00 40.41 ? 236 HOH A O   1 
HETATM 1443 O  O   . HOH I 4 .  ? -14.934 -1.242  -8.253  1.00 32.19 ? 237 HOH A O   1 
HETATM 1444 O  O   . HOH I 4 .  ? -13.728 -6.079  10.552  1.00 38.89 ? 238 HOH A O   1 
HETATM 1445 O  O   . HOH I 4 .  ? -20.439 4.735   -14.007 1.00 40.73 ? 239 HOH A O   1 
HETATM 1446 O  O   . HOH I 4 .  ? -6.912  -22.912 1.706   1.00 37.78 ? 240 HOH A O   1 
HETATM 1447 O  O   . HOH I 4 .  ? -11.327 -1.534  -19.373 1.00 37.61 ? 241 HOH A O   1 
HETATM 1448 O  O   . HOH I 4 .  ? -2.767  -19.435 -3.046  1.00 43.97 ? 242 HOH A O   1 
HETATM 1449 O  O   . HOH I 4 .  ? -21.449 -1.974  4.247   1.00 37.68 ? 243 HOH A O   1 
HETATM 1450 O  O   . HOH I 4 .  ? -3.524  -3.796  -9.002  1.00 41.63 ? 244 HOH A O   1 
HETATM 1451 O  O   . HOH I 4 .  ? -8.572  -18.568 10.943  1.00 34.82 ? 245 HOH A O   1 
HETATM 1452 O  O   . HOH I 4 .  ? -24.269 -4.137  -7.771  1.00 40.97 ? 246 HOH A O   1 
HETATM 1453 O  O   . HOH I 4 .  ? -16.006 -10.664 6.693   1.00 30.47 ? 247 HOH A O   1 
HETATM 1454 O  O   . HOH I 4 .  ? -5.111  6.015   4.209   1.00 43.45 ? 248 HOH A O   1 
HETATM 1455 O  O   . HOH I 4 .  ? -23.064 -0.348  2.391   1.00 28.02 ? 249 HOH A O   1 
HETATM 1456 O  O   . HOH I 4 .  ? -18.884 -0.181  -5.641  1.00 29.79 ? 250 HOH A O   1 
HETATM 1457 O  O   . HOH I 4 .  ? -18.994 -0.467  -3.127  1.00 43.73 ? 251 HOH A O   1 
HETATM 1458 O  O   . HOH I 4 .  ? -13.998 -14.011 -16.179 1.00 39.12 ? 252 HOH A O   1 
HETATM 1459 O  O   . HOH I 4 .  ? -15.636 1.133   -6.472  1.00 45.61 ? 253 HOH A O   1 
HETATM 1460 O  O   . HOH I 4 .  ? -14.145 -0.012  0.710   1.00 37.38 ? 254 HOH A O   1 
HETATM 1461 O  O   . HOH I 4 .  ? -11.744 1.182   7.651   1.00 35.75 ? 255 HOH A O   1 
HETATM 1462 O  O   . HOH I 4 .  ? -23.360 -7.581  5.715   1.00 36.94 ? 256 HOH A O   1 
HETATM 1463 O  O   . HOH I 4 .  ? -4.979  0.457   -6.458  1.00 40.18 ? 257 HOH A O   1 
HETATM 1464 O  O   . HOH I 4 .  ? -8.692  6.106   0.791   1.00 45.09 ? 258 HOH A O   1 
HETATM 1465 O  O   . HOH I 4 .  ? -11.086 5.552   -0.807  1.00 60.82 ? 259 HOH A O   1 
HETATM 1466 O  O   . HOH J 4 .  ? 13.066  17.140  -7.674  1.00 21.07 ? 201 HOH B O   1 
HETATM 1467 O  O   . HOH J 4 .  ? 0.935   -0.342  1.628   1.00 16.33 ? 202 HOH B O   1 
HETATM 1468 O  O   . HOH J 4 .  ? 2.701   -5.492  -2.502  1.00 25.49 ? 203 HOH B O   1 
HETATM 1469 O  O   . HOH J 4 .  ? 4.592   2.506   6.963   1.00 19.34 ? 204 HOH B O   1 
HETATM 1470 O  O   . HOH J 4 .  ? 6.639   0.747   7.662   1.00 20.43 ? 205 HOH B O   1 
HETATM 1471 O  O   . HOH J 4 .  ? 2.977   -4.230  -5.146  1.00 21.42 ? 206 HOH B O   1 
HETATM 1472 O  O   . HOH J 4 .  ? 16.194  5.467   10.209  1.00 17.72 ? 207 HOH B O   1 
HETATM 1473 O  O   . HOH J 4 .  ? 12.007  14.216  -7.574  1.00 22.42 ? 208 HOH B O   1 
HETATM 1474 O  O   . HOH J 4 .  ? 16.620  20.102  -7.265  1.00 21.64 ? 209 HOH B O   1 
HETATM 1475 O  O   . HOH J 4 .  ? 4.025   24.669  2.209   1.00 22.77 ? 210 HOH B O   1 
HETATM 1476 O  O   . HOH J 4 .  ? 4.209   -5.602  4.104   1.00 20.39 ? 211 HOH B O   1 
HETATM 1477 O  O   . HOH J 4 .  ? 21.434  6.152   -1.001  1.00 27.71 ? 212 HOH B O   1 
HETATM 1478 O  O   . HOH J 4 .  ? 5.622   17.100  -8.092  1.00 25.74 ? 213 HOH B O   1 
HETATM 1479 O  O   . HOH J 4 .  ? 14.632  6.674   -7.733  1.00 20.65 ? 214 HOH B O   1 
HETATM 1480 O  O   . HOH J 4 .  ? 5.305   9.146   11.234  1.00 26.91 ? 215 HOH B O   1 
HETATM 1481 O  O   . HOH J 4 .  ? 23.104  7.396   1.114   1.00 26.43 ? 216 HOH B O   1 
HETATM 1482 O  O   . HOH J 4 .  ? 18.324  -0.969  -0.117  1.00 26.58 ? 217 HOH B O   1 
HETATM 1483 O  O   . HOH J 4 .  ? 20.368  2.485   -4.367  1.00 25.13 ? 218 HOH B O   1 
HETATM 1484 O  O   . HOH J 4 .  ? 5.156   -9.547  -1.794  1.00 25.10 ? 219 HOH B O   1 
HETATM 1485 O  O   . HOH J 4 .  ? 2.106   1.509   6.637   1.00 24.98 ? 220 HOH B O   1 
HETATM 1486 O  O   . HOH J 4 .  ? -2.387  9.298   1.645   1.00 26.02 ? 221 HOH B O   1 
HETATM 1487 O  O   . HOH J 4 .  ? 21.669  3.832   -2.957  1.00 31.91 ? 222 HOH B O   1 
HETATM 1488 O  O   . HOH J 4 .  ? -3.514  4.079   -1.719  1.00 25.83 ? 223 HOH B O   1 
HETATM 1489 O  O   . HOH J 4 .  ? 12.597  -2.689  7.965   1.00 26.51 ? 224 HOH B O   1 
HETATM 1490 O  O   . HOH J 4 .  ? 1.160   9.041   6.289   1.00 27.10 ? 225 HOH B O   1 
HETATM 1491 O  O   . HOH J 4 .  ? -2.533  18.603  14.864  1.00 32.77 ? 226 HOH B O   1 
HETATM 1492 O  O   . HOH J 4 .  ? 16.778  -3.010  4.952   1.00 30.11 ? 227 HOH B O   1 
HETATM 1493 O  O   . HOH J 4 .  ? 3.614   3.576   9.232   1.00 38.02 ? 228 HOH B O   1 
HETATM 1494 O  O   . HOH J 4 .  ? 5.768   -3.666  5.786   1.00 29.54 ? 229 HOH B O   1 
HETATM 1495 O  O   . HOH J 4 .  ? 19.737  2.102   -7.115  1.00 34.18 ? 230 HOH B O   1 
HETATM 1496 O  O   . HOH J 4 .  ? 0.520   12.980  -3.880  1.00 34.02 ? 231 HOH B O   1 
HETATM 1497 O  O   . HOH J 4 .  ? 15.242  1.549   7.147   1.00 28.46 ? 232 HOH B O   1 
HETATM 1498 O  O   . HOH J 4 .  ? -0.937  12.555  -6.510  1.00 40.51 ? 233 HOH B O   1 
HETATM 1499 O  O   . HOH J 4 .  ? 12.354  5.232   -10.866 1.00 37.79 ? 234 HOH B O   1 
HETATM 1500 O  O   . HOH J 4 .  ? 17.932  -4.990  3.344   1.00 30.89 ? 235 HOH B O   1 
HETATM 1501 O  O   . HOH J 4 .  ? -1.253  19.873  16.775  1.00 43.06 ? 236 HOH B O   1 
HETATM 1502 O  O   . HOH J 4 .  ? 1.220   18.360  3.990   1.00 34.18 ? 237 HOH B O   1 
HETATM 1503 O  O   . HOH J 4 .  ? 21.059  4.016   -5.829  1.00 34.79 ? 238 HOH B O   1 
HETATM 1504 O  O   . HOH J 4 .  ? -4.296  7.868   0.447   1.00 32.09 ? 239 HOH B O   1 
HETATM 1505 O  O   . HOH J 4 .  ? 22.405  6.113   7.314   1.00 34.20 ? 240 HOH B O   1 
HETATM 1506 O  O   . HOH J 4 .  ? 2.292   15.066  -4.273  1.00 33.58 ? 241 HOH B O   1 
HETATM 1507 O  O   . HOH J 4 .  ? 6.088   26.760  1.817   1.00 39.13 ? 242 HOH B O   1 
HETATM 1508 O  O   . HOH J 4 .  ? 6.148   -7.783  3.206   1.00 40.70 ? 243 HOH B O   1 
HETATM 1509 O  O   . HOH J 4 .  ? 22.348  5.064   4.542   1.00 41.79 ? 244 HOH B O   1 
HETATM 1510 O  O   . HOH J 4 .  ? 14.501  13.433  -6.660  1.00 31.79 ? 245 HOH B O   1 
HETATM 1511 O  O   . HOH J 4 .  ? 10.572  10.550  -11.082 1.00 37.48 ? 246 HOH B O   1 
HETATM 1512 O  O   . HOH J 4 .  ? 3.438   7.877   9.461   1.00 42.69 ? 247 HOH B O   1 
HETATM 1513 O  O   . HOH J 4 .  ? -3.134  1.446   -7.120  1.00 37.31 ? 248 HOH B O   1 
HETATM 1514 O  O   . HOH J 4 .  ? 2.596   10.719  -10.263 1.00 35.05 ? 249 HOH B O   1 
HETATM 1515 O  O   . HOH J 4 .  ? 6.312   -4.065  2.708   1.00 29.80 ? 250 HOH B O   1 
HETATM 1516 O  O   . HOH J 4 .  ? 21.812  0.875   -2.538  1.00 37.81 ? 251 HOH B O   1 
HETATM 1517 O  O   . HOH J 4 .  ? 19.876  -0.509  -2.945  1.00 35.42 ? 252 HOH B O   1 
HETATM 1518 O  O   . HOH J 4 .  ? 9.127   20.356  16.884  1.00 46.38 ? 253 HOH B O   1 
HETATM 1519 O  O   . HOH J 4 .  ? 1.959   21.483  0.075   1.00 31.31 ? 254 HOH B O   1 
HETATM 1520 O  O   . HOH J 4 .  ? 2.958   20.879  -2.140  1.00 44.89 ? 255 HOH B O   1 
HETATM 1521 O  O   . HOH J 4 .  ? 1.372   25.122  -1.416  1.00 47.24 ? 256 HOH B O   1 
HETATM 1522 O  O   . HOH J 4 .  ? 5.067   7.480   -9.147  1.00 45.82 ? 257 HOH B O   1 
HETATM 1523 O  O   . HOH J 4 .  ? 13.131  1.747   11.417  1.00 37.00 ? 258 HOH B O   1 
HETATM 1524 O  O   . HOH J 4 .  ? 10.756  18.575  15.150  1.00 37.69 ? 259 HOH B O   1 
HETATM 1525 O  O   . HOH J 4 .  ? 20.258  5.296   5.253   1.00 30.49 ? 260 HOH B O   1 
HETATM 1526 O  O   . HOH J 4 .  ? 12.691  21.048  -8.775  1.00 37.34 ? 261 HOH B O   1 
HETATM 1527 O  O   . HOH J 4 .  ? -5.582  8.776   -1.511  1.00 50.36 ? 262 HOH B O   1 
HETATM 1528 O  O   . HOH J 4 .  ? 2.085   24.113  0.973   1.00 42.65 ? 263 HOH B O   1 
HETATM 1529 O  O   . HOH J 4 .  ? 10.014  6.937   -10.805 1.00 40.43 ? 264 HOH B O   1 
HETATM 1530 O  O   . HOH J 4 .  ? 4.496   1.895   -8.728  1.00 49.14 ? 265 HOH B O   1 
HETATM 1531 O  O   . HOH J 4 .  ? -1.037  18.910  1.292   1.00 45.13 ? 266 HOH B O   1 
# 
